data_4WK3
# 
_entry.id   4WK3 
# 
_audit_conform.dict_name       mmcif_pdbx.dic 
_audit_conform.dict_version    5.383 
_audit_conform.dict_location   http://mmcif.pdb.org/dictionaries/ascii/mmcif_pdbx.dic 
# 
loop_
_database_2.database_id 
_database_2.database_code 
_database_2.pdbx_database_accession 
_database_2.pdbx_DOI 
PDB   4WK3         pdb_00004wk3 10.2210/pdb4wk3/pdb 
WWPDB D_1000203959 ?            ?                   
# 
loop_
_pdbx_audit_revision_history.ordinal 
_pdbx_audit_revision_history.data_content_type 
_pdbx_audit_revision_history.major_revision 
_pdbx_audit_revision_history.minor_revision 
_pdbx_audit_revision_history.revision_date 
1 'Structure model' 1 0 2014-11-26 
2 'Structure model' 1 1 2014-12-24 
3 'Structure model' 1 2 2014-12-31 
4 'Structure model' 2 0 2024-01-10 
# 
_pdbx_audit_revision_details.ordinal             1 
_pdbx_audit_revision_details.revision_ordinal    1 
_pdbx_audit_revision_details.data_content_type   'Structure model' 
_pdbx_audit_revision_details.provider            repository 
_pdbx_audit_revision_details.type                'Initial release' 
_pdbx_audit_revision_details.description         ? 
_pdbx_audit_revision_details.details             ? 
# 
loop_
_pdbx_audit_revision_group.ordinal 
_pdbx_audit_revision_group.revision_ordinal 
_pdbx_audit_revision_group.data_content_type 
_pdbx_audit_revision_group.group 
1 2 'Structure model' 'Database references'        
2 3 'Structure model' 'Database references'        
3 4 'Structure model' 'Atomic model'               
4 4 'Structure model' 'Author supporting evidence' 
5 4 'Structure model' 'Data collection'            
6 4 'Structure model' 'Database references'        
7 4 'Structure model' 'Refinement description'     
# 
loop_
_pdbx_audit_revision_category.ordinal 
_pdbx_audit_revision_category.revision_ordinal 
_pdbx_audit_revision_category.data_content_type 
_pdbx_audit_revision_category.category 
1 4 'Structure model' atom_site                     
2 4 'Structure model' chem_comp_atom                
3 4 'Structure model' chem_comp_bond                
4 4 'Structure model' database_2                    
5 4 'Structure model' pdbx_audit_support            
6 4 'Structure model' pdbx_initial_refinement_model 
7 4 'Structure model' pdbx_nonpoly_scheme           
# 
loop_
_pdbx_audit_revision_item.ordinal 
_pdbx_audit_revision_item.revision_ordinal 
_pdbx_audit_revision_item.data_content_type 
_pdbx_audit_revision_item.item 
1 4 'Structure model' '_atom_site.B_iso_or_equiv'                
2 4 'Structure model' '_atom_site.Cartn_x'                       
3 4 'Structure model' '_atom_site.Cartn_y'                       
4 4 'Structure model' '_atom_site.Cartn_z'                       
5 4 'Structure model' '_database_2.pdbx_DOI'                     
6 4 'Structure model' '_database_2.pdbx_database_accession'      
7 4 'Structure model' '_pdbx_audit_support.funding_organization' 
8 4 'Structure model' '_pdbx_nonpoly_scheme.auth_seq_num'        
# 
_pdbx_database_status.status_code                     REL 
_pdbx_database_status.status_code_sf                  REL 
_pdbx_database_status.status_code_mr                  ? 
_pdbx_database_status.entry_id                        4WK3 
_pdbx_database_status.recvd_initial_deposition_date   2014-10-01 
_pdbx_database_status.SG_entry                        N 
_pdbx_database_status.deposit_site                    RCSB 
_pdbx_database_status.process_site                    PDBE 
_pdbx_database_status.status_code_cs                  ? 
_pdbx_database_status.methods_development_category    ? 
_pdbx_database_status.pdb_format_compatible           Y 
_pdbx_database_status.status_code_nmr_data            ? 
# 
_pdbx_database_related.db_name        PDB 
_pdbx_database_related.details        '4wk1 contains the same molecule in presence of a ligand' 
_pdbx_database_related.db_id          4wk1 
_pdbx_database_related.content_type   unspecified 
# 
loop_
_audit_author.name 
_audit_author.pdbx_ordinal 
'Mueller, M.'    1 
'Hopfner, K.-P.' 2 
'Witte, G.'      3 
# 
_citation.abstract                  ? 
_citation.abstract_id_CAS           ? 
_citation.book_id_ISBN              ? 
_citation.book_publisher            ? 
_citation.book_publisher_city       ? 
_citation.book_title                ? 
_citation.coordinate_linkage        ? 
_citation.country                   NE 
_citation.database_id_Medline       ? 
_citation.details                   ? 
_citation.id                        primary 
_citation.journal_abbrev            'Febs Lett.' 
_citation.journal_id_ASTM           FEBLAL 
_citation.journal_id_CSD            0165 
_citation.journal_id_ISSN           0014-5793 
_citation.journal_full              ? 
_citation.journal_issue             ? 
_citation.journal_volume            589 
_citation.language                  ? 
_citation.page_first                45 
_citation.page_last                 51 
_citation.title                     'c-di-AMP recognition by Staphylococcus aureus PstA.' 
_citation.year                      2015 
_citation.database_id_CSD           ? 
_citation.pdbx_database_id_DOI      10.1016/j.febslet.2014.11.022 
_citation.pdbx_database_id_PubMed   25435171 
_citation.unpublished_flag          ? 
# 
loop_
_citation_author.citation_id 
_citation_author.name 
_citation_author.ordinal 
_citation_author.identifier_ORCID 
primary 'Muller, M.'  1 ? 
primary 'Hopfner, K.' 2 ? 
primary 'Witte, G.'   3 ? 
# 
loop_
_entity.id 
_entity.type 
_entity.src_method 
_entity.pdbx_description 
_entity.formula_weight 
_entity.pdbx_number_of_molecules 
_entity.pdbx_ec 
_entity.pdbx_mutation 
_entity.pdbx_fragment 
_entity.details 
1 polymer     man PstA           14017.754 1 ? ? ? ? 
2 non-polymer syn 'CHLORIDE ION' 35.453    1 ? ? ? ? 
3 water       nat water          18.015    4 ? ? ? ? 
# 
_entity_poly.entity_id                      1 
_entity_poly.type                           'polypeptide(L)' 
_entity_poly.nstd_linkage                   no 
_entity_poly.nstd_monomer                   no 
_entity_poly.pdbx_seq_one_letter_code       
;MGSSHHHHHHSSGLVPRGSHMKMIIAIVQDQDSQELADQLVKNNFRATKLATTGGFLRAGNTTFLCGVNDDRVDEILSVI
NQTCGNREQLVSPITPMGGSADSYIPYPVEVEVGGATVFVMPVDAFHQF
;
_entity_poly.pdbx_seq_one_letter_code_can   
;MGSSHHHHHHSSGLVPRGSHMKMIIAIVQDQDSQELADQLVKNNFRATKLATTGGFLRAGNTTFLCGVNDDRVDEILSVI
NQTCGNREQLVSPITPMGGSADSYIPYPVEVEVGGATVFVMPVDAFHQF
;
_entity_poly.pdbx_strand_id                 A 
_entity_poly.pdbx_target_identifier         ? 
# 
loop_
_pdbx_entity_nonpoly.entity_id 
_pdbx_entity_nonpoly.name 
_pdbx_entity_nonpoly.comp_id 
2 'CHLORIDE ION' CL  
3 water          HOH 
# 
loop_
_entity_poly_seq.entity_id 
_entity_poly_seq.num 
_entity_poly_seq.mon_id 
_entity_poly_seq.hetero 
1 1   MET n 
1 2   GLY n 
1 3   SER n 
1 4   SER n 
1 5   HIS n 
1 6   HIS n 
1 7   HIS n 
1 8   HIS n 
1 9   HIS n 
1 10  HIS n 
1 11  SER n 
1 12  SER n 
1 13  GLY n 
1 14  LEU n 
1 15  VAL n 
1 16  PRO n 
1 17  ARG n 
1 18  GLY n 
1 19  SER n 
1 20  HIS n 
1 21  MET n 
1 22  LYS n 
1 23  MET n 
1 24  ILE n 
1 25  ILE n 
1 26  ALA n 
1 27  ILE n 
1 28  VAL n 
1 29  GLN n 
1 30  ASP n 
1 31  GLN n 
1 32  ASP n 
1 33  SER n 
1 34  GLN n 
1 35  GLU n 
1 36  LEU n 
1 37  ALA n 
1 38  ASP n 
1 39  GLN n 
1 40  LEU n 
1 41  VAL n 
1 42  LYS n 
1 43  ASN n 
1 44  ASN n 
1 45  PHE n 
1 46  ARG n 
1 47  ALA n 
1 48  THR n 
1 49  LYS n 
1 50  LEU n 
1 51  ALA n 
1 52  THR n 
1 53  THR n 
1 54  GLY n 
1 55  GLY n 
1 56  PHE n 
1 57  LEU n 
1 58  ARG n 
1 59  ALA n 
1 60  GLY n 
1 61  ASN n 
1 62  THR n 
1 63  THR n 
1 64  PHE n 
1 65  LEU n 
1 66  CYS n 
1 67  GLY n 
1 68  VAL n 
1 69  ASN n 
1 70  ASP n 
1 71  ASP n 
1 72  ARG n 
1 73  VAL n 
1 74  ASP n 
1 75  GLU n 
1 76  ILE n 
1 77  LEU n 
1 78  SER n 
1 79  VAL n 
1 80  ILE n 
1 81  ASN n 
1 82  GLN n 
1 83  THR n 
1 84  CYS n 
1 85  GLY n 
1 86  ASN n 
1 87  ARG n 
1 88  GLU n 
1 89  GLN n 
1 90  LEU n 
1 91  VAL n 
1 92  SER n 
1 93  PRO n 
1 94  ILE n 
1 95  THR n 
1 96  PRO n 
1 97  MET n 
1 98  GLY n 
1 99  GLY n 
1 100 SER n 
1 101 ALA n 
1 102 ASP n 
1 103 SER n 
1 104 TYR n 
1 105 ILE n 
1 106 PRO n 
1 107 TYR n 
1 108 PRO n 
1 109 VAL n 
1 110 GLU n 
1 111 VAL n 
1 112 GLU n 
1 113 VAL n 
1 114 GLY n 
1 115 GLY n 
1 116 ALA n 
1 117 THR n 
1 118 VAL n 
1 119 PHE n 
1 120 VAL n 
1 121 MET n 
1 122 PRO n 
1 123 VAL n 
1 124 ASP n 
1 125 ALA n 
1 126 PHE n 
1 127 HIS n 
1 128 GLN n 
1 129 PHE n 
# 
_entity_src_gen.entity_id                          1 
_entity_src_gen.pdbx_src_id                        1 
_entity_src_gen.pdbx_alt_source_flag               sample 
_entity_src_gen.pdbx_seq_type                      'Biological sequence' 
_entity_src_gen.pdbx_beg_seq_num                   1 
_entity_src_gen.pdbx_end_seq_num                   129 
_entity_src_gen.gene_src_common_name               ? 
_entity_src_gen.gene_src_genus                     ? 
_entity_src_gen.pdbx_gene_src_gene                 ? 
_entity_src_gen.gene_src_species                   ? 
_entity_src_gen.gene_src_strain                    ? 
_entity_src_gen.gene_src_tissue                    ? 
_entity_src_gen.gene_src_tissue_fraction           ? 
_entity_src_gen.gene_src_details                   ? 
_entity_src_gen.pdbx_gene_src_fragment             ? 
_entity_src_gen.pdbx_gene_src_scientific_name      'Staphylococcus aureus subsp. aureus COL' 
_entity_src_gen.pdbx_gene_src_ncbi_taxonomy_id     93062 
_entity_src_gen.pdbx_gene_src_variant              ? 
_entity_src_gen.pdbx_gene_src_cell_line            ? 
_entity_src_gen.pdbx_gene_src_atcc                 ? 
_entity_src_gen.pdbx_gene_src_organ                ? 
_entity_src_gen.pdbx_gene_src_organelle            ? 
_entity_src_gen.pdbx_gene_src_cell                 ? 
_entity_src_gen.pdbx_gene_src_cellular_location    ? 
_entity_src_gen.host_org_common_name               ? 
_entity_src_gen.pdbx_host_org_scientific_name      'Escherichia coli BL21(DE3)' 
_entity_src_gen.pdbx_host_org_ncbi_taxonomy_id     469008 
_entity_src_gen.host_org_genus                     ? 
_entity_src_gen.pdbx_host_org_gene                 ? 
_entity_src_gen.pdbx_host_org_organ                ? 
_entity_src_gen.host_org_species                   ? 
_entity_src_gen.pdbx_host_org_tissue               ? 
_entity_src_gen.pdbx_host_org_tissue_fraction      ? 
_entity_src_gen.pdbx_host_org_strain               ? 
_entity_src_gen.pdbx_host_org_variant              Rosetta 
_entity_src_gen.pdbx_host_org_cell_line            ? 
_entity_src_gen.pdbx_host_org_atcc                 ? 
_entity_src_gen.pdbx_host_org_culture_collection   ? 
_entity_src_gen.pdbx_host_org_cell                 ? 
_entity_src_gen.pdbx_host_org_organelle            ? 
_entity_src_gen.pdbx_host_org_cellular_location    ? 
_entity_src_gen.pdbx_host_org_vector_type          ? 
_entity_src_gen.pdbx_host_org_vector               ? 
_entity_src_gen.host_org_details                   ? 
_entity_src_gen.expression_system_id               ? 
_entity_src_gen.plasmid_name                       ? 
_entity_src_gen.plasmid_details                    ? 
_entity_src_gen.pdbx_description                   ? 
# 
loop_
_chem_comp.id 
_chem_comp.type 
_chem_comp.mon_nstd_flag 
_chem_comp.name 
_chem_comp.pdbx_synonyms 
_chem_comp.formula 
_chem_comp.formula_weight 
ALA 'L-peptide linking' y ALANINE         ? 'C3 H7 N O2'     89.093  
ARG 'L-peptide linking' y ARGININE        ? 'C6 H15 N4 O2 1' 175.209 
ASN 'L-peptide linking' y ASPARAGINE      ? 'C4 H8 N2 O3'    132.118 
ASP 'L-peptide linking' y 'ASPARTIC ACID' ? 'C4 H7 N O4'     133.103 
CL  non-polymer         . 'CHLORIDE ION'  ? 'Cl -1'          35.453  
CYS 'L-peptide linking' y CYSTEINE        ? 'C3 H7 N O2 S'   121.158 
GLN 'L-peptide linking' y GLUTAMINE       ? 'C5 H10 N2 O3'   146.144 
GLU 'L-peptide linking' y 'GLUTAMIC ACID' ? 'C5 H9 N O4'     147.129 
GLY 'peptide linking'   y GLYCINE         ? 'C2 H5 N O2'     75.067  
HIS 'L-peptide linking' y HISTIDINE       ? 'C6 H10 N3 O2 1' 156.162 
HOH non-polymer         . WATER           ? 'H2 O'           18.015  
ILE 'L-peptide linking' y ISOLEUCINE      ? 'C6 H13 N O2'    131.173 
LEU 'L-peptide linking' y LEUCINE         ? 'C6 H13 N O2'    131.173 
LYS 'L-peptide linking' y LYSINE          ? 'C6 H15 N2 O2 1' 147.195 
MET 'L-peptide linking' y METHIONINE      ? 'C5 H11 N O2 S'  149.211 
PHE 'L-peptide linking' y PHENYLALANINE   ? 'C9 H11 N O2'    165.189 
PRO 'L-peptide linking' y PROLINE         ? 'C5 H9 N O2'     115.130 
SER 'L-peptide linking' y SERINE          ? 'C3 H7 N O3'     105.093 
THR 'L-peptide linking' y THREONINE       ? 'C4 H9 N O3'     119.119 
TYR 'L-peptide linking' y TYROSINE        ? 'C9 H11 N O3'    181.189 
VAL 'L-peptide linking' y VALINE          ? 'C5 H11 N O2'    117.146 
# 
loop_
_pdbx_poly_seq_scheme.asym_id 
_pdbx_poly_seq_scheme.entity_id 
_pdbx_poly_seq_scheme.seq_id 
_pdbx_poly_seq_scheme.mon_id 
_pdbx_poly_seq_scheme.ndb_seq_num 
_pdbx_poly_seq_scheme.pdb_seq_num 
_pdbx_poly_seq_scheme.auth_seq_num 
_pdbx_poly_seq_scheme.pdb_mon_id 
_pdbx_poly_seq_scheme.auth_mon_id 
_pdbx_poly_seq_scheme.pdb_strand_id 
_pdbx_poly_seq_scheme.pdb_ins_code 
_pdbx_poly_seq_scheme.hetero 
A 1 1   MET 1   -19 ?   ?   ?   A . n 
A 1 2   GLY 2   -18 ?   ?   ?   A . n 
A 1 3   SER 3   -17 ?   ?   ?   A . n 
A 1 4   SER 4   -16 ?   ?   ?   A . n 
A 1 5   HIS 5   -15 ?   ?   ?   A . n 
A 1 6   HIS 6   -14 ?   ?   ?   A . n 
A 1 7   HIS 7   -13 ?   ?   ?   A . n 
A 1 8   HIS 8   -12 ?   ?   ?   A . n 
A 1 9   HIS 9   -11 ?   ?   ?   A . n 
A 1 10  HIS 10  -10 ?   ?   ?   A . n 
A 1 11  SER 11  -9  ?   ?   ?   A . n 
A 1 12  SER 12  -8  ?   ?   ?   A . n 
A 1 13  GLY 13  -7  ?   ?   ?   A . n 
A 1 14  LEU 14  -6  ?   ?   ?   A . n 
A 1 15  VAL 15  -5  ?   ?   ?   A . n 
A 1 16  PRO 16  -4  ?   ?   ?   A . n 
A 1 17  ARG 17  -3  ?   ?   ?   A . n 
A 1 18  GLY 18  -2  ?   ?   ?   A . n 
A 1 19  SER 19  -1  -1  SER SER A . n 
A 1 20  HIS 20  0   0   HIS HIS A . n 
A 1 21  MET 21  1   1   MET MET A . n 
A 1 22  LYS 22  2   2   LYS LYS A . n 
A 1 23  MET 23  3   3   MET MET A . n 
A 1 24  ILE 24  4   4   ILE ILE A . n 
A 1 25  ILE 25  5   5   ILE ILE A . n 
A 1 26  ALA 26  6   6   ALA ALA A . n 
A 1 27  ILE 27  7   7   ILE ILE A . n 
A 1 28  VAL 28  8   8   VAL VAL A . n 
A 1 29  GLN 29  9   9   GLN GLN A . n 
A 1 30  ASP 30  10  10  ASP ASP A . n 
A 1 31  GLN 31  11  11  GLN GLN A . n 
A 1 32  ASP 32  12  12  ASP ASP A . n 
A 1 33  SER 33  13  13  SER SER A . n 
A 1 34  GLN 34  14  14  GLN GLN A . n 
A 1 35  GLU 35  15  15  GLU GLU A . n 
A 1 36  LEU 36  16  16  LEU LEU A . n 
A 1 37  ALA 37  17  17  ALA ALA A . n 
A 1 38  ASP 38  18  18  ASP ASP A . n 
A 1 39  GLN 39  19  19  GLN GLN A . n 
A 1 40  LEU 40  20  20  LEU LEU A . n 
A 1 41  VAL 41  21  21  VAL VAL A . n 
A 1 42  LYS 42  22  22  LYS LYS A . n 
A 1 43  ASN 43  23  23  ASN ASN A . n 
A 1 44  ASN 44  24  24  ASN ASN A . n 
A 1 45  PHE 45  25  25  PHE PHE A . n 
A 1 46  ARG 46  26  26  ARG ARG A . n 
A 1 47  ALA 47  27  27  ALA ALA A . n 
A 1 48  THR 48  28  28  THR THR A . n 
A 1 49  LYS 49  29  29  LYS LYS A . n 
A 1 50  LEU 50  30  30  LEU LEU A . n 
A 1 51  ALA 51  31  31  ALA ALA A . n 
A 1 52  THR 52  32  32  THR THR A . n 
A 1 53  THR 53  33  33  THR THR A . n 
A 1 54  GLY 54  34  ?   ?   ?   A . n 
A 1 55  GLY 55  35  ?   ?   ?   A . n 
A 1 56  PHE 56  36  ?   ?   ?   A . n 
A 1 57  LEU 57  37  ?   ?   ?   A . n 
A 1 58  ARG 58  38  ?   ?   ?   A . n 
A 1 59  ALA 59  39  ?   ?   ?   A . n 
A 1 60  GLY 60  40  ?   ?   ?   A . n 
A 1 61  ASN 61  41  41  ASN ASN A . n 
A 1 62  THR 62  42  42  THR THR A . n 
A 1 63  THR 63  43  43  THR THR A . n 
A 1 64  PHE 64  44  44  PHE PHE A . n 
A 1 65  LEU 65  45  45  LEU LEU A . n 
A 1 66  CYS 66  46  46  CYS CYS A . n 
A 1 67  GLY 67  47  47  GLY GLY A . n 
A 1 68  VAL 68  48  48  VAL VAL A . n 
A 1 69  ASN 69  49  49  ASN ASN A . n 
A 1 70  ASP 70  50  50  ASP ASP A . n 
A 1 71  ASP 71  51  51  ASP ASP A . n 
A 1 72  ARG 72  52  52  ARG ARG A . n 
A 1 73  VAL 73  53  53  VAL VAL A . n 
A 1 74  ASP 74  54  54  ASP ASP A . n 
A 1 75  GLU 75  55  55  GLU GLU A . n 
A 1 76  ILE 76  56  56  ILE ILE A . n 
A 1 77  LEU 77  57  57  LEU LEU A . n 
A 1 78  SER 78  58  58  SER SER A . n 
A 1 79  VAL 79  59  59  VAL VAL A . n 
A 1 80  ILE 80  60  60  ILE ILE A . n 
A 1 81  ASN 81  61  61  ASN ASN A . n 
A 1 82  GLN 82  62  62  GLN GLN A . n 
A 1 83  THR 83  63  63  THR THR A . n 
A 1 84  CYS 84  64  64  CYS CYS A . n 
A 1 85  GLY 85  65  65  GLY GLY A . n 
A 1 86  ASN 86  66  66  ASN ASN A . n 
A 1 87  ARG 87  67  ?   ?   ?   A . n 
A 1 88  GLU 88  68  ?   ?   ?   A . n 
A 1 89  GLN 89  69  ?   ?   ?   A . n 
A 1 90  LEU 90  70  ?   ?   ?   A . n 
A 1 91  VAL 91  71  ?   ?   ?   A . n 
A 1 92  SER 92  72  ?   ?   ?   A . n 
A 1 93  PRO 93  73  ?   ?   ?   A . n 
A 1 94  ILE 94  74  ?   ?   ?   A . n 
A 1 95  THR 95  75  ?   ?   ?   A . n 
A 1 96  PRO 96  76  ?   ?   ?   A . n 
A 1 97  MET 97  77  ?   ?   ?   A . n 
A 1 98  GLY 98  78  ?   ?   ?   A . n 
A 1 99  GLY 99  79  ?   ?   ?   A . n 
A 1 100 SER 100 80  ?   ?   ?   A . n 
A 1 101 ALA 101 81  ?   ?   ?   A . n 
A 1 102 ASP 102 82  ?   ?   ?   A . n 
A 1 103 SER 103 83  ?   ?   ?   A . n 
A 1 104 TYR 104 84  ?   ?   ?   A . n 
A 1 105 ILE 105 85  ?   ?   ?   A . n 
A 1 106 PRO 106 86  ?   ?   ?   A . n 
A 1 107 TYR 107 87  ?   ?   ?   A . n 
A 1 108 PRO 108 88  ?   ?   ?   A . n 
A 1 109 VAL 109 89  ?   ?   ?   A . n 
A 1 110 GLU 110 90  ?   ?   ?   A . n 
A 1 111 VAL 111 91  ?   ?   ?   A . n 
A 1 112 GLU 112 92  ?   ?   ?   A . n 
A 1 113 VAL 113 93  ?   ?   ?   A . n 
A 1 114 GLY 114 94  94  GLY GLY A . n 
A 1 115 GLY 115 95  95  GLY GLY A . n 
A 1 116 ALA 116 96  96  ALA ALA A . n 
A 1 117 THR 117 97  97  THR THR A . n 
A 1 118 VAL 118 98  98  VAL VAL A . n 
A 1 119 PHE 119 99  99  PHE PHE A . n 
A 1 120 VAL 120 100 100 VAL VAL A . n 
A 1 121 MET 121 101 101 MET MET A . n 
A 1 122 PRO 122 102 102 PRO PRO A . n 
A 1 123 VAL 123 103 103 VAL VAL A . n 
A 1 124 ASP 124 104 104 ASP ASP A . n 
A 1 125 ALA 125 105 105 ALA ALA A . n 
A 1 126 PHE 126 106 106 PHE PHE A . n 
A 1 127 HIS 127 107 107 HIS HIS A . n 
A 1 128 GLN 128 108 108 GLN GLN A . n 
A 1 129 PHE 129 109 109 PHE PHE A . n 
# 
loop_
_pdbx_nonpoly_scheme.asym_id 
_pdbx_nonpoly_scheme.entity_id 
_pdbx_nonpoly_scheme.mon_id 
_pdbx_nonpoly_scheme.ndb_seq_num 
_pdbx_nonpoly_scheme.pdb_seq_num 
_pdbx_nonpoly_scheme.auth_seq_num 
_pdbx_nonpoly_scheme.pdb_mon_id 
_pdbx_nonpoly_scheme.auth_mon_id 
_pdbx_nonpoly_scheme.pdb_strand_id 
_pdbx_nonpoly_scheme.pdb_ins_code 
B 2 CL  1 201 1 CL  CL  A . 
C 3 HOH 1 301 2 HOH HOH A . 
C 3 HOH 2 302 3 HOH HOH A . 
C 3 HOH 3 303 4 HOH HOH A . 
C 3 HOH 4 304 1 HOH HOH A . 
# 
loop_
_pdbx_unobs_or_zero_occ_atoms.id 
_pdbx_unobs_or_zero_occ_atoms.PDB_model_num 
_pdbx_unobs_or_zero_occ_atoms.polymer_flag 
_pdbx_unobs_or_zero_occ_atoms.occupancy_flag 
_pdbx_unobs_or_zero_occ_atoms.auth_asym_id 
_pdbx_unobs_or_zero_occ_atoms.auth_comp_id 
_pdbx_unobs_or_zero_occ_atoms.auth_seq_id 
_pdbx_unobs_or_zero_occ_atoms.PDB_ins_code 
_pdbx_unobs_or_zero_occ_atoms.auth_atom_id 
_pdbx_unobs_or_zero_occ_atoms.label_alt_id 
_pdbx_unobs_or_zero_occ_atoms.label_asym_id 
_pdbx_unobs_or_zero_occ_atoms.label_comp_id 
_pdbx_unobs_or_zero_occ_atoms.label_seq_id 
_pdbx_unobs_or_zero_occ_atoms.label_atom_id 
1  1 Y 0 A GLN 9  ? CD  ? A GLN 29 CD  
2  1 Y 0 A GLN 9  ? OE1 ? A GLN 29 OE1 
3  1 Y 0 A GLN 9  ? NE2 ? A GLN 29 NE2 
4  1 Y 0 A GLN 11 ? CD  ? A GLN 31 CD  
5  1 Y 0 A GLN 11 ? OE1 ? A GLN 31 OE1 
6  1 Y 0 A GLN 11 ? NE2 ? A GLN 31 NE2 
7  1 Y 0 A GLN 14 ? CD  ? A GLN 34 CD  
8  1 Y 0 A GLN 14 ? OE1 ? A GLN 34 OE1 
9  1 Y 0 A GLN 14 ? NE2 ? A GLN 34 NE2 
10 1 Y 0 A GLU 15 ? CD  ? A GLU 35 CD  
11 1 Y 0 A GLU 15 ? OE1 ? A GLU 35 OE1 
12 1 Y 0 A GLU 15 ? OE2 ? A GLU 35 OE2 
13 1 Y 0 A LYS 22 ? CG  ? A LYS 42 CG  
14 1 Y 0 A LYS 22 ? CD  ? A LYS 42 CD  
15 1 Y 0 A LYS 22 ? CE  ? A LYS 42 CE  
16 1 Y 0 A LYS 22 ? NZ  ? A LYS 42 NZ  
17 1 Y 0 A LYS 29 ? CG  ? A LYS 49 CG  
18 1 Y 0 A LYS 29 ? CD  ? A LYS 49 CD  
19 1 Y 0 A LYS 29 ? CE  ? A LYS 49 CE  
20 1 Y 0 A LYS 29 ? NZ  ? A LYS 49 NZ  
21 1 Y 0 A GLN 62 ? CD  ? A GLN 82 CD  
22 1 Y 0 A GLN 62 ? OE1 ? A GLN 82 OE1 
23 1 Y 0 A GLN 62 ? NE2 ? A GLN 82 NE2 
# 
loop_
_software.citation_id 
_software.classification 
_software.compiler_name 
_software.compiler_version 
_software.contact_author 
_software.contact_author_email 
_software.date 
_software.description 
_software.dependencies 
_software.hardware 
_software.language 
_software.location 
_software.mods 
_software.name 
_software.os 
_software.os_version 
_software.type 
_software.version 
_software.pdbx_ordinal 
? refinement       ? ? ? ? ? ? ? ? ? ? ? PHENIX ? ? ? '(phenix.refine: 1.9_1692)' 1 
? 'data reduction' ? ? ? ? ? ? ? ? ? ? ? XDS    ? ? ? .                           2 
? 'data scaling'   ? ? ? ? ? ? ? ? ? ? ? XSCALE ? ? ? .                           3 
? phasing          ? ? ? ? ? ? ? ? ? ? ? PHASER ? ? ? .                           4 
? 'model building' ? ? ? ? ? ? ? ? ? ? ? Coot   ? ? ? .                           5 
# 
_cell.entry_id           4WK3 
_cell.length_a           99.320 
_cell.length_b           99.320 
_cell.length_c           99.320 
_cell.angle_alpha        90.00 
_cell.angle_beta         90.00 
_cell.angle_gamma        90.00 
_cell.Z_PDB              24 
_cell.pdbx_unique_axis   ? 
# 
_symmetry.entry_id                         4WK3 
_symmetry.cell_setting                     ? 
_symmetry.Int_Tables_number                212 
_symmetry.space_group_name_Hall            ? 
_symmetry.space_group_name_H-M             'P 43 3 2' 
_symmetry.pdbx_full_space_group_name_H-M   ? 
# 
_exptl.absorpt_coefficient_mu     ? 
_exptl.absorpt_correction_T_max   ? 
_exptl.absorpt_correction_T_min   ? 
_exptl.absorpt_correction_type    ? 
_exptl.absorpt_process_details    ? 
_exptl.entry_id                   4WK3 
_exptl.crystals_number            ? 
_exptl.details                    ? 
_exptl.method                     'X-RAY DIFFRACTION' 
_exptl.method_details             ? 
# 
_exptl_crystal.colour                      ? 
_exptl_crystal.density_diffrn              ? 
_exptl_crystal.density_Matthews            2.91 
_exptl_crystal.density_method              ? 
_exptl_crystal.density_percent_sol         57.76 
_exptl_crystal.description                 ? 
_exptl_crystal.F_000                       ? 
_exptl_crystal.id                          1 
_exptl_crystal.preparation                 ? 
_exptl_crystal.size_max                    ? 
_exptl_crystal.size_mid                    ? 
_exptl_crystal.size_min                    ? 
_exptl_crystal.size_rad                    ? 
_exptl_crystal.colour_lustre               ? 
_exptl_crystal.colour_modifier             ? 
_exptl_crystal.colour_primary              ? 
_exptl_crystal.density_meas                ? 
_exptl_crystal.density_meas_esd            ? 
_exptl_crystal.density_meas_gt             ? 
_exptl_crystal.density_meas_lt             ? 
_exptl_crystal.density_meas_temp           ? 
_exptl_crystal.density_meas_temp_esd       ? 
_exptl_crystal.density_meas_temp_gt        ? 
_exptl_crystal.density_meas_temp_lt        ? 
_exptl_crystal.pdbx_crystal_image_url      ? 
_exptl_crystal.pdbx_crystal_image_format   ? 
_exptl_crystal.pdbx_mosaicity              ? 
_exptl_crystal.pdbx_mosaicity_esd          ? 
# 
_exptl_crystal_grow.apparatus       ? 
_exptl_crystal_grow.atmosphere      ? 
_exptl_crystal_grow.crystal_id      1 
_exptl_crystal_grow.details         ? 
_exptl_crystal_grow.method          'VAPOR DIFFUSION, HANGING DROP' 
_exptl_crystal_grow.method_ref      ? 
_exptl_crystal_grow.pH              ? 
_exptl_crystal_grow.pressure        ? 
_exptl_crystal_grow.pressure_esd    ? 
_exptl_crystal_grow.seeding         ? 
_exptl_crystal_grow.seeding_ref     ? 
_exptl_crystal_grow.temp            293 
_exptl_crystal_grow.temp_details    ? 
_exptl_crystal_grow.temp_esd        ? 
_exptl_crystal_grow.time            ? 
_exptl_crystal_grow.pdbx_details    '55% v/v MPD, 0.1 M sodium-acetate pH 4.3, 10 mM calcium chloride' 
_exptl_crystal_grow.pdbx_pH_range   ? 
# 
_diffrn.ambient_environment    ? 
_diffrn.ambient_temp           100 
_diffrn.ambient_temp_details   ? 
_diffrn.ambient_temp_esd       ? 
_diffrn.crystal_id             1 
_diffrn.crystal_support        ? 
_diffrn.crystal_treatment      ? 
_diffrn.details                ? 
_diffrn.id                     1 
_diffrn.ambient_pressure       ? 
_diffrn.ambient_pressure_esd   ? 
_diffrn.ambient_pressure_gt    ? 
_diffrn.ambient_pressure_lt    ? 
_diffrn.ambient_temp_gt        ? 
_diffrn.ambient_temp_lt        ? 
# 
_diffrn_detector.details                      ? 
_diffrn_detector.detector                     PIXEL 
_diffrn_detector.diffrn_id                    1 
_diffrn_detector.type                         'PSI PILATUS 6M' 
_diffrn_detector.area_resol_mean              ? 
_diffrn_detector.dtime                        ? 
_diffrn_detector.pdbx_frames_total            ? 
_diffrn_detector.pdbx_collection_time_total   ? 
_diffrn_detector.pdbx_collection_date         2014-09-10 
# 
_diffrn_radiation.collimation                      ? 
_diffrn_radiation.diffrn_id                        1 
_diffrn_radiation.filter_edge                      ? 
_diffrn_radiation.inhomogeneity                    ? 
_diffrn_radiation.monochromator                    ? 
_diffrn_radiation.polarisn_norm                    ? 
_diffrn_radiation.polarisn_ratio                   ? 
_diffrn_radiation.probe                            ? 
_diffrn_radiation.type                             ? 
_diffrn_radiation.xray_symbol                      ? 
_diffrn_radiation.wavelength_id                    1 
_diffrn_radiation.pdbx_monochromatic_or_laue_m_l   M 
_diffrn_radiation.pdbx_wavelength_list             ? 
_diffrn_radiation.pdbx_wavelength                  ? 
_diffrn_radiation.pdbx_diffrn_protocol             'SINGLE WAVELENGTH' 
_diffrn_radiation.pdbx_analyzer                    ? 
_diffrn_radiation.pdbx_scattering_type             x-ray 
# 
_diffrn_radiation_wavelength.id           1 
_diffrn_radiation_wavelength.wavelength   0.99998 
_diffrn_radiation_wavelength.wt           1.0 
# 
_diffrn_source.current                     ? 
_diffrn_source.details                     ? 
_diffrn_source.diffrn_id                   1 
_diffrn_source.power                       ? 
_diffrn_source.size                        ? 
_diffrn_source.source                      SYNCHROTRON 
_diffrn_source.target                      ? 
_diffrn_source.type                        'SLS BEAMLINE X06SA' 
_diffrn_source.voltage                     ? 
_diffrn_source.take-off_angle              ? 
_diffrn_source.pdbx_wavelength_list        0.99998 
_diffrn_source.pdbx_wavelength             ? 
_diffrn_source.pdbx_synchrotron_beamline   X06SA 
_diffrn_source.pdbx_synchrotron_site       SLS 
# 
_reflns.B_iso_Wilson_estimate            ? 
_reflns.entry_id                         4WK3 
_reflns.data_reduction_details           ? 
_reflns.data_reduction_method            ? 
_reflns.d_resolution_high                2.6 
_reflns.d_resolution_low                 70.2 
_reflns.details                          ? 
_reflns.limit_h_max                      ? 
_reflns.limit_h_min                      ? 
_reflns.limit_k_max                      ? 
_reflns.limit_k_min                      ? 
_reflns.limit_l_max                      ? 
_reflns.limit_l_min                      ? 
_reflns.number_all                       ? 
_reflns.number_obs                       5565 
_reflns.observed_criterion               ? 
_reflns.observed_criterion_F_max         ? 
_reflns.observed_criterion_F_min         ? 
_reflns.observed_criterion_I_max         ? 
_reflns.observed_criterion_I_min         ? 
_reflns.observed_criterion_sigma_F       ? 
_reflns.observed_criterion_sigma_I       ? 
_reflns.percent_possible_obs             99.9 
_reflns.R_free_details                   ? 
_reflns.Rmerge_F_all                     ? 
_reflns.Rmerge_F_obs                     ? 
_reflns.Friedel_coverage                 ? 
_reflns.number_gt                        ? 
_reflns.threshold_expression             ? 
_reflns.pdbx_redundancy                  36.2 
_reflns.pdbx_Rmerge_I_obs                ? 
_reflns.pdbx_Rmerge_I_all                ? 
_reflns.pdbx_Rsym_value                  ? 
_reflns.pdbx_netI_over_av_sigmaI         ? 
_reflns.pdbx_netI_over_sigmaI            33.1 
_reflns.pdbx_res_netI_over_av_sigmaI_2   ? 
_reflns.pdbx_res_netI_over_sigmaI_2      ? 
_reflns.pdbx_chi_squared                 ? 
_reflns.pdbx_scaling_rejects             ? 
_reflns.pdbx_d_res_high_opt              ? 
_reflns.pdbx_d_res_low_opt               ? 
_reflns.pdbx_d_res_opt_method            ? 
_reflns.phase_calculation_details        ? 
_reflns.pdbx_Rrim_I_all                  ? 
_reflns.pdbx_Rpim_I_all                  ? 
_reflns.pdbx_d_opt                       ? 
_reflns.pdbx_number_measured_all         ? 
_reflns.pdbx_diffrn_id                   1 
_reflns.pdbx_ordinal                     1 
_reflns.pdbx_CC_half                     ? 
_reflns.pdbx_R_split                     ? 
# 
_reflns_shell.d_res_high                  2.6 
_reflns_shell.d_res_low                   2.67 
_reflns_shell.meanI_over_sigI_all         ? 
_reflns_shell.meanI_over_sigI_obs         2.5 
_reflns_shell.number_measured_all         ? 
_reflns_shell.number_measured_obs         ? 
_reflns_shell.number_possible             ? 
_reflns_shell.number_unique_all           ? 
_reflns_shell.number_unique_obs           ? 
_reflns_shell.percent_possible_all        99.2 
_reflns_shell.percent_possible_obs        ? 
_reflns_shell.Rmerge_F_all                ? 
_reflns_shell.Rmerge_F_obs                ? 
_reflns_shell.Rmerge_I_all                ? 
_reflns_shell.Rmerge_I_obs                ? 
_reflns_shell.meanI_over_sigI_gt          ? 
_reflns_shell.meanI_over_uI_all           ? 
_reflns_shell.meanI_over_uI_gt            ? 
_reflns_shell.number_measured_gt          ? 
_reflns_shell.number_unique_gt            ? 
_reflns_shell.percent_possible_gt         ? 
_reflns_shell.Rmerge_F_gt                 ? 
_reflns_shell.Rmerge_I_gt                 ? 
_reflns_shell.pdbx_redundancy             36.1 
_reflns_shell.pdbx_Rsym_value             ? 
_reflns_shell.pdbx_chi_squared            ? 
_reflns_shell.pdbx_netI_over_sigmaI_all   ? 
_reflns_shell.pdbx_netI_over_sigmaI_obs   ? 
_reflns_shell.pdbx_Rrim_I_all             ? 
_reflns_shell.pdbx_Rpim_I_all             ? 
_reflns_shell.pdbx_rejects                ? 
_reflns_shell.pdbx_ordinal                1 
_reflns_shell.pdbx_diffrn_id              1 
_reflns_shell.pdbx_CC_half                ? 
_reflns_shell.pdbx_R_split                ? 
# 
_refine.aniso_B[1][1]                            ? 
_refine.aniso_B[1][2]                            ? 
_refine.aniso_B[1][3]                            ? 
_refine.aniso_B[2][2]                            ? 
_refine.aniso_B[2][3]                            ? 
_refine.aniso_B[3][3]                            ? 
_refine.B_iso_max                                ? 
_refine.B_iso_mean                               ? 
_refine.B_iso_min                                ? 
_refine.correlation_coeff_Fo_to_Fc               ? 
_refine.correlation_coeff_Fo_to_Fc_free          ? 
_refine.details                                  ? 
_refine.diff_density_max                         ? 
_refine.diff_density_max_esd                     ? 
_refine.diff_density_min                         ? 
_refine.diff_density_min_esd                     ? 
_refine.diff_density_rms                         ? 
_refine.diff_density_rms_esd                     ? 
_refine.entry_id                                 4WK3 
_refine.pdbx_refine_id                           'X-RAY DIFFRACTION' 
_refine.ls_abs_structure_details                 ? 
_refine.ls_abs_structure_Flack                   ? 
_refine.ls_abs_structure_Flack_esd               ? 
_refine.ls_abs_structure_Rogers                  ? 
_refine.ls_abs_structure_Rogers_esd              ? 
_refine.ls_d_res_high                            2.6 
_refine.ls_d_res_low                             44.417 
_refine.ls_extinction_coef                       ? 
_refine.ls_extinction_coef_esd                   ? 
_refine.ls_extinction_expression                 ? 
_refine.ls_extinction_method                     ? 
_refine.ls_goodness_of_fit_all                   ? 
_refine.ls_goodness_of_fit_all_esd               ? 
_refine.ls_goodness_of_fit_obs                   ? 
_refine.ls_goodness_of_fit_obs_esd               ? 
_refine.ls_hydrogen_treatment                    ? 
_refine.ls_matrix_type                           ? 
_refine.ls_number_constraints                    ? 
_refine.ls_number_parameters                     ? 
_refine.ls_number_reflns_all                     ? 
_refine.ls_number_reflns_obs                     5563 
_refine.ls_number_reflns_R_free                  562 
_refine.ls_number_reflns_R_work                  ? 
_refine.ls_number_restraints                     ? 
_refine.ls_percent_reflns_obs                    99.91 
_refine.ls_percent_reflns_R_free                 10.10 
_refine.ls_R_factor_all                          ? 
_refine.ls_R_factor_obs                          0.2555 
_refine.ls_R_factor_R_free                       0.2919 
_refine.ls_R_factor_R_free_error                 ? 
_refine.ls_R_factor_R_free_error_details         ? 
_refine.ls_R_factor_R_work                       0.2516 
_refine.ls_R_Fsqd_factor_obs                     ? 
_refine.ls_R_I_factor_obs                        ? 
_refine.ls_redundancy_reflns_all                 ? 
_refine.ls_redundancy_reflns_obs                 ? 
_refine.ls_restrained_S_all                      ? 
_refine.ls_restrained_S_obs                      ? 
_refine.ls_shift_over_esd_max                    ? 
_refine.ls_shift_over_esd_mean                   ? 
_refine.ls_structure_factor_coef                 ? 
_refine.ls_weighting_details                     ? 
_refine.ls_weighting_scheme                      ? 
_refine.ls_wR_factor_all                         ? 
_refine.ls_wR_factor_obs                         ? 
_refine.ls_wR_factor_R_free                      ? 
_refine.ls_wR_factor_R_work                      ? 
_refine.occupancy_max                            ? 
_refine.occupancy_min                            ? 
_refine.solvent_model_details                    'FLAT BULK SOLVENT MODEL' 
_refine.solvent_model_param_bsol                 ? 
_refine.solvent_model_param_ksol                 ? 
_refine.ls_R_factor_gt                           ? 
_refine.ls_goodness_of_fit_gt                    ? 
_refine.ls_goodness_of_fit_ref                   ? 
_refine.ls_shift_over_su_max                     ? 
_refine.ls_shift_over_su_max_lt                  ? 
_refine.ls_shift_over_su_mean                    ? 
_refine.ls_shift_over_su_mean_lt                 ? 
_refine.pdbx_ls_sigma_I                          ? 
_refine.pdbx_ls_sigma_F                          1.37 
_refine.pdbx_ls_sigma_Fsqd                       ? 
_refine.pdbx_data_cutoff_high_absF               ? 
_refine.pdbx_data_cutoff_high_rms_absF           ? 
_refine.pdbx_data_cutoff_low_absF                ? 
_refine.pdbx_isotropic_thermal_model             ? 
_refine.pdbx_ls_cross_valid_method               'FREE R-VALUE' 
_refine.pdbx_method_to_determine_struct          'MOLECULAR REPLACEMENT' 
_refine.pdbx_starting_model                      3m05 
_refine.pdbx_stereochemistry_target_values       ML 
_refine.pdbx_R_Free_selection_details            ? 
_refine.pdbx_stereochem_target_val_spec_case     ? 
_refine.pdbx_overall_ESU_R                       ? 
_refine.pdbx_overall_ESU_R_Free                  ? 
_refine.pdbx_solvent_vdw_probe_radii             1.11 
_refine.pdbx_solvent_ion_probe_radii             ? 
_refine.pdbx_solvent_shrinkage_radii             0.90 
_refine.pdbx_real_space_R                        ? 
_refine.pdbx_density_correlation                 ? 
_refine.pdbx_pd_number_of_powder_patterns        ? 
_refine.pdbx_pd_number_of_points                 ? 
_refine.pdbx_pd_meas_number_of_points            ? 
_refine.pdbx_pd_proc_ls_prof_R_factor            ? 
_refine.pdbx_pd_proc_ls_prof_wR_factor           ? 
_refine.pdbx_pd_Marquardt_correlation_coeff      ? 
_refine.pdbx_pd_Fsqrd_R_factor                   ? 
_refine.pdbx_pd_ls_matrix_band_width             ? 
_refine.pdbx_overall_phase_error                 33.40 
_refine.pdbx_overall_SU_R_free_Cruickshank_DPI   ? 
_refine.pdbx_overall_SU_R_free_Blow_DPI          ? 
_refine.pdbx_overall_SU_R_Blow_DPI               ? 
_refine.pdbx_TLS_residual_ADP_flag               ? 
_refine.pdbx_diffrn_id                           1 
_refine.overall_SU_B                             ? 
_refine.overall_SU_ML                            0.39 
_refine.overall_SU_R_Cruickshank_DPI             ? 
_refine.overall_SU_R_free                        ? 
_refine.overall_FOM_free_R_set                   ? 
_refine.overall_FOM_work_R_set                   ? 
# 
_refine_hist.pdbx_refine_id                   'X-RAY DIFFRACTION' 
_refine_hist.cycle_id                         LAST 
_refine_hist.pdbx_number_atoms_protein        593 
_refine_hist.pdbx_number_atoms_nucleic_acid   0 
_refine_hist.pdbx_number_atoms_ligand         1 
_refine_hist.number_atoms_solvent             4 
_refine_hist.number_atoms_total               598 
_refine_hist.d_res_high                       2.6 
_refine_hist.d_res_low                        44.417 
# 
loop_
_refine_ls_restr.pdbx_refine_id 
_refine_ls_restr.criterion 
_refine_ls_restr.dev_ideal 
_refine_ls_restr.dev_ideal_target 
_refine_ls_restr.number 
_refine_ls_restr.rejects 
_refine_ls_restr.type 
_refine_ls_restr.weight 
_refine_ls_restr.pdbx_restraint_function 
'X-RAY DIFFRACTION' ? 0.009  ? 598 ? f_bond_d           ? ? 
'X-RAY DIFFRACTION' ? 1.176  ? 807 ? f_angle_d          ? ? 
'X-RAY DIFFRACTION' ? 15.998 ? 213 ? f_dihedral_angle_d ? ? 
'X-RAY DIFFRACTION' ? 0.050  ? 98  ? f_chiral_restr     ? ? 
'X-RAY DIFFRACTION' ? 0.004  ? 106 ? f_plane_restr      ? ? 
# 
loop_
_refine_ls_shell.pdbx_refine_id 
_refine_ls_shell.d_res_high 
_refine_ls_shell.d_res_low 
_refine_ls_shell.number_reflns_all 
_refine_ls_shell.number_reflns_obs 
_refine_ls_shell.number_reflns_R_free 
_refine_ls_shell.number_reflns_R_work 
_refine_ls_shell.percent_reflns_obs 
_refine_ls_shell.percent_reflns_R_free 
_refine_ls_shell.R_factor_all 
_refine_ls_shell.R_factor_obs 
_refine_ls_shell.R_factor_R_free 
_refine_ls_shell.R_factor_R_free_error 
_refine_ls_shell.R_factor_R_work 
_refine_ls_shell.redundancy_reflns_all 
_refine_ls_shell.redundancy_reflns_obs 
_refine_ls_shell.wR_factor_all 
_refine_ls_shell.wR_factor_obs 
_refine_ls_shell.wR_factor_R_free 
_refine_ls_shell.wR_factor_R_work 
_refine_ls_shell.pdbx_total_number_of_bins_used 
_refine_ls_shell.pdbx_phase_error 
'X-RAY DIFFRACTION' 2.5984 2.8599  . . 129 1203 100.00 . . . 0.3509 . 0.2786 . . . . . . . . 
'X-RAY DIFFRACTION' 2.8599 3.2736  . . 147 1214 100.00 . . . 0.3042 . 0.2640 . . . . . . . . 
'X-RAY DIFFRACTION' 3.2736 4.1239  . . 148 1233 100.00 . . . 0.3120 . 0.2544 . . . . . . . . 
'X-RAY DIFFRACTION' 4.1239 44.4237 . . 138 1351 100.00 . . . 0.2738 . 0.2462 . . . . . . . . 
# 
_struct.entry_id                     4WK3 
_struct.title                        'Structure of Staphyloccus aureus PstA' 
_struct.pdbx_model_details           ? 
_struct.pdbx_formula_weight          ? 
_struct.pdbx_formula_weight_method   ? 
_struct.pdbx_model_type_details      ? 
_struct.pdbx_CASP_flag               ? 
# 
_struct_keywords.entry_id        4WK3 
_struct_keywords.text            'PII, SIGNALING PROTEIN' 
_struct_keywords.pdbx_keywords   'SIGNALING PROTEIN' 
# 
loop_
_struct_asym.id 
_struct_asym.pdbx_blank_PDB_chainid_flag 
_struct_asym.pdbx_modified 
_struct_asym.entity_id 
_struct_asym.details 
A N N 1 ? 
B N N 2 ? 
C N N 3 ? 
# 
_struct_ref.id                         1 
_struct_ref.db_name                    UNP 
_struct_ref.db_code                    Q5HIJ4_STAAC 
_struct_ref.pdbx_db_accession          Q5HIJ4 
_struct_ref.pdbx_db_isoform            ? 
_struct_ref.entity_id                  1 
_struct_ref.pdbx_seq_one_letter_code   
;MKMIIAIVQDQDSQELADQLVKNNFRATKLATTGGFLRAGNTTFLCGVNDDRVDEILSVINQTCGNREQLVSPITPMGGS
ADSYIPYPVEVEVGGATVFVMPVDAFHQF
;
_struct_ref.pdbx_align_begin           1 
# 
_struct_ref_seq.align_id                      1 
_struct_ref_seq.ref_id                        1 
_struct_ref_seq.pdbx_PDB_id_code              4WK3 
_struct_ref_seq.pdbx_strand_id                A 
_struct_ref_seq.seq_align_beg                 21 
_struct_ref_seq.pdbx_seq_align_beg_ins_code   ? 
_struct_ref_seq.seq_align_end                 129 
_struct_ref_seq.pdbx_seq_align_end_ins_code   ? 
_struct_ref_seq.pdbx_db_accession             Q5HIJ4 
_struct_ref_seq.db_align_beg                  1 
_struct_ref_seq.pdbx_db_align_beg_ins_code    ? 
_struct_ref_seq.db_align_end                  109 
_struct_ref_seq.pdbx_db_align_end_ins_code    ? 
_struct_ref_seq.pdbx_auth_seq_align_beg       1 
_struct_ref_seq.pdbx_auth_seq_align_end       109 
# 
loop_
_struct_ref_seq_dif.align_id 
_struct_ref_seq_dif.pdbx_pdb_id_code 
_struct_ref_seq_dif.mon_id 
_struct_ref_seq_dif.pdbx_pdb_strand_id 
_struct_ref_seq_dif.seq_num 
_struct_ref_seq_dif.pdbx_pdb_ins_code 
_struct_ref_seq_dif.pdbx_seq_db_name 
_struct_ref_seq_dif.pdbx_seq_db_accession_code 
_struct_ref_seq_dif.db_mon_id 
_struct_ref_seq_dif.pdbx_seq_db_seq_num 
_struct_ref_seq_dif.details 
_struct_ref_seq_dif.pdbx_auth_seq_num 
_struct_ref_seq_dif.pdbx_ordinal 
1 4WK3 MET A 1  ? UNP Q5HIJ4 ? ? 'initiating methionine' -19 1  
1 4WK3 GLY A 2  ? UNP Q5HIJ4 ? ? 'expression tag'        -18 2  
1 4WK3 SER A 3  ? UNP Q5HIJ4 ? ? 'expression tag'        -17 3  
1 4WK3 SER A 4  ? UNP Q5HIJ4 ? ? 'expression tag'        -16 4  
1 4WK3 HIS A 5  ? UNP Q5HIJ4 ? ? 'expression tag'        -15 5  
1 4WK3 HIS A 6  ? UNP Q5HIJ4 ? ? 'expression tag'        -14 6  
1 4WK3 HIS A 7  ? UNP Q5HIJ4 ? ? 'expression tag'        -13 7  
1 4WK3 HIS A 8  ? UNP Q5HIJ4 ? ? 'expression tag'        -12 8  
1 4WK3 HIS A 9  ? UNP Q5HIJ4 ? ? 'expression tag'        -11 9  
1 4WK3 HIS A 10 ? UNP Q5HIJ4 ? ? 'expression tag'        -10 10 
1 4WK3 SER A 11 ? UNP Q5HIJ4 ? ? 'expression tag'        -9  11 
1 4WK3 SER A 12 ? UNP Q5HIJ4 ? ? 'expression tag'        -8  12 
1 4WK3 GLY A 13 ? UNP Q5HIJ4 ? ? 'expression tag'        -7  13 
1 4WK3 LEU A 14 ? UNP Q5HIJ4 ? ? 'expression tag'        -6  14 
1 4WK3 VAL A 15 ? UNP Q5HIJ4 ? ? 'expression tag'        -5  15 
1 4WK3 PRO A 16 ? UNP Q5HIJ4 ? ? 'expression tag'        -4  16 
1 4WK3 ARG A 17 ? UNP Q5HIJ4 ? ? 'expression tag'        -3  17 
1 4WK3 GLY A 18 ? UNP Q5HIJ4 ? ? 'expression tag'        -2  18 
1 4WK3 SER A 19 ? UNP Q5HIJ4 ? ? 'expression tag'        -1  19 
1 4WK3 HIS A 20 ? UNP Q5HIJ4 ? ? 'expression tag'        0   20 
# 
_pdbx_struct_assembly.id                   1 
_pdbx_struct_assembly.details              author_and_software_defined_assembly 
_pdbx_struct_assembly.method_details       PISA 
_pdbx_struct_assembly.oligomeric_details   trimeric 
_pdbx_struct_assembly.oligomeric_count     3 
# 
loop_
_pdbx_struct_assembly_prop.biol_id 
_pdbx_struct_assembly_prop.type 
_pdbx_struct_assembly_prop.value 
_pdbx_struct_assembly_prop.details 
1 'ABSA (A^2)' 4630  ? 
1 MORE         -61   ? 
1 'SSA (A^2)'  11050 ? 
# 
_pdbx_struct_assembly_gen.assembly_id       1 
_pdbx_struct_assembly_gen.oper_expression   1,2,3 
_pdbx_struct_assembly_gen.asym_id_list      A,B,C 
# 
loop_
_pdbx_struct_oper_list.id 
_pdbx_struct_oper_list.type 
_pdbx_struct_oper_list.name 
_pdbx_struct_oper_list.symmetry_operation 
_pdbx_struct_oper_list.matrix[1][1] 
_pdbx_struct_oper_list.matrix[1][2] 
_pdbx_struct_oper_list.matrix[1][3] 
_pdbx_struct_oper_list.vector[1] 
_pdbx_struct_oper_list.matrix[2][1] 
_pdbx_struct_oper_list.matrix[2][2] 
_pdbx_struct_oper_list.matrix[2][3] 
_pdbx_struct_oper_list.vector[2] 
_pdbx_struct_oper_list.matrix[3][1] 
_pdbx_struct_oper_list.matrix[3][2] 
_pdbx_struct_oper_list.matrix[3][3] 
_pdbx_struct_oper_list.vector[3] 
1 'identity operation'         1_555 x,y,z     1.0000000000  0.0000000000  0.0000000000  0.0000000000   0.0000000000  1.0000000000 0.0000000000  0.0000000000  0.0000000000  0.0000000000  1.0000000000 0.0000000000  
2 'crystal symmetry operation' 5_456 z-1,x,y+1 -0.4743048146 0.7836012292  0.4012531077  -18.0100054653 -0.5339671991 0.1063115331 -0.8387949024 9.6531975791  -0.6999385496 -0.6121004587 0.3679932815 4.9691935015  
3 'crystal symmetry operation' 9_546 y,z-1,x+1 -0.4743048146 -0.5339671991 -0.6999385496 0.0903886619   0.7836012292  0.1063115331 -0.6121004587 16.1280618081 0.4012531077  -0.8387949024 0.3679932815 13.4949937613 
# 
loop_
_struct_conf.conf_type_id 
_struct_conf.id 
_struct_conf.pdbx_PDB_helix_id 
_struct_conf.beg_label_comp_id 
_struct_conf.beg_label_asym_id 
_struct_conf.beg_label_seq_id 
_struct_conf.pdbx_beg_PDB_ins_code 
_struct_conf.end_label_comp_id 
_struct_conf.end_label_asym_id 
_struct_conf.end_label_seq_id 
_struct_conf.pdbx_end_PDB_ins_code 
_struct_conf.beg_auth_comp_id 
_struct_conf.beg_auth_asym_id 
_struct_conf.beg_auth_seq_id 
_struct_conf.end_auth_comp_id 
_struct_conf.end_auth_asym_id 
_struct_conf.end_auth_seq_id 
_struct_conf.pdbx_PDB_helix_class 
_struct_conf.details 
_struct_conf.pdbx_PDB_helix_length 
HELX_P HELX_P1 AA1 GLN A 29 ? ASN A 43 ? GLN A 9  ASN A 23 1 ? 15 
HELX_P HELX_P2 AA2 ARG A 72 ? CYS A 84 ? ARG A 52 CYS A 64 1 ? 13 
# 
_struct_conf_type.id          HELX_P 
_struct_conf_type.criteria    ? 
_struct_conf_type.reference   ? 
# 
_struct_sheet.id               AA1 
_struct_sheet.type             ? 
_struct_sheet.number_strands   4 
_struct_sheet.details          ? 
# 
loop_
_struct_sheet_order.sheet_id 
_struct_sheet_order.range_id_1 
_struct_sheet_order.range_id_2 
_struct_sheet_order.offset 
_struct_sheet_order.sense 
AA1 1 2 ? anti-parallel 
AA1 2 3 ? anti-parallel 
AA1 3 4 ? anti-parallel 
# 
loop_
_struct_sheet_range.sheet_id 
_struct_sheet_range.id 
_struct_sheet_range.beg_label_comp_id 
_struct_sheet_range.beg_label_asym_id 
_struct_sheet_range.beg_label_seq_id 
_struct_sheet_range.pdbx_beg_PDB_ins_code 
_struct_sheet_range.end_label_comp_id 
_struct_sheet_range.end_label_asym_id 
_struct_sheet_range.end_label_seq_id 
_struct_sheet_range.pdbx_end_PDB_ins_code 
_struct_sheet_range.beg_auth_comp_id 
_struct_sheet_range.beg_auth_asym_id 
_struct_sheet_range.beg_auth_seq_id 
_struct_sheet_range.end_auth_comp_id 
_struct_sheet_range.end_auth_asym_id 
_struct_sheet_range.end_auth_seq_id 
AA1 1 ALA A 47  ? ALA A 51  ? ALA A 27 ALA A 31  
AA1 2 THR A 62  ? ASN A 69  ? THR A 42 ASN A 49  
AA1 3 MET A 21  ? VAL A 28  ? MET A 1  VAL A 8   
AA1 4 ALA A 116 ? PRO A 122 ? ALA A 96 PRO A 102 
# 
loop_
_pdbx_struct_sheet_hbond.sheet_id 
_pdbx_struct_sheet_hbond.range_id_1 
_pdbx_struct_sheet_hbond.range_id_2 
_pdbx_struct_sheet_hbond.range_1_label_atom_id 
_pdbx_struct_sheet_hbond.range_1_label_comp_id 
_pdbx_struct_sheet_hbond.range_1_label_asym_id 
_pdbx_struct_sheet_hbond.range_1_label_seq_id 
_pdbx_struct_sheet_hbond.range_1_PDB_ins_code 
_pdbx_struct_sheet_hbond.range_1_auth_atom_id 
_pdbx_struct_sheet_hbond.range_1_auth_comp_id 
_pdbx_struct_sheet_hbond.range_1_auth_asym_id 
_pdbx_struct_sheet_hbond.range_1_auth_seq_id 
_pdbx_struct_sheet_hbond.range_2_label_atom_id 
_pdbx_struct_sheet_hbond.range_2_label_comp_id 
_pdbx_struct_sheet_hbond.range_2_label_asym_id 
_pdbx_struct_sheet_hbond.range_2_label_seq_id 
_pdbx_struct_sheet_hbond.range_2_PDB_ins_code 
_pdbx_struct_sheet_hbond.range_2_auth_atom_id 
_pdbx_struct_sheet_hbond.range_2_auth_comp_id 
_pdbx_struct_sheet_hbond.range_2_auth_asym_id 
_pdbx_struct_sheet_hbond.range_2_auth_seq_id 
AA1 1 2 N LEU A 50 ? N LEU A 30 O THR A 63  ? O THR A 43 
AA1 2 3 O VAL A 68 ? O VAL A 48 N LYS A 22  ? N LYS A 2  
AA1 3 4 N ILE A 25 ? N ILE A 5  O PHE A 119 ? O PHE A 99 
# 
_struct_site.id                   AC1 
_struct_site.pdbx_evidence_code   Software 
_struct_site.pdbx_auth_asym_id    A 
_struct_site.pdbx_auth_comp_id    CL 
_struct_site.pdbx_auth_seq_id     201 
_struct_site.pdbx_auth_ins_code   ? 
_struct_site.pdbx_num_residues    1 
_struct_site.details              'binding site for residue CL A 201' 
# 
_struct_site_gen.id                   1 
_struct_site_gen.site_id              AC1 
_struct_site_gen.pdbx_num_res         1 
_struct_site_gen.label_comp_id        ALA 
_struct_site_gen.label_asym_id        A 
_struct_site_gen.label_seq_id         116 
_struct_site_gen.pdbx_auth_ins_code   ? 
_struct_site_gen.auth_comp_id         ALA 
_struct_site_gen.auth_asym_id         A 
_struct_site_gen.auth_seq_id          96 
_struct_site_gen.label_atom_id        . 
_struct_site_gen.label_alt_id         ? 
_struct_site_gen.symmetry             1_555 
_struct_site_gen.details              ? 
# 
_pdbx_validate_torsion.id              1 
_pdbx_validate_torsion.PDB_model_num   1 
_pdbx_validate_torsion.auth_comp_id    HIS 
_pdbx_validate_torsion.auth_asym_id    A 
_pdbx_validate_torsion.auth_seq_id     0 
_pdbx_validate_torsion.PDB_ins_code    ? 
_pdbx_validate_torsion.label_alt_id    ? 
_pdbx_validate_torsion.phi             -172.69 
_pdbx_validate_torsion.psi             -167.92 
# 
_pdbx_refine_tls.id               1 
_pdbx_refine_tls.pdbx_refine_id   'X-RAY DIFFRACTION' 
_pdbx_refine_tls.details          ? 
_pdbx_refine_tls.method           refined 
_pdbx_refine_tls.origin_x         -0.4588 
_pdbx_refine_tls.origin_y         -0.2925 
_pdbx_refine_tls.origin_z         -0.1080 
_pdbx_refine_tls.T[1][1]          0.6658 
_pdbx_refine_tls.T[1][1]_esd      ? 
_pdbx_refine_tls.T[1][2]          0.0019 
_pdbx_refine_tls.T[1][2]_esd      ? 
_pdbx_refine_tls.T[1][3]          0.0659 
_pdbx_refine_tls.T[1][3]_esd      ? 
_pdbx_refine_tls.T[2][2]          0.6535 
_pdbx_refine_tls.T[2][2]_esd      ? 
_pdbx_refine_tls.T[2][3]          0.0112 
_pdbx_refine_tls.T[2][3]_esd      ? 
_pdbx_refine_tls.T[3][3]          0.5087 
_pdbx_refine_tls.T[3][3]_esd      ? 
_pdbx_refine_tls.L[1][1]          7.8957 
_pdbx_refine_tls.L[1][1]_esd      ? 
_pdbx_refine_tls.L[1][2]          -0.9239 
_pdbx_refine_tls.L[1][2]_esd      ? 
_pdbx_refine_tls.L[1][3]          -0.6485 
_pdbx_refine_tls.L[1][3]_esd      ? 
_pdbx_refine_tls.L[2][2]          7.5057 
_pdbx_refine_tls.L[2][2]_esd      ? 
_pdbx_refine_tls.L[2][3]          2.1294 
_pdbx_refine_tls.L[2][3]_esd      ? 
_pdbx_refine_tls.L[3][3]          9.0239 
_pdbx_refine_tls.L[3][3]_esd      ? 
_pdbx_refine_tls.S[1][1]          -0.1746 
_pdbx_refine_tls.S[1][1]_esd      ? 
_pdbx_refine_tls.S[1][2]          0.8290 
_pdbx_refine_tls.S[1][2]_esd      ? 
_pdbx_refine_tls.S[1][3]          0.0778 
_pdbx_refine_tls.S[1][3]_esd      ? 
_pdbx_refine_tls.S[2][1]          -1.1895 
_pdbx_refine_tls.S[2][1]_esd      ? 
_pdbx_refine_tls.S[2][2]          -0.0497 
_pdbx_refine_tls.S[2][2]_esd      ? 
_pdbx_refine_tls.S[2][3]          -0.4649 
_pdbx_refine_tls.S[2][3]_esd      ? 
_pdbx_refine_tls.S[3][1]          -0.4566 
_pdbx_refine_tls.S[3][1]_esd      ? 
_pdbx_refine_tls.S[3][2]          0.6144 
_pdbx_refine_tls.S[3][2]_esd      ? 
_pdbx_refine_tls.S[3][3]          0.1839 
_pdbx_refine_tls.S[3][3]_esd      ? 
# 
_pdbx_refine_tls_group.id                  1 
_pdbx_refine_tls_group.pdbx_refine_id      'X-RAY DIFFRACTION' 
_pdbx_refine_tls_group.refine_tls_id       1 
_pdbx_refine_tls_group.beg_label_asym_id   ? 
_pdbx_refine_tls_group.beg_label_seq_id    ? 
_pdbx_refine_tls_group.beg_auth_asym_id    ? 
_pdbx_refine_tls_group.beg_auth_seq_id     ? 
_pdbx_refine_tls_group.end_label_asym_id   ? 
_pdbx_refine_tls_group.end_label_seq_id    ? 
_pdbx_refine_tls_group.end_auth_asym_id    ? 
_pdbx_refine_tls_group.end_auth_seq_id     ? 
_pdbx_refine_tls_group.selection           ? 
_pdbx_refine_tls_group.selection_details   'chain A' 
# 
loop_
_pdbx_unobs_or_zero_occ_residues.id 
_pdbx_unobs_or_zero_occ_residues.PDB_model_num 
_pdbx_unobs_or_zero_occ_residues.polymer_flag 
_pdbx_unobs_or_zero_occ_residues.occupancy_flag 
_pdbx_unobs_or_zero_occ_residues.auth_asym_id 
_pdbx_unobs_or_zero_occ_residues.auth_comp_id 
_pdbx_unobs_or_zero_occ_residues.auth_seq_id 
_pdbx_unobs_or_zero_occ_residues.PDB_ins_code 
_pdbx_unobs_or_zero_occ_residues.label_asym_id 
_pdbx_unobs_or_zero_occ_residues.label_comp_id 
_pdbx_unobs_or_zero_occ_residues.label_seq_id 
1  1 Y 1 A MET -19 ? A MET 1   
2  1 Y 1 A GLY -18 ? A GLY 2   
3  1 Y 1 A SER -17 ? A SER 3   
4  1 Y 1 A SER -16 ? A SER 4   
5  1 Y 1 A HIS -15 ? A HIS 5   
6  1 Y 1 A HIS -14 ? A HIS 6   
7  1 Y 1 A HIS -13 ? A HIS 7   
8  1 Y 1 A HIS -12 ? A HIS 8   
9  1 Y 1 A HIS -11 ? A HIS 9   
10 1 Y 1 A HIS -10 ? A HIS 10  
11 1 Y 1 A SER -9  ? A SER 11  
12 1 Y 1 A SER -8  ? A SER 12  
13 1 Y 1 A GLY -7  ? A GLY 13  
14 1 Y 1 A LEU -6  ? A LEU 14  
15 1 Y 1 A VAL -5  ? A VAL 15  
16 1 Y 1 A PRO -4  ? A PRO 16  
17 1 Y 1 A ARG -3  ? A ARG 17  
18 1 Y 1 A GLY -2  ? A GLY 18  
19 1 Y 1 A GLY 34  ? A GLY 54  
20 1 Y 1 A GLY 35  ? A GLY 55  
21 1 Y 1 A PHE 36  ? A PHE 56  
22 1 Y 1 A LEU 37  ? A LEU 57  
23 1 Y 1 A ARG 38  ? A ARG 58  
24 1 Y 1 A ALA 39  ? A ALA 59  
25 1 Y 1 A GLY 40  ? A GLY 60  
26 1 Y 1 A ARG 67  ? A ARG 87  
27 1 Y 1 A GLU 68  ? A GLU 88  
28 1 Y 1 A GLN 69  ? A GLN 89  
29 1 Y 1 A LEU 70  ? A LEU 90  
30 1 Y 1 A VAL 71  ? A VAL 91  
31 1 Y 1 A SER 72  ? A SER 92  
32 1 Y 1 A PRO 73  ? A PRO 93  
33 1 Y 1 A ILE 74  ? A ILE 94  
34 1 Y 1 A THR 75  ? A THR 95  
35 1 Y 1 A PRO 76  ? A PRO 96  
36 1 Y 1 A MET 77  ? A MET 97  
37 1 Y 1 A GLY 78  ? A GLY 98  
38 1 Y 1 A GLY 79  ? A GLY 99  
39 1 Y 1 A SER 80  ? A SER 100 
40 1 Y 1 A ALA 81  ? A ALA 101 
41 1 Y 1 A ASP 82  ? A ASP 102 
42 1 Y 1 A SER 83  ? A SER 103 
43 1 Y 1 A TYR 84  ? A TYR 104 
44 1 Y 1 A ILE 85  ? A ILE 105 
45 1 Y 1 A PRO 86  ? A PRO 106 
46 1 Y 1 A TYR 87  ? A TYR 107 
47 1 Y 1 A PRO 88  ? A PRO 108 
48 1 Y 1 A VAL 89  ? A VAL 109 
49 1 Y 1 A GLU 90  ? A GLU 110 
50 1 Y 1 A VAL 91  ? A VAL 111 
51 1 Y 1 A GLU 92  ? A GLU 112 
52 1 Y 1 A VAL 93  ? A VAL 113 
# 
loop_
_chem_comp_atom.comp_id 
_chem_comp_atom.atom_id 
_chem_comp_atom.type_symbol 
_chem_comp_atom.pdbx_aromatic_flag 
_chem_comp_atom.pdbx_stereo_config 
_chem_comp_atom.pdbx_ordinal 
ALA N    N  N N 1   
ALA CA   C  N S 2   
ALA C    C  N N 3   
ALA O    O  N N 4   
ALA CB   C  N N 5   
ALA OXT  O  N N 6   
ALA H    H  N N 7   
ALA H2   H  N N 8   
ALA HA   H  N N 9   
ALA HB1  H  N N 10  
ALA HB2  H  N N 11  
ALA HB3  H  N N 12  
ALA HXT  H  N N 13  
ARG N    N  N N 14  
ARG CA   C  N S 15  
ARG C    C  N N 16  
ARG O    O  N N 17  
ARG CB   C  N N 18  
ARG CG   C  N N 19  
ARG CD   C  N N 20  
ARG NE   N  N N 21  
ARG CZ   C  N N 22  
ARG NH1  N  N N 23  
ARG NH2  N  N N 24  
ARG OXT  O  N N 25  
ARG H    H  N N 26  
ARG H2   H  N N 27  
ARG HA   H  N N 28  
ARG HB2  H  N N 29  
ARG HB3  H  N N 30  
ARG HG2  H  N N 31  
ARG HG3  H  N N 32  
ARG HD2  H  N N 33  
ARG HD3  H  N N 34  
ARG HE   H  N N 35  
ARG HH11 H  N N 36  
ARG HH12 H  N N 37  
ARG HH21 H  N N 38  
ARG HH22 H  N N 39  
ARG HXT  H  N N 40  
ASN N    N  N N 41  
ASN CA   C  N S 42  
ASN C    C  N N 43  
ASN O    O  N N 44  
ASN CB   C  N N 45  
ASN CG   C  N N 46  
ASN OD1  O  N N 47  
ASN ND2  N  N N 48  
ASN OXT  O  N N 49  
ASN H    H  N N 50  
ASN H2   H  N N 51  
ASN HA   H  N N 52  
ASN HB2  H  N N 53  
ASN HB3  H  N N 54  
ASN HD21 H  N N 55  
ASN HD22 H  N N 56  
ASN HXT  H  N N 57  
ASP N    N  N N 58  
ASP CA   C  N S 59  
ASP C    C  N N 60  
ASP O    O  N N 61  
ASP CB   C  N N 62  
ASP CG   C  N N 63  
ASP OD1  O  N N 64  
ASP OD2  O  N N 65  
ASP OXT  O  N N 66  
ASP H    H  N N 67  
ASP H2   H  N N 68  
ASP HA   H  N N 69  
ASP HB2  H  N N 70  
ASP HB3  H  N N 71  
ASP HD2  H  N N 72  
ASP HXT  H  N N 73  
CL  CL   CL N N 74  
CYS N    N  N N 75  
CYS CA   C  N R 76  
CYS C    C  N N 77  
CYS O    O  N N 78  
CYS CB   C  N N 79  
CYS SG   S  N N 80  
CYS OXT  O  N N 81  
CYS H    H  N N 82  
CYS H2   H  N N 83  
CYS HA   H  N N 84  
CYS HB2  H  N N 85  
CYS HB3  H  N N 86  
CYS HG   H  N N 87  
CYS HXT  H  N N 88  
GLN N    N  N N 89  
GLN CA   C  N S 90  
GLN C    C  N N 91  
GLN O    O  N N 92  
GLN CB   C  N N 93  
GLN CG   C  N N 94  
GLN CD   C  N N 95  
GLN OE1  O  N N 96  
GLN NE2  N  N N 97  
GLN OXT  O  N N 98  
GLN H    H  N N 99  
GLN H2   H  N N 100 
GLN HA   H  N N 101 
GLN HB2  H  N N 102 
GLN HB3  H  N N 103 
GLN HG2  H  N N 104 
GLN HG3  H  N N 105 
GLN HE21 H  N N 106 
GLN HE22 H  N N 107 
GLN HXT  H  N N 108 
GLU N    N  N N 109 
GLU CA   C  N S 110 
GLU C    C  N N 111 
GLU O    O  N N 112 
GLU CB   C  N N 113 
GLU CG   C  N N 114 
GLU CD   C  N N 115 
GLU OE1  O  N N 116 
GLU OE2  O  N N 117 
GLU OXT  O  N N 118 
GLU H    H  N N 119 
GLU H2   H  N N 120 
GLU HA   H  N N 121 
GLU HB2  H  N N 122 
GLU HB3  H  N N 123 
GLU HG2  H  N N 124 
GLU HG3  H  N N 125 
GLU HE2  H  N N 126 
GLU HXT  H  N N 127 
GLY N    N  N N 128 
GLY CA   C  N N 129 
GLY C    C  N N 130 
GLY O    O  N N 131 
GLY OXT  O  N N 132 
GLY H    H  N N 133 
GLY H2   H  N N 134 
GLY HA2  H  N N 135 
GLY HA3  H  N N 136 
GLY HXT  H  N N 137 
HIS N    N  N N 138 
HIS CA   C  N S 139 
HIS C    C  N N 140 
HIS O    O  N N 141 
HIS CB   C  N N 142 
HIS CG   C  Y N 143 
HIS ND1  N  Y N 144 
HIS CD2  C  Y N 145 
HIS CE1  C  Y N 146 
HIS NE2  N  Y N 147 
HIS OXT  O  N N 148 
HIS H    H  N N 149 
HIS H2   H  N N 150 
HIS HA   H  N N 151 
HIS HB2  H  N N 152 
HIS HB3  H  N N 153 
HIS HD1  H  N N 154 
HIS HD2  H  N N 155 
HIS HE1  H  N N 156 
HIS HE2  H  N N 157 
HIS HXT  H  N N 158 
HOH O    O  N N 159 
HOH H1   H  N N 160 
HOH H2   H  N N 161 
ILE N    N  N N 162 
ILE CA   C  N S 163 
ILE C    C  N N 164 
ILE O    O  N N 165 
ILE CB   C  N S 166 
ILE CG1  C  N N 167 
ILE CG2  C  N N 168 
ILE CD1  C  N N 169 
ILE OXT  O  N N 170 
ILE H    H  N N 171 
ILE H2   H  N N 172 
ILE HA   H  N N 173 
ILE HB   H  N N 174 
ILE HG12 H  N N 175 
ILE HG13 H  N N 176 
ILE HG21 H  N N 177 
ILE HG22 H  N N 178 
ILE HG23 H  N N 179 
ILE HD11 H  N N 180 
ILE HD12 H  N N 181 
ILE HD13 H  N N 182 
ILE HXT  H  N N 183 
LEU N    N  N N 184 
LEU CA   C  N S 185 
LEU C    C  N N 186 
LEU O    O  N N 187 
LEU CB   C  N N 188 
LEU CG   C  N N 189 
LEU CD1  C  N N 190 
LEU CD2  C  N N 191 
LEU OXT  O  N N 192 
LEU H    H  N N 193 
LEU H2   H  N N 194 
LEU HA   H  N N 195 
LEU HB2  H  N N 196 
LEU HB3  H  N N 197 
LEU HG   H  N N 198 
LEU HD11 H  N N 199 
LEU HD12 H  N N 200 
LEU HD13 H  N N 201 
LEU HD21 H  N N 202 
LEU HD22 H  N N 203 
LEU HD23 H  N N 204 
LEU HXT  H  N N 205 
LYS N    N  N N 206 
LYS CA   C  N S 207 
LYS C    C  N N 208 
LYS O    O  N N 209 
LYS CB   C  N N 210 
LYS CG   C  N N 211 
LYS CD   C  N N 212 
LYS CE   C  N N 213 
LYS NZ   N  N N 214 
LYS OXT  O  N N 215 
LYS H    H  N N 216 
LYS H2   H  N N 217 
LYS HA   H  N N 218 
LYS HB2  H  N N 219 
LYS HB3  H  N N 220 
LYS HG2  H  N N 221 
LYS HG3  H  N N 222 
LYS HD2  H  N N 223 
LYS HD3  H  N N 224 
LYS HE2  H  N N 225 
LYS HE3  H  N N 226 
LYS HZ1  H  N N 227 
LYS HZ2  H  N N 228 
LYS HZ3  H  N N 229 
LYS HXT  H  N N 230 
MET N    N  N N 231 
MET CA   C  N S 232 
MET C    C  N N 233 
MET O    O  N N 234 
MET CB   C  N N 235 
MET CG   C  N N 236 
MET SD   S  N N 237 
MET CE   C  N N 238 
MET OXT  O  N N 239 
MET H    H  N N 240 
MET H2   H  N N 241 
MET HA   H  N N 242 
MET HB2  H  N N 243 
MET HB3  H  N N 244 
MET HG2  H  N N 245 
MET HG3  H  N N 246 
MET HE1  H  N N 247 
MET HE2  H  N N 248 
MET HE3  H  N N 249 
MET HXT  H  N N 250 
PHE N    N  N N 251 
PHE CA   C  N S 252 
PHE C    C  N N 253 
PHE O    O  N N 254 
PHE CB   C  N N 255 
PHE CG   C  Y N 256 
PHE CD1  C  Y N 257 
PHE CD2  C  Y N 258 
PHE CE1  C  Y N 259 
PHE CE2  C  Y N 260 
PHE CZ   C  Y N 261 
PHE OXT  O  N N 262 
PHE H    H  N N 263 
PHE H2   H  N N 264 
PHE HA   H  N N 265 
PHE HB2  H  N N 266 
PHE HB3  H  N N 267 
PHE HD1  H  N N 268 
PHE HD2  H  N N 269 
PHE HE1  H  N N 270 
PHE HE2  H  N N 271 
PHE HZ   H  N N 272 
PHE HXT  H  N N 273 
PRO N    N  N N 274 
PRO CA   C  N S 275 
PRO C    C  N N 276 
PRO O    O  N N 277 
PRO CB   C  N N 278 
PRO CG   C  N N 279 
PRO CD   C  N N 280 
PRO OXT  O  N N 281 
PRO H    H  N N 282 
PRO HA   H  N N 283 
PRO HB2  H  N N 284 
PRO HB3  H  N N 285 
PRO HG2  H  N N 286 
PRO HG3  H  N N 287 
PRO HD2  H  N N 288 
PRO HD3  H  N N 289 
PRO HXT  H  N N 290 
SER N    N  N N 291 
SER CA   C  N S 292 
SER C    C  N N 293 
SER O    O  N N 294 
SER CB   C  N N 295 
SER OG   O  N N 296 
SER OXT  O  N N 297 
SER H    H  N N 298 
SER H2   H  N N 299 
SER HA   H  N N 300 
SER HB2  H  N N 301 
SER HB3  H  N N 302 
SER HG   H  N N 303 
SER HXT  H  N N 304 
THR N    N  N N 305 
THR CA   C  N S 306 
THR C    C  N N 307 
THR O    O  N N 308 
THR CB   C  N R 309 
THR OG1  O  N N 310 
THR CG2  C  N N 311 
THR OXT  O  N N 312 
THR H    H  N N 313 
THR H2   H  N N 314 
THR HA   H  N N 315 
THR HB   H  N N 316 
THR HG1  H  N N 317 
THR HG21 H  N N 318 
THR HG22 H  N N 319 
THR HG23 H  N N 320 
THR HXT  H  N N 321 
TYR N    N  N N 322 
TYR CA   C  N S 323 
TYR C    C  N N 324 
TYR O    O  N N 325 
TYR CB   C  N N 326 
TYR CG   C  Y N 327 
TYR CD1  C  Y N 328 
TYR CD2  C  Y N 329 
TYR CE1  C  Y N 330 
TYR CE2  C  Y N 331 
TYR CZ   C  Y N 332 
TYR OH   O  N N 333 
TYR OXT  O  N N 334 
TYR H    H  N N 335 
TYR H2   H  N N 336 
TYR HA   H  N N 337 
TYR HB2  H  N N 338 
TYR HB3  H  N N 339 
TYR HD1  H  N N 340 
TYR HD2  H  N N 341 
TYR HE1  H  N N 342 
TYR HE2  H  N N 343 
TYR HH   H  N N 344 
TYR HXT  H  N N 345 
VAL N    N  N N 346 
VAL CA   C  N S 347 
VAL C    C  N N 348 
VAL O    O  N N 349 
VAL CB   C  N N 350 
VAL CG1  C  N N 351 
VAL CG2  C  N N 352 
VAL OXT  O  N N 353 
VAL H    H  N N 354 
VAL H2   H  N N 355 
VAL HA   H  N N 356 
VAL HB   H  N N 357 
VAL HG11 H  N N 358 
VAL HG12 H  N N 359 
VAL HG13 H  N N 360 
VAL HG21 H  N N 361 
VAL HG22 H  N N 362 
VAL HG23 H  N N 363 
VAL HXT  H  N N 364 
# 
loop_
_chem_comp_bond.comp_id 
_chem_comp_bond.atom_id_1 
_chem_comp_bond.atom_id_2 
_chem_comp_bond.value_order 
_chem_comp_bond.pdbx_aromatic_flag 
_chem_comp_bond.pdbx_stereo_config 
_chem_comp_bond.pdbx_ordinal 
ALA N   CA   sing N N 1   
ALA N   H    sing N N 2   
ALA N   H2   sing N N 3   
ALA CA  C    sing N N 4   
ALA CA  CB   sing N N 5   
ALA CA  HA   sing N N 6   
ALA C   O    doub N N 7   
ALA C   OXT  sing N N 8   
ALA CB  HB1  sing N N 9   
ALA CB  HB2  sing N N 10  
ALA CB  HB3  sing N N 11  
ALA OXT HXT  sing N N 12  
ARG N   CA   sing N N 13  
ARG N   H    sing N N 14  
ARG N   H2   sing N N 15  
ARG CA  C    sing N N 16  
ARG CA  CB   sing N N 17  
ARG CA  HA   sing N N 18  
ARG C   O    doub N N 19  
ARG C   OXT  sing N N 20  
ARG CB  CG   sing N N 21  
ARG CB  HB2  sing N N 22  
ARG CB  HB3  sing N N 23  
ARG CG  CD   sing N N 24  
ARG CG  HG2  sing N N 25  
ARG CG  HG3  sing N N 26  
ARG CD  NE   sing N N 27  
ARG CD  HD2  sing N N 28  
ARG CD  HD3  sing N N 29  
ARG NE  CZ   sing N N 30  
ARG NE  HE   sing N N 31  
ARG CZ  NH1  sing N N 32  
ARG CZ  NH2  doub N N 33  
ARG NH1 HH11 sing N N 34  
ARG NH1 HH12 sing N N 35  
ARG NH2 HH21 sing N N 36  
ARG NH2 HH22 sing N N 37  
ARG OXT HXT  sing N N 38  
ASN N   CA   sing N N 39  
ASN N   H    sing N N 40  
ASN N   H2   sing N N 41  
ASN CA  C    sing N N 42  
ASN CA  CB   sing N N 43  
ASN CA  HA   sing N N 44  
ASN C   O    doub N N 45  
ASN C   OXT  sing N N 46  
ASN CB  CG   sing N N 47  
ASN CB  HB2  sing N N 48  
ASN CB  HB3  sing N N 49  
ASN CG  OD1  doub N N 50  
ASN CG  ND2  sing N N 51  
ASN ND2 HD21 sing N N 52  
ASN ND2 HD22 sing N N 53  
ASN OXT HXT  sing N N 54  
ASP N   CA   sing N N 55  
ASP N   H    sing N N 56  
ASP N   H2   sing N N 57  
ASP CA  C    sing N N 58  
ASP CA  CB   sing N N 59  
ASP CA  HA   sing N N 60  
ASP C   O    doub N N 61  
ASP C   OXT  sing N N 62  
ASP CB  CG   sing N N 63  
ASP CB  HB2  sing N N 64  
ASP CB  HB3  sing N N 65  
ASP CG  OD1  doub N N 66  
ASP CG  OD2  sing N N 67  
ASP OD2 HD2  sing N N 68  
ASP OXT HXT  sing N N 69  
CYS N   CA   sing N N 70  
CYS N   H    sing N N 71  
CYS N   H2   sing N N 72  
CYS CA  C    sing N N 73  
CYS CA  CB   sing N N 74  
CYS CA  HA   sing N N 75  
CYS C   O    doub N N 76  
CYS C   OXT  sing N N 77  
CYS CB  SG   sing N N 78  
CYS CB  HB2  sing N N 79  
CYS CB  HB3  sing N N 80  
CYS SG  HG   sing N N 81  
CYS OXT HXT  sing N N 82  
GLN N   CA   sing N N 83  
GLN N   H    sing N N 84  
GLN N   H2   sing N N 85  
GLN CA  C    sing N N 86  
GLN CA  CB   sing N N 87  
GLN CA  HA   sing N N 88  
GLN C   O    doub N N 89  
GLN C   OXT  sing N N 90  
GLN CB  CG   sing N N 91  
GLN CB  HB2  sing N N 92  
GLN CB  HB3  sing N N 93  
GLN CG  CD   sing N N 94  
GLN CG  HG2  sing N N 95  
GLN CG  HG3  sing N N 96  
GLN CD  OE1  doub N N 97  
GLN CD  NE2  sing N N 98  
GLN NE2 HE21 sing N N 99  
GLN NE2 HE22 sing N N 100 
GLN OXT HXT  sing N N 101 
GLU N   CA   sing N N 102 
GLU N   H    sing N N 103 
GLU N   H2   sing N N 104 
GLU CA  C    sing N N 105 
GLU CA  CB   sing N N 106 
GLU CA  HA   sing N N 107 
GLU C   O    doub N N 108 
GLU C   OXT  sing N N 109 
GLU CB  CG   sing N N 110 
GLU CB  HB2  sing N N 111 
GLU CB  HB3  sing N N 112 
GLU CG  CD   sing N N 113 
GLU CG  HG2  sing N N 114 
GLU CG  HG3  sing N N 115 
GLU CD  OE1  doub N N 116 
GLU CD  OE2  sing N N 117 
GLU OE2 HE2  sing N N 118 
GLU OXT HXT  sing N N 119 
GLY N   CA   sing N N 120 
GLY N   H    sing N N 121 
GLY N   H2   sing N N 122 
GLY CA  C    sing N N 123 
GLY CA  HA2  sing N N 124 
GLY CA  HA3  sing N N 125 
GLY C   O    doub N N 126 
GLY C   OXT  sing N N 127 
GLY OXT HXT  sing N N 128 
HIS N   CA   sing N N 129 
HIS N   H    sing N N 130 
HIS N   H2   sing N N 131 
HIS CA  C    sing N N 132 
HIS CA  CB   sing N N 133 
HIS CA  HA   sing N N 134 
HIS C   O    doub N N 135 
HIS C   OXT  sing N N 136 
HIS CB  CG   sing N N 137 
HIS CB  HB2  sing N N 138 
HIS CB  HB3  sing N N 139 
HIS CG  ND1  sing Y N 140 
HIS CG  CD2  doub Y N 141 
HIS ND1 CE1  doub Y N 142 
HIS ND1 HD1  sing N N 143 
HIS CD2 NE2  sing Y N 144 
HIS CD2 HD2  sing N N 145 
HIS CE1 NE2  sing Y N 146 
HIS CE1 HE1  sing N N 147 
HIS NE2 HE2  sing N N 148 
HIS OXT HXT  sing N N 149 
HOH O   H1   sing N N 150 
HOH O   H2   sing N N 151 
ILE N   CA   sing N N 152 
ILE N   H    sing N N 153 
ILE N   H2   sing N N 154 
ILE CA  C    sing N N 155 
ILE CA  CB   sing N N 156 
ILE CA  HA   sing N N 157 
ILE C   O    doub N N 158 
ILE C   OXT  sing N N 159 
ILE CB  CG1  sing N N 160 
ILE CB  CG2  sing N N 161 
ILE CB  HB   sing N N 162 
ILE CG1 CD1  sing N N 163 
ILE CG1 HG12 sing N N 164 
ILE CG1 HG13 sing N N 165 
ILE CG2 HG21 sing N N 166 
ILE CG2 HG22 sing N N 167 
ILE CG2 HG23 sing N N 168 
ILE CD1 HD11 sing N N 169 
ILE CD1 HD12 sing N N 170 
ILE CD1 HD13 sing N N 171 
ILE OXT HXT  sing N N 172 
LEU N   CA   sing N N 173 
LEU N   H    sing N N 174 
LEU N   H2   sing N N 175 
LEU CA  C    sing N N 176 
LEU CA  CB   sing N N 177 
LEU CA  HA   sing N N 178 
LEU C   O    doub N N 179 
LEU C   OXT  sing N N 180 
LEU CB  CG   sing N N 181 
LEU CB  HB2  sing N N 182 
LEU CB  HB3  sing N N 183 
LEU CG  CD1  sing N N 184 
LEU CG  CD2  sing N N 185 
LEU CG  HG   sing N N 186 
LEU CD1 HD11 sing N N 187 
LEU CD1 HD12 sing N N 188 
LEU CD1 HD13 sing N N 189 
LEU CD2 HD21 sing N N 190 
LEU CD2 HD22 sing N N 191 
LEU CD2 HD23 sing N N 192 
LEU OXT HXT  sing N N 193 
LYS N   CA   sing N N 194 
LYS N   H    sing N N 195 
LYS N   H2   sing N N 196 
LYS CA  C    sing N N 197 
LYS CA  CB   sing N N 198 
LYS CA  HA   sing N N 199 
LYS C   O    doub N N 200 
LYS C   OXT  sing N N 201 
LYS CB  CG   sing N N 202 
LYS CB  HB2  sing N N 203 
LYS CB  HB3  sing N N 204 
LYS CG  CD   sing N N 205 
LYS CG  HG2  sing N N 206 
LYS CG  HG3  sing N N 207 
LYS CD  CE   sing N N 208 
LYS CD  HD2  sing N N 209 
LYS CD  HD3  sing N N 210 
LYS CE  NZ   sing N N 211 
LYS CE  HE2  sing N N 212 
LYS CE  HE3  sing N N 213 
LYS NZ  HZ1  sing N N 214 
LYS NZ  HZ2  sing N N 215 
LYS NZ  HZ3  sing N N 216 
LYS OXT HXT  sing N N 217 
MET N   CA   sing N N 218 
MET N   H    sing N N 219 
MET N   H2   sing N N 220 
MET CA  C    sing N N 221 
MET CA  CB   sing N N 222 
MET CA  HA   sing N N 223 
MET C   O    doub N N 224 
MET C   OXT  sing N N 225 
MET CB  CG   sing N N 226 
MET CB  HB2  sing N N 227 
MET CB  HB3  sing N N 228 
MET CG  SD   sing N N 229 
MET CG  HG2  sing N N 230 
MET CG  HG3  sing N N 231 
MET SD  CE   sing N N 232 
MET CE  HE1  sing N N 233 
MET CE  HE2  sing N N 234 
MET CE  HE3  sing N N 235 
MET OXT HXT  sing N N 236 
PHE N   CA   sing N N 237 
PHE N   H    sing N N 238 
PHE N   H2   sing N N 239 
PHE CA  C    sing N N 240 
PHE CA  CB   sing N N 241 
PHE CA  HA   sing N N 242 
PHE C   O    doub N N 243 
PHE C   OXT  sing N N 244 
PHE CB  CG   sing N N 245 
PHE CB  HB2  sing N N 246 
PHE CB  HB3  sing N N 247 
PHE CG  CD1  doub Y N 248 
PHE CG  CD2  sing Y N 249 
PHE CD1 CE1  sing Y N 250 
PHE CD1 HD1  sing N N 251 
PHE CD2 CE2  doub Y N 252 
PHE CD2 HD2  sing N N 253 
PHE CE1 CZ   doub Y N 254 
PHE CE1 HE1  sing N N 255 
PHE CE2 CZ   sing Y N 256 
PHE CE2 HE2  sing N N 257 
PHE CZ  HZ   sing N N 258 
PHE OXT HXT  sing N N 259 
PRO N   CA   sing N N 260 
PRO N   CD   sing N N 261 
PRO N   H    sing N N 262 
PRO CA  C    sing N N 263 
PRO CA  CB   sing N N 264 
PRO CA  HA   sing N N 265 
PRO C   O    doub N N 266 
PRO C   OXT  sing N N 267 
PRO CB  CG   sing N N 268 
PRO CB  HB2  sing N N 269 
PRO CB  HB3  sing N N 270 
PRO CG  CD   sing N N 271 
PRO CG  HG2  sing N N 272 
PRO CG  HG3  sing N N 273 
PRO CD  HD2  sing N N 274 
PRO CD  HD3  sing N N 275 
PRO OXT HXT  sing N N 276 
SER N   CA   sing N N 277 
SER N   H    sing N N 278 
SER N   H2   sing N N 279 
SER CA  C    sing N N 280 
SER CA  CB   sing N N 281 
SER CA  HA   sing N N 282 
SER C   O    doub N N 283 
SER C   OXT  sing N N 284 
SER CB  OG   sing N N 285 
SER CB  HB2  sing N N 286 
SER CB  HB3  sing N N 287 
SER OG  HG   sing N N 288 
SER OXT HXT  sing N N 289 
THR N   CA   sing N N 290 
THR N   H    sing N N 291 
THR N   H2   sing N N 292 
THR CA  C    sing N N 293 
THR CA  CB   sing N N 294 
THR CA  HA   sing N N 295 
THR C   O    doub N N 296 
THR C   OXT  sing N N 297 
THR CB  OG1  sing N N 298 
THR CB  CG2  sing N N 299 
THR CB  HB   sing N N 300 
THR OG1 HG1  sing N N 301 
THR CG2 HG21 sing N N 302 
THR CG2 HG22 sing N N 303 
THR CG2 HG23 sing N N 304 
THR OXT HXT  sing N N 305 
TYR N   CA   sing N N 306 
TYR N   H    sing N N 307 
TYR N   H2   sing N N 308 
TYR CA  C    sing N N 309 
TYR CA  CB   sing N N 310 
TYR CA  HA   sing N N 311 
TYR C   O    doub N N 312 
TYR C   OXT  sing N N 313 
TYR CB  CG   sing N N 314 
TYR CB  HB2  sing N N 315 
TYR CB  HB3  sing N N 316 
TYR CG  CD1  doub Y N 317 
TYR CG  CD2  sing Y N 318 
TYR CD1 CE1  sing Y N 319 
TYR CD1 HD1  sing N N 320 
TYR CD2 CE2  doub Y N 321 
TYR CD2 HD2  sing N N 322 
TYR CE1 CZ   doub Y N 323 
TYR CE1 HE1  sing N N 324 
TYR CE2 CZ   sing Y N 325 
TYR CE2 HE2  sing N N 326 
TYR CZ  OH   sing N N 327 
TYR OH  HH   sing N N 328 
TYR OXT HXT  sing N N 329 
VAL N   CA   sing N N 330 
VAL N   H    sing N N 331 
VAL N   H2   sing N N 332 
VAL CA  C    sing N N 333 
VAL CA  CB   sing N N 334 
VAL CA  HA   sing N N 335 
VAL C   O    doub N N 336 
VAL C   OXT  sing N N 337 
VAL CB  CG1  sing N N 338 
VAL CB  CG2  sing N N 339 
VAL CB  HB   sing N N 340 
VAL CG1 HG11 sing N N 341 
VAL CG1 HG12 sing N N 342 
VAL CG1 HG13 sing N N 343 
VAL CG2 HG21 sing N N 344 
VAL CG2 HG22 sing N N 345 
VAL CG2 HG23 sing N N 346 
VAL OXT HXT  sing N N 347 
# 
loop_
_pdbx_audit_support.funding_organization 
_pdbx_audit_support.country 
_pdbx_audit_support.grant_number 
_pdbx_audit_support.ordinal 
'German Research Foundation' Germany 3717/2-1 1 
'German Research Foundation' Germany GRK1721  2 
# 
_pdbx_initial_refinement_model.id               1 
_pdbx_initial_refinement_model.entity_id_list   ? 
_pdbx_initial_refinement_model.type             'experimental model' 
_pdbx_initial_refinement_model.source_name      PDB 
_pdbx_initial_refinement_model.accession_code   3M05 
_pdbx_initial_refinement_model.details          ? 
# 
_atom_sites.entry_id                    4WK3 
_atom_sites.fract_transf_matrix[1][1]   0.00886185 
_atom_sites.fract_transf_matrix[1][2]   0.00369832 
_atom_sites.fract_transf_matrix[1][3]   -0.00302565 
_atom_sites.fract_transf_matrix[2][1]   -0.00251926 
_atom_sites.fract_transf_matrix[2][2]   -0.00180086 
_atom_sites.fract_transf_matrix[2][3]   -0.00957992 
_atom_sites.fract_transf_matrix[3][1]   -0.00406023 
_atom_sites.fract_transf_matrix[3][2]   0.00918934 
_atom_sites.fract_transf_matrix[3][3]   -0.00065971 
_atom_sites.fract_transf_vector[1]      0.003484 
_atom_sites.fract_transf_vector[2]      0.023101 
_atom_sites.fract_transf_vector[3]      0.864502 
# 
loop_
_atom_type.symbol 
C  
CL 
N  
O  
S  
# 
loop_
_atom_site.group_PDB 
_atom_site.id 
_atom_site.type_symbol 
_atom_site.label_atom_id 
_atom_site.label_alt_id 
_atom_site.label_comp_id 
_atom_site.label_asym_id 
_atom_site.label_entity_id 
_atom_site.label_seq_id 
_atom_site.pdbx_PDB_ins_code 
_atom_site.Cartn_x 
_atom_site.Cartn_y 
_atom_site.Cartn_z 
_atom_site.occupancy 
_atom_site.B_iso_or_equiv 
_atom_site.pdbx_formal_charge 
_atom_site.auth_seq_id 
_atom_site.auth_comp_id 
_atom_site.auth_asym_id 
_atom_site.auth_atom_id 
_atom_site.pdbx_PDB_model_num 
ATOM   1   N  N   . SER A 1 19  ? -8.987  -12.412 10.198  1.00 76.54  ? -1  SER A N   1 
ATOM   2   C  CA  . SER A 1 19  ? -10.329 -12.759 9.727   1.00 87.94  ? -1  SER A CA  1 
ATOM   3   C  C   . SER A 1 19  ? -10.984 -11.714 8.851   1.00 86.72  ? -1  SER A C   1 
ATOM   4   O  O   . SER A 1 19  ? -12.117 -11.908 8.408   1.00 87.13  ? -1  SER A O   1 
ATOM   5   C  CB  . SER A 1 19  ? -11.195 -13.292 10.862  1.00 96.71  ? -1  SER A CB  1 
ATOM   6   O  OG  . SER A 1 19  ? -12.564 -13.043 10.575  1.00 104.54 ? -1  SER A OG  1 
ATOM   7   N  N   . HIS A 1 20  ? -10.260 -10.627 8.597   1.00 73.89  ? 0   HIS A N   1 
ATOM   8   C  CA  . HIS A 1 20  ? -10.766 -9.291  8.330   1.00 68.65  ? 0   HIS A CA  1 
ATOM   9   C  C   . HIS A 1 20  ? -9.637  -8.370  7.914   1.00 67.88  ? 0   HIS A C   1 
ATOM   10  O  O   . HIS A 1 20  ? -8.524  -8.824  7.632   1.00 67.76  ? 0   HIS A O   1 
ATOM   11  C  CB  . HIS A 1 20  ? -11.232 -8.674  9.611   1.00 67.34  ? 0   HIS A CB  1 
ATOM   12  C  CG  . HIS A 1 20  ? -12.284 -7.640  9.435   1.00 99.36  ? 0   HIS A CG  1 
ATOM   13  N  ND1 . HIS A 1 20  ? -12.012 -6.291  9.494   1.00 95.93  ? 0   HIS A ND1 1 
ATOM   14  C  CD2 . HIS A 1 20  ? -13.617 -7.754  9.252   1.00 104.94 ? 0   HIS A CD2 1 
ATOM   15  C  CE1 . HIS A 1 20  ? -13.133 -5.615  9.324   1.00 91.57  ? 0   HIS A CE1 1 
ATOM   16  N  NE2 . HIS A 1 20  ? -14.122 -6.480  9.182   1.00 96.18  ? 0   HIS A NE2 1 
ATOM   17  N  N   . MET A 1 21  ? -9.917  -7.074  7.881   1.00 58.68  ? 1   MET A N   1 
ATOM   18  C  CA  . MET A 1 21  ? -9.076  -6.147  7.118   1.00 62.24  ? 1   MET A CA  1 
ATOM   19  C  C   . MET A 1 21  ? -8.143  -5.209  7.844   1.00 60.14  ? 1   MET A C   1 
ATOM   20  O  O   . MET A 1 21  ? -8.341  -4.873  8.994   1.00 71.33  ? 1   MET A O   1 
ATOM   21  C  CB  . MET A 1 21  ? -10.094 -5.287  6.363   1.00 75.45  ? 1   MET A CB  1 
ATOM   22  C  CG  . MET A 1 21  ? -11.038 -6.064  5.476   1.00 97.51  ? 1   MET A CG  1 
ATOM   23  S  SD  . MET A 1 21  ? -10.560 -5.892  3.755   1.00 115.70 ? 1   MET A SD  1 
ATOM   24  C  CE  . MET A 1 21  ? -10.141 -4.155  3.762   1.00 109.48 ? 1   MET A CE  1 
ATOM   25  N  N   . LYS A 1 22  ? -7.170  -4.719  7.105   1.00 65.95  ? 2   LYS A N   1 
ATOM   26  C  CA  . LYS A 1 22  ? -6.289  -3.683  7.586   1.00 68.88  ? 2   LYS A CA  1 
ATOM   27  C  C   . LYS A 1 22  ? -6.255  -2.536  6.595   1.00 63.29  ? 2   LYS A C   1 
ATOM   28  O  O   . LYS A 1 22  ? -6.446  -2.750  5.403   1.00 73.51  ? 2   LYS A O   1 
ATOM   29  C  CB  . LYS A 1 22  ? -4.901  -4.258  7.781   1.00 67.78  ? 2   LYS A CB  1 
ATOM   30  C  CG  . LYS A 1 22  ? -4.898  -5.398  8.757   1.00 62.71  ? 2   LYS A CG  1 
ATOM   31  C  CD  . LYS A 1 22  ? -5.437  -4.936  10.099  1.00 55.91  ? 2   LYS A CD  1 
ATOM   32  C  CE  . LYS A 1 22  ? -5.160  -5.971  11.178  1.00 59.15  ? 2   LYS A CE  1 
ATOM   33  N  NZ  . LYS A 1 22  ? -6.210  -5.841  12.215  1.00 76.85  ? 2   LYS A NZ  1 
ATOM   34  N  N   . MET A 1 23  ? -6.021  -1.321  7.081   1.00 73.79  ? 3   MET A N   1 
ATOM   35  C  CA  . MET A 1 23  ? -5.711  -0.194  6.201   1.00 64.38  ? 3   MET A CA  1 
ATOM   36  C  C   . MET A 1 23  ? -4.220  0.011   6.161   1.00 65.58  ? 3   MET A C   1 
ATOM   37  O  O   . MET A 1 23  ? -3.585  0.195   7.195   1.00 72.49  ? 3   MET A O   1 
ATOM   38  C  CB  . MET A 1 23  ? -6.378  1.086   6.669   1.00 70.96  ? 3   MET A CB  1 
ATOM   39  C  CG  . MET A 1 23  ? -5.933  2.314   5.870   1.00 80.59  ? 3   MET A CG  1 
ATOM   40  S  SD  . MET A 1 23  ? -6.514  2.217   4.166   1.00 89.02  ? 3   MET A SD  1 
ATOM   41  C  CE  . MET A 1 23  ? -8.272  2.100   4.494   1.00 90.61  ? 3   MET A CE  1 
ATOM   42  N  N   . ILE A 1 24  ? -3.647  -0.041  4.974   1.00 67.82  ? 4   ILE A N   1 
ATOM   43  C  CA  . ILE A 1 24  ? -2.229  0.246   4.845   1.00 62.24  ? 4   ILE A CA  1 
ATOM   44  C  C   . ILE A 1 24  ? -2.077  1.704   4.444   1.00 60.93  ? 4   ILE A C   1 
ATOM   45  O  O   . ILE A 1 24  ? -2.770  2.194   3.544   1.00 64.76  ? 4   ILE A O   1 
ATOM   46  C  CB  . ILE A 1 24  ? -1.548  -0.684  3.815   1.00 76.49  ? 4   ILE A CB  1 
ATOM   47  C  CG1 . ILE A 1 24  ? -1.215  -2.032  4.453   1.00 74.27  ? 4   ILE A CG1 1 
ATOM   48  C  CG2 . ILE A 1 24  ? -0.265  -0.063  3.292   1.00 72.66  ? 4   ILE A CG2 1 
ATOM   49  C  CD1 . ILE A 1 24  ? -2.383  -2.920  4.589   1.00 83.51  ? 4   ILE A CD1 1 
ATOM   50  N  N   . ILE A 1 25  ? -1.201  2.416   5.129   1.00 68.71  ? 5   ILE A N   1 
ATOM   51  C  CA  . ILE A 1 25  ? -0.874  3.779   4.716   1.00 74.30  ? 5   ILE A CA  1 
ATOM   52  C  C   . ILE A 1 25  ? 0.606   3.843   4.484   1.00 73.47  ? 5   ILE A C   1 
ATOM   53  O  O   . ILE A 1 25  ? 1.404   3.501   5.365   1.00 74.08  ? 5   ILE A O   1 
ATOM   54  C  CB  . ILE A 1 25  ? -1.272  4.833   5.744   1.00 76.49  ? 5   ILE A CB  1 
ATOM   55  C  CG1 . ILE A 1 25  ? -2.780  4.902   5.834   1.00 74.29  ? 5   ILE A CG1 1 
ATOM   56  C  CG2 . ILE A 1 25  ? -0.724  6.216   5.350   1.00 62.04  ? 5   ILE A CG2 1 
ATOM   57  C  CD1 . ILE A 1 25  ? -3.244  5.637   7.032   1.00 69.97  ? 5   ILE A CD1 1 
ATOM   58  N  N   . ALA A 1 26  ? 0.962   4.270   3.279   1.00 69.64  ? 6   ALA A N   1 
ATOM   59  C  CA  . ALA A 1 26  ? 2.338   4.192   2.825   1.00 73.26  ? 6   ALA A CA  1 
ATOM   60  C  C   . ALA A 1 26  ? 2.816   5.509   2.252   1.00 88.72  ? 6   ALA A C   1 
ATOM   61  O  O   . ALA A 1 26  ? 2.149   6.102   1.388   1.00 101.69 ? 6   ALA A O   1 
ATOM   62  C  CB  . ALA A 1 26  ? 2.475   3.075   1.778   1.00 70.28  ? 6   ALA A CB  1 
ATOM   63  N  N   . ILE A 1 27  ? 3.969   5.961   2.738   1.00 80.59  ? 7   ILE A N   1 
ATOM   64  C  CA  . ILE A 1 27  ? 4.675   7.090   2.143   1.00 80.33  ? 7   ILE A CA  1 
ATOM   65  C  C   . ILE A 1 27  ? 5.934   6.588   1.449   1.00 94.59  ? 7   ILE A C   1 
ATOM   66  O  O   . ILE A 1 27  ? 6.765   5.919   2.071   1.00 98.71  ? 7   ILE A O   1 
ATOM   67  C  CB  . ILE A 1 27  ? 5.070   8.166   3.185   1.00 75.50  ? 7   ILE A CB  1 
ATOM   68  C  CG1 . ILE A 1 27  ? 3.862   9.002   3.597   1.00 90.35  ? 7   ILE A CG1 1 
ATOM   69  C  CG2 . ILE A 1 27  ? 6.106   9.101   2.603   1.00 92.83  ? 7   ILE A CG2 1 
ATOM   70  C  CD1 . ILE A 1 27  ? 3.114   8.452   4.802   1.00 91.48  ? 7   ILE A CD1 1 
ATOM   71  N  N   . VAL A 1 28  ? 6.074   6.904   0.161   1.00 98.02  ? 8   VAL A N   1 
ATOM   72  C  CA  . VAL A 1 28  ? 7.255   6.513   -0.611  1.00 96.95  ? 8   VAL A CA  1 
ATOM   73  C  C   . VAL A 1 28  ? 7.727   7.608   -1.557  1.00 111.84 ? 8   VAL A C   1 
ATOM   74  O  O   . VAL A 1 28  ? 7.028   8.600   -1.782  1.00 109.33 ? 8   VAL A O   1 
ATOM   75  C  CB  . VAL A 1 28  ? 7.000   5.261   -1.460  1.00 103.22 ? 8   VAL A CB  1 
ATOM   76  C  CG1 . VAL A 1 28  ? 6.613   4.065   -0.584  1.00 104.93 ? 8   VAL A CG1 1 
ATOM   77  C  CG2 . VAL A 1 28  ? 5.920   5.557   -2.489  1.00 105.73 ? 8   VAL A CG2 1 
ATOM   78  N  N   . GLN A 1 29  ? 8.917   7.398   -2.119  1.00 114.91 ? 9   GLN A N   1 
ATOM   79  C  CA  . GLN A 1 29  ? 9.505   8.301   -3.100  1.00 116.32 ? 9   GLN A CA  1 
ATOM   80  C  C   . GLN A 1 29  ? 8.691   8.334   -4.389  1.00 107.91 ? 9   GLN A C   1 
ATOM   81  O  O   . GLN A 1 29  ? 8.246   7.301   -4.881  1.00 106.75 ? 9   GLN A O   1 
ATOM   82  C  CB  . GLN A 1 29  ? 10.937  7.877   -3.403  1.00 124.32 ? 9   GLN A CB  1 
ATOM   83  C  CG  . GLN A 1 29  ? 11.737  7.510   -2.174  1.00 125.82 ? 9   GLN A CG  1 
ATOM   84  C  CD  . GLN A 1 29  ? 12.890  8.458   -1.923  0.00 126.02 ? 9   GLN A CD  1 
ATOM   85  O  OE1 . GLN A 1 29  ? 12.853  9.621   -2.325  0.00 128.36 ? 9   GLN A OE1 1 
ATOM   86  N  NE2 . GLN A 1 29  ? 13.929  7.964   -1.262  0.00 125.60 ? 9   GLN A NE2 1 
ATOM   87  N  N   . ASP A 1 30  ? 8.507   9.527   -4.937  1.00 117.73 ? 10  ASP A N   1 
ATOM   88  C  CA  . ASP A 1 30  ? 7.698   9.701   -6.138  1.00 127.06 ? 10  ASP A CA  1 
ATOM   89  C  C   . ASP A 1 30  ? 8.261   8.945   -7.350  1.00 122.05 ? 10  ASP A C   1 
ATOM   90  O  O   . ASP A 1 30  ? 7.506   8.551   -8.236  1.00 132.58 ? 10  ASP A O   1 
ATOM   91  C  CB  . ASP A 1 30  ? 7.555   11.194  -6.459  1.00 134.64 ? 10  ASP A CB  1 
ATOM   92  C  CG  . ASP A 1 30  ? 7.160   12.018  -5.241  1.00 144.34 ? 10  ASP A CG  1 
ATOM   93  O  OD1 . ASP A 1 30  ? 5.990   11.931  -4.812  1.00 144.82 ? 10  ASP A OD1 1 
ATOM   94  O  OD2 . ASP A 1 30  ? 8.020   12.747  -4.699  1.00 152.00 ? 10  ASP A OD2 1 
ATOM   95  N  N   . GLN A 1 31  ? 9.570   8.717   -7.389  1.00 117.01 ? 11  GLN A N   1 
ATOM   96  C  CA  . GLN A 1 31  ? 10.162  8.066   -8.561  1.00 122.71 ? 11  GLN A CA  1 
ATOM   97  C  C   . GLN A 1 31  ? 9.965   6.549   -8.484  1.00 119.83 ? 11  GLN A C   1 
ATOM   98  O  O   . GLN A 1 31  ? 10.336  5.809   -9.397  1.00 120.96 ? 11  GLN A O   1 
ATOM   99  C  CB  . GLN A 1 31  ? 11.649  8.435   -8.709  1.00 122.29 ? 11  GLN A CB  1 
ATOM   100 C  CG  . GLN A 1 31  ? 12.620  7.568   -7.939  1.00 125.14 ? 11  GLN A CG  1 
ATOM   101 C  CD  . GLN A 1 31  ? 13.923  8.283   -7.629  0.00 129.02 ? 11  GLN A CD  1 
ATOM   102 O  OE1 . GLN A 1 31  ? 14.165  9.393   -8.103  0.00 134.81 ? 11  GLN A OE1 1 
ATOM   103 N  NE2 . GLN A 1 31  ? 14.767  7.650   -6.822  0.00 127.08 ? 11  GLN A NE2 1 
ATOM   104 N  N   . ASP A 1 32  ? 9.356   6.093   -7.394  1.00 112.35 ? 12  ASP A N   1 
ATOM   105 C  CA  . ASP A 1 32  ? 9.012   4.686   -7.258  1.00 109.55 ? 12  ASP A CA  1 
ATOM   106 C  C   . ASP A 1 32  ? 7.501   4.512   -7.318  1.00 117.71 ? 12  ASP A C   1 
ATOM   107 O  O   . ASP A 1 32  ? 7.001   3.393   -7.442  1.00 115.51 ? 12  ASP A O   1 
ATOM   108 C  CB  . ASP A 1 32  ? 9.578   4.111   -5.958  1.00 100.23 ? 12  ASP A CB  1 
ATOM   109 C  CG  . ASP A 1 32  ? 11.093  4.025   -5.974  1.00 102.71 ? 12  ASP A CG  1 
ATOM   110 O  OD1 . ASP A 1 32  ? 11.685  4.227   -7.054  1.00 111.84 ? 12  ASP A OD1 1 
ATOM   111 O  OD2 . ASP A 1 32  ? 11.695  3.748   -4.911  1.00 103.08 ? 12  ASP A OD2 1 
ATOM   112 N  N   . SER A 1 33  ? 6.788   5.635   -7.235  1.00 123.33 ? 13  SER A N   1 
ATOM   113 C  CA  . SER A 1 33  ? 5.334   5.672   -7.359  1.00 125.60 ? 13  SER A CA  1 
ATOM   114 C  C   . SER A 1 33  ? 4.844   4.908   -8.583  1.00 133.44 ? 13  SER A C   1 
ATOM   115 O  O   . SER A 1 33  ? 3.961   4.064   -8.463  1.00 132.57 ? 13  SER A O   1 
ATOM   116 C  CB  . SER A 1 33  ? 4.847   7.123   -7.423  1.00 136.12 ? 13  SER A CB  1 
ATOM   117 O  OG  . SER A 1 33  ? 3.602   7.232   -8.093  1.00 145.67 ? 13  SER A OG  1 
ATOM   118 N  N   . GLN A 1 34  ? 5.424   5.206   -9.747  1.00 151.37 ? 14  GLN A N   1 
ATOM   119 C  CA  . GLN A 1 34  ? 5.045   4.561   -11.005 1.00 144.89 ? 14  GLN A CA  1 
ATOM   120 C  C   . GLN A 1 34  ? 5.111   3.046   -10.898 1.00 143.42 ? 14  GLN A C   1 
ATOM   121 O  O   . GLN A 1 34  ? 4.137   2.364   -11.189 1.00 151.02 ? 14  GLN A O   1 
ATOM   122 C  CB  . GLN A 1 34  ? 5.937   5.029   -12.159 1.00 130.88 ? 14  GLN A CB  1 
ATOM   123 C  CG  . GLN A 1 34  ? 5.769   4.209   -13.440 1.00 130.61 ? 14  GLN A CG  1 
ATOM   124 C  CD  . GLN A 1 34  ? 6.728   4.628   -14.542 0.00 137.13 ? 14  GLN A CD  1 
ATOM   125 O  OE1 . GLN A 1 34  ? 6.873   3.936   -15.550 0.00 140.87 ? 14  GLN A OE1 1 
ATOM   126 N  NE2 . GLN A 1 34  ? 7.385   5.766   -14.354 0.00 140.22 ? 14  GLN A NE2 1 
ATOM   127 N  N   . GLU A 1 35  ? 6.253   2.523   -10.463 1.00 133.93 ? 15  GLU A N   1 
ATOM   128 C  CA  . GLU A 1 35  ? 6.478   1.081   -10.475 1.00 124.56 ? 15  GLU A CA  1 
ATOM   129 C  C   . GLU A 1 35  ? 5.788   0.342   -9.325  1.00 129.62 ? 15  GLU A C   1 
ATOM   130 O  O   . GLU A 1 35  ? 5.362   -0.808  -9.486  1.00 129.30 ? 15  GLU A O   1 
ATOM   131 C  CB  . GLU A 1 35  ? 7.976   0.778   -10.456 1.00 130.11 ? 15  GLU A CB  1 
ATOM   132 C  CG  . GLU A 1 35  ? 8.804   1.674   -9.548  1.00 137.02 ? 15  GLU A CG  1 
ATOM   133 C  CD  . GLU A 1 35  ? 9.356   2.891   -10.265 0.00 134.70 ? 15  GLU A CD  1 
ATOM   134 O  OE1 . GLU A 1 35  ? 8.559   3.650   -10.856 0.00 133.75 ? 15  GLU A OE1 1 
ATOM   135 O  OE2 . GLU A 1 35  ? 10.590  3.087   -10.241 0.00 137.17 ? 15  GLU A OE2 1 
ATOM   136 N  N   . LEU A 1 36  ? 5.691   0.985   -8.166  1.00 122.39 ? 16  LEU A N   1 
ATOM   137 C  CA  . LEU A 1 36  ? 4.984   0.378   -7.052  1.00 108.73 ? 16  LEU A CA  1 
ATOM   138 C  C   . LEU A 1 36  ? 3.533   0.182   -7.450  1.00 111.24 ? 16  LEU A C   1 
ATOM   139 O  O   . LEU A 1 36  ? 2.995   -0.922  -7.345  1.00 105.18 ? 16  LEU A O   1 
ATOM   140 C  CB  . LEU A 1 36  ? 5.072   1.236   -5.784  1.00 100.19 ? 16  LEU A CB  1 
ATOM   141 C  CG  . LEU A 1 36  ? 4.096   0.826   -4.664  1.00 88.44  ? 16  LEU A CG  1 
ATOM   142 C  CD1 . LEU A 1 36  ? 4.249   -0.643  -4.278  1.00 92.80  ? 16  LEU A CD1 1 
ATOM   143 C  CD2 . LEU A 1 36  ? 4.232   1.696   -3.428  1.00 81.33  ? 16  LEU A CD2 1 
ATOM   144 N  N   . ALA A 1 37  ? 2.918   1.266   -7.917  1.00 113.82 ? 17  ALA A N   1 
ATOM   145 C  CA  . ALA A 1 37  ? 1.533   1.248   -8.376  1.00 110.21 ? 17  ALA A CA  1 
ATOM   146 C  C   . ALA A 1 37  ? 1.282   0.129   -9.387  1.00 120.80 ? 17  ALA A C   1 
ATOM   147 O  O   . ALA A 1 37  ? 0.265   -0.572  -9.319  1.00 118.65 ? 17  ALA A O   1 
ATOM   148 C  CB  . ALA A 1 37  ? 1.160   2.596   -8.976  1.00 103.73 ? 17  ALA A CB  1 
ATOM   149 N  N   . ASP A 1 38  ? 2.217   -0.039  -10.318 1.00 121.52 ? 18  ASP A N   1 
ATOM   150 C  CA  . ASP A 1 38  ? 2.096   -1.078  -11.327 1.00 127.48 ? 18  ASP A CA  1 
ATOM   151 C  C   . ASP A 1 38  ? 2.058   -2.449  -10.675 1.00 120.02 ? 18  ASP A C   1 
ATOM   152 O  O   . ASP A 1 38  ? 1.227   -3.286  -11.018 1.00 123.06 ? 18  ASP A O   1 
ATOM   153 C  CB  . ASP A 1 38  ? 3.247   -1.004  -12.343 1.00 134.74 ? 18  ASP A CB  1 
ATOM   154 C  CG  . ASP A 1 38  ? 2.984   0.005   -13.450 1.00 138.61 ? 18  ASP A CG  1 
ATOM   155 O  OD1 . ASP A 1 38  ? 1.796   0.296   -13.713 1.00 137.31 ? 18  ASP A OD1 1 
ATOM   156 O  OD2 . ASP A 1 38  ? 3.960   0.505   -14.057 1.00 148.22 ? 18  ASP A OD2 1 
ATOM   157 N  N   . GLN A 1 39  ? 2.937   -2.685  -9.713  1.00 112.73 ? 19  GLN A N   1 
ATOM   158 C  CA  . GLN A 1 39  ? 3.011   -4.028  -9.183  1.00 116.24 ? 19  GLN A CA  1 
ATOM   159 C  C   . GLN A 1 39  ? 1.954   -4.313  -8.128  1.00 104.16 ? 19  GLN A C   1 
ATOM   160 O  O   . GLN A 1 39  ? 1.714   -5.469  -7.795  1.00 101.65 ? 19  GLN A O   1 
ATOM   161 C  CB  . GLN A 1 39  ? 4.400   -4.317  -8.641  1.00 122.98 ? 19  GLN A CB  1 
ATOM   162 C  CG  . GLN A 1 39  ? 5.075   -5.395  -9.486  1.00 145.70 ? 19  GLN A CG  1 
ATOM   163 C  CD  . GLN A 1 39  ? 6.223   -6.081  -8.784  1.00 163.05 ? 19  GLN A CD  1 
ATOM   164 O  OE1 . GLN A 1 39  ? 6.026   -6.994  -7.978  1.00 164.15 ? 19  GLN A OE1 1 
ATOM   165 N  NE2 . GLN A 1 39  ? 7.438   -5.649  -9.094  1.00 173.88 ? 19  GLN A NE2 1 
ATOM   166 N  N   . LEU A 1 40  ? 1.302   -3.274  -7.619  1.00 92.02  ? 20  LEU A N   1 
ATOM   167 C  CA  . LEU A 1 40  ? 0.147   -3.477  -6.752  1.00 81.21  ? 20  LEU A CA  1 
ATOM   168 C  C   . LEU A 1 40  ? -0.968  -4.112  -7.563  1.00 94.73  ? 20  LEU A C   1 
ATOM   169 O  O   . LEU A 1 40  ? -1.564  -5.125  -7.192  1.00 96.17  ? 20  LEU A O   1 
ATOM   170 C  CB  . LEU A 1 40  ? -0.337  -2.154  -6.155  1.00 75.48  ? 20  LEU A CB  1 
ATOM   171 C  CG  . LEU A 1 40  ? 0.541   -1.558  -5.062  1.00 87.47  ? 20  LEU A CG  1 
ATOM   172 C  CD1 . LEU A 1 40  ? -0.024  -0.235  -4.572  1.00 92.28  ? 20  LEU A CD1 1 
ATOM   173 C  CD2 . LEU A 1 40  ? 0.672   -2.529  -3.914  1.00 80.90  ? 20  LEU A CD2 1 
ATOM   174 N  N   . VAL A 1 41  ? -1.231  -3.467  -8.685  1.00 92.48  ? 21  VAL A N   1 
ATOM   175 C  CA  . VAL A 1 41  ? -2.208  -3.906  -9.643  1.00 85.37  ? 21  VAL A CA  1 
ATOM   176 C  C   . VAL A 1 41  ? -2.006  -5.369  -9.998  1.00 93.23  ? 21  VAL A C   1 
ATOM   177 O  O   . VAL A 1 41  ? -2.967  -6.130  -10.028 1.00 105.70 ? 21  VAL A O   1 
ATOM   178 C  CB  . VAL A 1 41  ? -2.133  -3.020  -10.904 1.00 86.62  ? 21  VAL A CB  1 
ATOM   179 C  CG1 . VAL A 1 41  ? -2.680  -3.742  -12.139 1.00 85.64  ? 21  VAL A CG1 1 
ATOM   180 C  CG2 . VAL A 1 41  ? -2.851  -1.696  -10.639 1.00 79.38  ? 21  VAL A CG2 1 
ATOM   181 N  N   . LYS A 1 42  ? -0.763  -5.773  -10.236 1.00 90.57  ? 22  LYS A N   1 
ATOM   182 C  CA  . LYS A 1 42  ? -0.521  -7.137  -10.689 1.00 105.42 ? 22  LYS A CA  1 
ATOM   183 C  C   . LYS A 1 42  ? -0.873  -8.130  -9.578  1.00 96.86  ? 22  LYS A C   1 
ATOM   184 O  O   . LYS A 1 42  ? -1.241  -9.273  -9.846  1.00 113.35 ? 22  LYS A O   1 
ATOM   185 C  CB  . LYS A 1 42  ? 0.935   -7.334  -11.144 1.00 103.17 ? 22  LYS A CB  1 
ATOM   186 C  CG  . LYS A 1 42  ? 1.435   -6.362  -12.192 0.00 103.75 ? 22  LYS A CG  1 
ATOM   187 C  CD  . LYS A 1 42  ? 2.905   -6.627  -12.478 0.00 106.16 ? 22  LYS A CD  1 
ATOM   188 C  CE  . LYS A 1 42  ? 3.477   -5.644  -13.481 0.00 110.96 ? 22  LYS A CE  1 
ATOM   189 N  NZ  . LYS A 1 42  ? 4.927   -5.895  -13.715 0.00 114.90 ? 22  LYS A NZ  1 
ATOM   190 N  N   . ASN A 1 43  ? -0.773  -7.692  -8.331  1.00 90.74  ? 23  ASN A N   1 
ATOM   191 C  CA  . ASN A 1 43  ? -1.099  -8.576  -7.209  1.00 88.98  ? 23  ASN A CA  1 
ATOM   192 C  C   . ASN A 1 43  ? -2.462  -8.296  -6.580  1.00 82.17  ? 23  ASN A C   1 
ATOM   193 O  O   . ASN A 1 43  ? -2.694  -8.629  -5.430  1.00 87.33  ? 23  ASN A O   1 
ATOM   194 C  CB  . ASN A 1 43  ? 0.023   -8.519  -6.162  1.00 71.24  ? 23  ASN A CB  1 
ATOM   195 C  CG  . ASN A 1 43  ? 1.303   -9.246  -6.661  1.00 96.95  ? 23  ASN A CG  1 
ATOM   196 O  OD1 . ASN A 1 43  ? 1.292   -10.460 -6.855  1.00 96.71  ? 23  ASN A OD1 1 
ATOM   197 N  ND2 . ASN A 1 43  ? 2.376   -8.499  -6.903  1.00 87.62  ? 23  ASN A ND2 1 
ATOM   198 N  N   . ASN A 1 44  ? -3.360  -7.710  -7.375  1.00 91.89  ? 24  ASN A N   1 
ATOM   199 C  CA  . ASN A 1 44  ? -4.750  -7.458  -7.003  1.00 90.65  ? 24  ASN A CA  1 
ATOM   200 C  C   . ASN A 1 44  ? -4.898  -6.639  -5.720  1.00 87.09  ? 24  ASN A C   1 
ATOM   201 O  O   . ASN A 1 44  ? -5.725  -6.939  -4.868  1.00 91.88  ? 24  ASN A O   1 
ATOM   202 C  CB  . ASN A 1 44  ? -5.508  -8.779  -6.876  1.00 78.96  ? 24  ASN A CB  1 
ATOM   203 C  CG  . ASN A 1 44  ? -5.366  -9.646  -8.102  1.00 102.53 ? 24  ASN A CG  1 
ATOM   204 O  OD1 . ASN A 1 44  ? -6.060  -9.456  -9.102  1.00 118.75 ? 24  ASN A OD1 1 
ATOM   205 N  ND2 . ASN A 1 44  ? -4.456  -10.609 -8.037  1.00 119.16 ? 24  ASN A ND2 1 
ATOM   206 N  N   . PHE A 1 45  ? -4.080  -5.602  -5.600  1.00 86.81  ? 25  PHE A N   1 
ATOM   207 C  CA  . PHE A 1 45  ? -4.211  -4.630  -4.525  1.00 86.76  ? 25  PHE A CA  1 
ATOM   208 C  C   . PHE A 1 45  ? -4.796  -3.346  -5.076  1.00 97.29  ? 25  PHE A C   1 
ATOM   209 O  O   . PHE A 1 45  ? -4.305  -2.812  -6.074  1.00 96.51  ? 25  PHE A O   1 
ATOM   210 C  CB  . PHE A 1 45  ? -2.863  -4.355  -3.863  1.00 89.19  ? 25  PHE A CB  1 
ATOM   211 C  CG  . PHE A 1 45  ? -2.330  -5.523  -3.074  1.00 87.56  ? 25  PHE A CG  1 
ATOM   212 C  CD1 . PHE A 1 45  ? -2.985  -5.957  -1.928  1.00 86.73  ? 25  PHE A CD1 1 
ATOM   213 C  CD2 . PHE A 1 45  ? -1.171  -6.177  -3.464  1.00 82.92  ? 25  PHE A CD2 1 
ATOM   214 C  CE1 . PHE A 1 45  ? -2.508  -7.026  -1.199  1.00 81.59  ? 25  PHE A CE1 1 
ATOM   215 C  CE2 . PHE A 1 45  ? -0.683  -7.259  -2.733  1.00 81.03  ? 25  PHE A CE2 1 
ATOM   216 C  CZ  . PHE A 1 45  ? -1.359  -7.682  -1.600  1.00 80.01  ? 25  PHE A CZ  1 
ATOM   217 N  N   . ARG A 1 46  ? -5.856  -2.868  -4.425  1.00 102.60 ? 26  ARG A N   1 
ATOM   218 C  CA  . ARG A 1 46  ? -6.570  -1.665  -4.854  1.00 103.20 ? 26  ARG A CA  1 
ATOM   219 C  C   . ARG A 1 46  ? -6.200  -0.475  -3.980  1.00 103.90 ? 26  ARG A C   1 
ATOM   220 O  O   . ARG A 1 46  ? -6.669  -0.352  -2.842  1.00 120.15 ? 26  ARG A O   1 
ATOM   221 C  CB  . ARG A 1 46  ? -8.078  -1.899  -4.803  1.00 119.00 ? 26  ARG A CB  1 
ATOM   222 C  CG  . ARG A 1 46  ? -8.502  -3.245  -5.342  1.00 125.57 ? 26  ARG A CG  1 
ATOM   223 C  CD  . ARG A 1 46  ? -8.123  -3.350  -6.795  1.00 131.62 ? 26  ARG A CD  1 
ATOM   224 N  NE  . ARG A 1 46  ? -7.860  -4.726  -7.192  1.00 139.15 ? 26  ARG A NE  1 
ATOM   225 C  CZ  . ARG A 1 46  ? -7.550  -5.084  -8.433  1.00 144.52 ? 26  ARG A CZ  1 
ATOM   226 N  NH1 . ARG A 1 46  ? -7.470  -4.162  -9.381  1.00 146.95 ? 26  ARG A NH1 1 
ATOM   227 N  NH2 . ARG A 1 46  ? -7.327  -6.357  -8.729  1.00 141.06 ? 26  ARG A NH2 1 
ATOM   228 N  N   . ALA A 1 47  ? -5.359  0.402   -4.506  1.00 85.19  ? 27  ALA A N   1 
ATOM   229 C  CA  . ALA A 1 47  ? -4.823  1.492   -3.695  1.00 88.18  ? 27  ALA A CA  1 
ATOM   230 C  C   . ALA A 1 47  ? -5.239  2.865   -4.220  1.00 86.21  ? 27  ALA A C   1 
ATOM   231 O  O   . ALA A 1 47  ? -5.557  3.028   -5.391  1.00 87.32  ? 27  ALA A O   1 
ATOM   232 C  CB  . ALA A 1 47  ? -3.306  1.394   -3.620  1.00 78.04  ? 27  ALA A CB  1 
ATOM   233 N  N   . THR A 1 48  ? -5.251  3.851   -3.335  1.00 84.49  ? 28  THR A N   1 
ATOM   234 C  CA  . THR A 1 48  ? -5.580  5.203   -3.724  1.00 78.00  ? 28  THR A CA  1 
ATOM   235 C  C   . THR A 1 48  ? -4.380  6.117   -3.524  1.00 81.90  ? 28  THR A C   1 
ATOM   236 O  O   . THR A 1 48  ? -3.728  6.094   -2.478  1.00 83.13  ? 28  THR A O   1 
ATOM   237 C  CB  . THR A 1 48  ? -6.784  5.739   -2.922  1.00 94.92  ? 28  THR A CB  1 
ATOM   238 O  OG1 . THR A 1 48  ? -7.978  5.100   -3.384  1.00 112.17 ? 28  THR A OG1 1 
ATOM   239 C  CG2 . THR A 1 48  ? -6.939  7.250   -3.098  1.00 94.23  ? 28  THR A CG2 1 
ATOM   240 N  N   . LYS A 1 49  ? -4.101  6.913   -4.546  1.00 94.06  ? 29  LYS A N   1 
ATOM   241 C  CA  . LYS A 1 49  ? -3.053  7.912   -4.513  1.00 91.48  ? 29  LYS A CA  1 
ATOM   242 C  C   . LYS A 1 49  ? -3.566  9.114   -3.757  1.00 98.55  ? 29  LYS A C   1 
ATOM   243 O  O   . LYS A 1 49  ? -4.577  9.703   -4.133  1.00 116.60 ? 29  LYS A O   1 
ATOM   244 C  CB  . LYS A 1 49  ? -2.637  8.280   -5.939  1.00 99.33  ? 29  LYS A CB  1 
ATOM   245 C  CG  . LYS A 1 49  ? -1.951  7.181   -6.721  0.00 106.72 ? 29  LYS A CG  1 
ATOM   246 C  CD  . LYS A 1 49  ? -1.610  7.643   -8.110  0.00 107.87 ? 29  LYS A CD  1 
ATOM   247 C  CE  . LYS A 1 49  ? -0.904  6.559   -8.882  0.00 114.25 ? 29  LYS A CE  1 
ATOM   248 N  NZ  . LYS A 1 49  ? -0.614  7.051   -10.239 0.00 114.08 ? 29  LYS A NZ  1 
ATOM   249 N  N   . LEU A 1 50  ? -2.876  9.465   -2.681  1.00 103.69 ? 30  LEU A N   1 
ATOM   250 C  CA  . LEU A 1 50  ? -3.308  10.559  -1.816  1.00 107.89 ? 30  LEU A CA  1 
ATOM   251 C  C   . LEU A 1 50  ? -2.615  11.912  -1.826  1.00 114.08 ? 30  LEU A C   1 
ATOM   252 O  O   . LEU A 1 50  ? -3.273  12.939  -1.878  1.00 131.50 ? 30  LEU A O   1 
ATOM   253 C  CB  . LEU A 1 50  ? -3.132  10.183  -0.344  1.00 106.61 ? 30  LEU A CB  1 
ATOM   254 C  CG  . LEU A 1 50  ? -4.104  9.162   0.238   1.00 105.84 ? 30  LEU A CG  1 
ATOM   255 C  CD1 . LEU A 1 50  ? -3.934  9.106   1.742   1.00 104.75 ? 30  LEU A CD1 1 
ATOM   256 C  CD2 . LEU A 1 50  ? -5.533  9.516   -0.144  1.00 104.10 ? 30  LEU A CD2 1 
ATOM   257 N  N   . ALA A 1 51  ? -1.289  11.910  -1.761  1.00 115.14 ? 31  ALA A N   1 
ATOM   258 C  CA  . ALA A 1 51  ? -0.561  13.175  -1.728  1.00 121.65 ? 31  ALA A CA  1 
ATOM   259 C  C   . ALA A 1 51  ? 0.889   13.016  -2.140  1.00 120.30 ? 31  ALA A C   1 
ATOM   260 O  O   . ALA A 1 51  ? 1.544   12.049  -1.757  1.00 107.63 ? 31  ALA A O   1 
ATOM   261 C  CB  . ALA A 1 51  ? -0.637  13.791  -0.327  1.00 114.94 ? 31  ALA A CB  1 
ATOM   262 N  N   . THR A 1 52  ? 1.393   13.986  -2.897  1.00 118.36 ? 32  THR A N   1 
ATOM   263 C  CA  . THR A 1 52  ? 2.791   13.973  -3.306  1.00 127.67 ? 32  THR A CA  1 
ATOM   264 C  C   . THR A 1 52  ? 3.556   15.223  -2.892  1.00 138.00 ? 32  THR A C   1 
ATOM   265 O  O   . THR A 1 52  ? 2.991   16.167  -2.343  1.00 141.02 ? 32  THR A O   1 
ATOM   266 C  CB  . THR A 1 52  ? 2.933   13.832  -4.821  1.00 147.79 ? 32  THR A CB  1 
ATOM   267 O  OG1 . THR A 1 52  ? 4.296   14.065  -5.200  1.00 160.23 ? 32  THR A OG1 1 
ATOM   268 C  CG2 . THR A 1 52  ? 2.041   14.836  -5.519  1.00 151.59 ? 32  THR A CG2 1 
ATOM   269 N  N   . THR A 1 53  ? 4.852   15.211  -3.188  1.00 146.52 ? 33  THR A N   1 
ATOM   270 C  CA  . THR A 1 53  ? 5.717   16.366  -3.008  1.00 135.09 ? 33  THR A CA  1 
ATOM   271 C  C   . THR A 1 53  ? 6.380   16.738  -4.326  1.00 132.32 ? 33  THR A C   1 
ATOM   272 O  O   . THR A 1 53  ? 6.397   17.906  -4.723  1.00 147.79 ? 33  THR A O   1 
ATOM   273 C  CB  . THR A 1 53  ? 6.803   16.097  -1.958  1.00 140.06 ? 33  THR A CB  1 
ATOM   274 O  OG1 . THR A 1 53  ? 6.191   15.844  -0.686  1.00 128.18 ? 33  THR A OG1 1 
ATOM   275 C  CG2 . THR A 1 53  ? 7.733   17.292  -1.845  1.00 158.96 ? 33  THR A CG2 1 
ATOM   276 N  N   . ASN A 1 61  ? 7.404   12.962  -2.366  1.00 124.19 ? 41  ASN A N   1 
ATOM   277 C  CA  . ASN A 1 61  ? 6.879   11.819  -1.623  1.00 122.47 ? 41  ASN A CA  1 
ATOM   278 C  C   . ASN A 1 61  ? 5.388   11.625  -1.804  1.00 120.52 ? 41  ASN A C   1 
ATOM   279 O  O   . ASN A 1 61  ? 4.590   12.485  -1.451  1.00 129.84 ? 41  ASN A O   1 
ATOM   280 C  CB  . ASN A 1 61  ? 7.187   11.955  -0.139  1.00 125.34 ? 41  ASN A CB  1 
ATOM   281 C  CG  . ASN A 1 61  ? 8.657   12.081  0.125   1.00 145.77 ? 41  ASN A CG  1 
ATOM   282 O  OD1 . ASN A 1 61  ? 9.350   11.085  0.322   1.00 147.45 ? 41  ASN A OD1 1 
ATOM   283 N  ND2 . ASN A 1 61  ? 9.156   13.313  0.108   1.00 162.98 ? 41  ASN A ND2 1 
ATOM   284 N  N   . THR A 1 62  ? 5.035   10.459  -2.331  1.00 109.32 ? 42  THR A N   1 
ATOM   285 C  CA  . THR A 1 62  ? 3.661   10.106  -2.642  1.00 102.71 ? 42  THR A CA  1 
ATOM   286 C  C   . THR A 1 62  ? 3.021   9.305   -1.504  1.00 95.91  ? 42  THR A C   1 
ATOM   287 O  O   . THR A 1 62  ? 3.639   8.382   -0.972  1.00 101.25 ? 42  THR A O   1 
ATOM   288 C  CB  . THR A 1 62  ? 3.600   9.291   -3.959  1.00 101.25 ? 42  THR A CB  1 
ATOM   289 O  OG1 . THR A 1 62  ? 3.984   10.128  -5.058  1.00 111.01 ? 42  THR A OG1 1 
ATOM   290 C  CG2 . THR A 1 62  ? 2.203   8.752   -4.207  1.00 93.98  ? 42  THR A CG2 1 
ATOM   291 N  N   . THR A 1 63  ? 1.793   9.649   -1.119  1.00 90.44  ? 43  THR A N   1 
ATOM   292 C  CA  . THR A 1 63  ? 1.111   8.853   -0.104  1.00 88.27  ? 43  THR A CA  1 
ATOM   293 C  C   . THR A 1 63  ? 0.002   8.037   -0.748  1.00 90.60  ? 43  THR A C   1 
ATOM   294 O  O   . THR A 1 63  ? -0.785  8.540   -1.540  1.00 95.63  ? 43  THR A O   1 
ATOM   295 C  CB  . THR A 1 63  ? 0.520   9.711   1.037   1.00 89.74  ? 43  THR A CB  1 
ATOM   296 O  OG1 . THR A 1 63  ? 1.410   10.787  1.357   1.00 103.62 ? 43  THR A OG1 1 
ATOM   297 C  CG2 . THR A 1 63  ? 0.329   8.860   2.264   1.00 79.52  ? 43  THR A CG2 1 
ATOM   298 N  N   . PHE A 1 64  ? -0.018  6.758   -0.415  1.00 77.12  ? 44  PHE A N   1 
ATOM   299 C  CA  . PHE A 1 64  ? -0.966  5.805   -0.955  1.00 78.05  ? 44  PHE A CA  1 
ATOM   300 C  C   . PHE A 1 64  ? -1.715  5.251   0.236   1.00 82.86  ? 44  PHE A C   1 
ATOM   301 O  O   . PHE A 1 64  ? -1.135  5.085   1.308   1.00 79.09  ? 44  PHE A O   1 
ATOM   302 C  CB  . PHE A 1 64  ? -0.263  4.634   -1.684  1.00 82.05  ? 44  PHE A CB  1 
ATOM   303 C  CG  . PHE A 1 64  ? 0.063   4.884   -3.149  1.00 115.30 ? 44  PHE A CG  1 
ATOM   304 C  CD1 . PHE A 1 64  ? -0.939  4.894   -4.118  1.00 129.59 ? 44  PHE A CD1 1 
ATOM   305 C  CD2 . PHE A 1 64  ? 1.381   5.029   -3.570  1.00 106.86 ? 44  PHE A CD2 1 
ATOM   306 C  CE1 . PHE A 1 64  ? -0.633  5.090   -5.475  1.00 115.21 ? 44  PHE A CE1 1 
ATOM   307 C  CE2 . PHE A 1 64  ? 1.686   5.217   -4.915  1.00 106.65 ? 44  PHE A CE2 1 
ATOM   308 C  CZ  . PHE A 1 64  ? 0.678   5.250   -5.867  1.00 110.43 ? 44  PHE A CZ  1 
ATOM   309 N  N   . LEU A 1 65  ? -2.975  4.908   0.076   1.00 83.22  ? 45  LEU A N   1 
ATOM   310 C  CA  . LEU A 1 65  ? -3.536  4.031   1.077   1.00 75.62  ? 45  LEU A CA  1 
ATOM   311 C  C   . LEU A 1 65  ? -4.211  2.867   0.391   1.00 86.20  ? 45  LEU A C   1 
ATOM   312 O  O   . LEU A 1 65  ? -4.729  2.983   -0.722  1.00 86.22  ? 45  LEU A O   1 
ATOM   313 C  CB  . LEU A 1 65  ? -4.489  4.772   2.015   1.00 78.50  ? 45  LEU A CB  1 
ATOM   314 C  CG  . LEU A 1 65  ? -5.618  5.644   1.492   1.00 80.04  ? 45  LEU A CG  1 
ATOM   315 C  CD1 . LEU A 1 65  ? -6.761  4.794   0.976   1.00 85.45  ? 45  LEU A CD1 1 
ATOM   316 C  CD2 . LEU A 1 65  ? -6.089  6.514   2.623   1.00 89.84  ? 45  LEU A CD2 1 
ATOM   317 N  N   . CYS A 1 66  ? -4.179  1.724   1.053   1.00 75.86  ? 46  CYS A N   1 
ATOM   318 C  CA  . CYS A 1 66  ? -4.710  0.546   0.433   1.00 67.10  ? 46  CYS A CA  1 
ATOM   319 C  C   . CYS A 1 66  ? -5.304  -0.380  1.450   1.00 59.48  ? 46  CYS A C   1 
ATOM   320 O  O   . CYS A 1 66  ? -4.656  -0.766  2.438   1.00 68.33  ? 46  CYS A O   1 
ATOM   321 C  CB  . CYS A 1 66  ? -3.628  -0.178  -0.348  1.00 75.01  ? 46  CYS A CB  1 
ATOM   322 S  SG  . CYS A 1 66  ? -4.296  -1.561  -1.243  1.00 78.60  ? 46  CYS A SG  1 
ATOM   323 N  N   . GLY A 1 67  ? -6.552  -0.733  1.193   1.00 64.94  ? 47  GLY A N   1 
ATOM   324 C  CA  . GLY A 1 67  ? -7.269  -1.638  2.061   1.00 69.85  ? 47  GLY A CA  1 
ATOM   325 C  C   . GLY A 1 67  ? -6.864  -3.043  1.726   1.00 76.27  ? 47  GLY A C   1 
ATOM   326 O  O   . GLY A 1 67  ? -6.987  -3.479  0.578   1.00 90.81  ? 47  GLY A O   1 
ATOM   327 N  N   . VAL A 1 68  ? -6.390  -3.759  2.734   1.00 75.70  ? 48  VAL A N   1 
ATOM   328 C  CA  . VAL A 1 68  ? -5.898  -5.118  2.538   1.00 71.73  ? 48  VAL A CA  1 
ATOM   329 C  C   . VAL A 1 68  ? -6.470  -6.108  3.568   1.00 75.19  ? 48  VAL A C   1 
ATOM   330 O  O   . VAL A 1 68  ? -6.782  -5.736  4.699   1.00 88.69  ? 48  VAL A O   1 
ATOM   331 C  CB  . VAL A 1 68  ? -4.370  -5.087  2.568   1.00 73.43  ? 48  VAL A CB  1 
ATOM   332 C  CG1 . VAL A 1 68  ? -3.778  -6.422  2.918   1.00 91.28  ? 48  VAL A CG1 1 
ATOM   333 C  CG2 . VAL A 1 68  ? -3.876  -4.612  1.233   1.00 79.80  ? 48  VAL A CG2 1 
ATOM   334 N  N   . ASN A 1 69  ? -6.668  -7.349  3.139   1.00 62.42  ? 49  ASN A N   1 
ATOM   335 C  CA  . ASN A 1 69  ? -7.082  -8.448  4.019   1.00 69.07  ? 49  ASN A CA  1 
ATOM   336 C  C   . ASN A 1 69  ? -5.932  -8.858  4.948   1.00 70.07  ? 49  ASN A C   1 
ATOM   337 O  O   . ASN A 1 69  ? -4.788  -8.830  4.522   1.00 73.64  ? 49  ASN A O   1 
ATOM   338 C  CB  . ASN A 1 69  ? -7.543  -9.652  3.165   1.00 66.50  ? 49  ASN A CB  1 
ATOM   339 C  CG  . ASN A 1 69  ? -8.702  -10.418 3.792   1.00 88.51  ? 49  ASN A CG  1 
ATOM   340 O  OD1 . ASN A 1 69  ? -8.524  -11.157 4.761   1.00 112.27 ? 49  ASN A OD1 1 
ATOM   341 N  ND2 . ASN A 1 69  ? -9.894  -10.257 3.227   1.00 97.50  ? 49  ASN A ND2 1 
ATOM   342 N  N   . ASP A 1 70  ? -6.224  -9.231  6.198   1.00 77.89  ? 50  ASP A N   1 
ATOM   343 C  CA  . ASP A 1 70  ? -5.203  -9.721  7.154   1.00 75.26  ? 50  ASP A CA  1 
ATOM   344 C  C   . ASP A 1 70  ? -4.142  -10.673 6.614   1.00 77.87  ? 50  ASP A C   1 
ATOM   345 O  O   . ASP A 1 70  ? -2.962  -10.540 6.902   1.00 87.46  ? 50  ASP A O   1 
ATOM   346 C  CB  . ASP A 1 70  ? -5.853  -10.535 8.275   1.00 73.01  ? 50  ASP A CB  1 
ATOM   347 C  CG  . ASP A 1 70  ? -6.630  -9.699  9.215   1.00 89.52  ? 50  ASP A CG  1 
ATOM   348 O  OD1 . ASP A 1 70  ? -6.505  -8.454  9.139   1.00 97.44  ? 50  ASP A OD1 1 
ATOM   349 O  OD2 . ASP A 1 70  ? -7.363  -10.293 10.036  1.00 96.44  ? 50  ASP A OD2 1 
ATOM   350 N  N   . ASP A 1 71  ? -4.629  -11.658 5.866   1.00 81.26  ? 51  ASP A N   1 
ATOM   351 C  CA  . ASP A 1 71  ? -3.876  -12.643 5.098   1.00 82.89  ? 51  ASP A CA  1 
ATOM   352 C  C   . ASP A 1 71  ? -2.792  -12.091 4.205   1.00 74.69  ? 51  ASP A C   1 
ATOM   353 O  O   . ASP A 1 71  ? -1.899  -12.821 3.772   1.00 85.09  ? 51  ASP A O   1 
ATOM   354 C  CB  . ASP A 1 71  ? -4.845  -13.407 4.186   1.00 83.14  ? 51  ASP A CB  1 
ATOM   355 C  CG  . ASP A 1 71  ? -5.382  -14.639 4.813   1.00 108.98 ? 51  ASP A CG  1 
ATOM   356 O  OD1 . ASP A 1 71  ? -4.622  -15.322 5.529   1.00 130.35 ? 51  ASP A OD1 1 
ATOM   357 O  OD2 . ASP A 1 71  ? -6.570  -14.930 4.575   1.00 124.22 ? 51  ASP A OD2 1 
ATOM   358 N  N   . ARG A 1 72  ? -2.911  -10.825 3.849   1.00 72.47  ? 52  ARG A N   1 
ATOM   359 C  CA  . ARG A 1 72  ? -2.192  -10.350 2.689   1.00 81.32  ? 52  ARG A CA  1 
ATOM   360 C  C   . ARG A 1 72  ? -1.344  -9.153  3.014   1.00 76.09  ? 52  ARG A C   1 
ATOM   361 O  O   . ARG A 1 72  ? -0.825  -8.505  2.110   1.00 75.23  ? 52  ARG A O   1 
ATOM   362 C  CB  . ARG A 1 72  ? -3.165  -10.012 1.556   1.00 83.70  ? 52  ARG A CB  1 
ATOM   363 C  CG  . ARG A 1 72  ? -3.759  -11.227 0.860   1.00 77.87  ? 52  ARG A CG  1 
ATOM   364 C  CD  . ARG A 1 72  ? -4.423  -10.824 -0.442  1.00 78.19  ? 52  ARG A CD  1 
ATOM   365 N  NE  . ARG A 1 72  ? -3.459  -10.815 -1.535  1.00 81.82  ? 52  ARG A NE  1 
ATOM   366 C  CZ  . ARG A 1 72  ? -3.523  -10.029 -2.604  1.00 70.91  ? 52  ARG A CZ  1 
ATOM   367 N  NH1 . ARG A 1 72  ? -4.496  -9.148  -2.762  1.00 73.28  ? 52  ARG A NH1 1 
ATOM   368 N  NH2 . ARG A 1 72  ? -2.580  -10.117 -3.519  1.00 95.71  ? 52  ARG A NH2 1 
ATOM   369 N  N   . VAL A 1 73  ? -1.218  -8.863  4.305   1.00 67.62  ? 53  VAL A N   1 
ATOM   370 C  CA  . VAL A 1 73  ? -0.401  -7.745  4.747   1.00 76.15  ? 53  VAL A CA  1 
ATOM   371 C  C   . VAL A 1 73  ? 1.050   -8.007  4.439   1.00 71.82  ? 53  VAL A C   1 
ATOM   372 O  O   . VAL A 1 73  ? 1.733   -7.179  3.838   1.00 71.26  ? 53  VAL A O   1 
ATOM   373 C  CB  . VAL A 1 73  ? -0.537  -7.488  6.232   1.00 72.11  ? 53  VAL A CB  1 
ATOM   374 C  CG1 . VAL A 1 73  ? 0.477   -6.425  6.665   1.00 67.33  ? 53  VAL A CG1 1 
ATOM   375 C  CG2 . VAL A 1 73  ? -1.934  -7.043  6.516   1.00 62.94  ? 53  VAL A CG2 1 
ATOM   376 N  N   . ASP A 1 74  ? 1.510   -9.177  4.843   1.00 64.71  ? 54  ASP A N   1 
ATOM   377 C  CA  . ASP A 1 74  ? 2.884   -9.563  4.587   1.00 82.12  ? 54  ASP A CA  1 
ATOM   378 C  C   . ASP A 1 74  ? 3.139   -9.463  3.108   1.00 84.43  ? 54  ASP A C   1 
ATOM   379 O  O   . ASP A 1 74  ? 4.211   -9.059  2.689   1.00 90.97  ? 54  ASP A O   1 
ATOM   380 C  CB  . ASP A 1 74  ? 3.168   -10.975 5.091   1.00 73.54  ? 54  ASP A CB  1 
ATOM   381 C  CG  . ASP A 1 74  ? 3.369   -11.023 6.586   1.00 88.48  ? 54  ASP A CG  1 
ATOM   382 O  OD1 . ASP A 1 74  ? 3.220   -9.971  7.262   1.00 87.86  ? 54  ASP A OD1 1 
ATOM   383 O  OD2 . ASP A 1 74  ? 3.675   -12.121 7.092   1.00 113.56 ? 54  ASP A OD2 1 
ATOM   384 N  N   . GLU A 1 75  ? 2.123   -9.790  2.323   1.00 87.95  ? 55  GLU A N   1 
ATOM   385 C  CA  . GLU A 1 75  ? 2.247   -9.776  0.876   1.00 78.98  ? 55  GLU A CA  1 
ATOM   386 C  C   . GLU A 1 75  ? 2.497   -8.352  0.387   1.00 81.68  ? 55  GLU A C   1 
ATOM   387 O  O   . GLU A 1 75  ? 3.434   -8.104  -0.373  1.00 89.15  ? 55  GLU A O   1 
ATOM   388 C  CB  . GLU A 1 75  ? 0.998   -10.364 0.237   1.00 89.71  ? 55  GLU A CB  1 
ATOM   389 C  CG  . GLU A 1 75  ? 1.083   -10.566 -1.255  1.00 108.51 ? 55  GLU A CG  1 
ATOM   390 C  CD  . GLU A 1 75  ? -0.075  -11.388 -1.801  1.00 119.20 ? 55  GLU A CD  1 
ATOM   391 O  OE1 . GLU A 1 75  ? -0.753  -12.076 -1.008  1.00 122.16 ? 55  GLU A OE1 1 
ATOM   392 O  OE2 . GLU A 1 75  ? -0.301  -11.352 -3.028  1.00 128.70 ? 55  GLU A OE2 1 
ATOM   393 N  N   . ILE A 1 76  ? 1.694   -7.405  0.856   1.00 69.83  ? 56  ILE A N   1 
ATOM   394 C  CA  . ILE A 1 76  ? 1.781   -6.049  0.333   1.00 79.59  ? 56  ILE A CA  1 
ATOM   395 C  C   . ILE A 1 76  ? 3.001   -5.302  0.886   1.00 85.59  ? 56  ILE A C   1 
ATOM   396 O  O   . ILE A 1 76  ? 3.633   -4.526  0.174   1.00 89.20  ? 56  ILE A O   1 
ATOM   397 C  CB  . ILE A 1 76  ? 0.491   -5.256  0.612   1.00 80.38  ? 56  ILE A CB  1 
ATOM   398 C  CG1 . ILE A 1 76  ? 0.461   -3.987  -0.236  1.00 78.42  ? 56  ILE A CG1 1 
ATOM   399 C  CG2 . ILE A 1 76  ? 0.306   -4.961  2.101   1.00 74.59  ? 56  ILE A CG2 1 
ATOM   400 C  CD1 . ILE A 1 76  ? -0.854  -3.236  -0.142  1.00 78.07  ? 56  ILE A CD1 1 
ATOM   401 N  N   . LEU A 1 77  ? 3.344   -5.563  2.140   1.00 84.26  ? 57  LEU A N   1 
ATOM   402 C  CA  . LEU A 1 77  ? 4.610   -5.106  2.696   1.00 85.91  ? 57  LEU A CA  1 
ATOM   403 C  C   . LEU A 1 77  ? 5.754   -5.474  1.759   1.00 97.44  ? 57  LEU A C   1 
ATOM   404 O  O   . LEU A 1 77  ? 6.593   -4.636  1.396   1.00 102.91 ? 57  LEU A O   1 
ATOM   405 C  CB  . LEU A 1 77  ? 4.842   -5.723  4.078   1.00 82.59  ? 57  LEU A CB  1 
ATOM   406 C  CG  . LEU A 1 77  ? 3.863   -5.255  5.171   1.00 86.61  ? 57  LEU A CG  1 
ATOM   407 C  CD1 . LEU A 1 77  ? 4.157   -5.918  6.508   1.00 79.76  ? 57  LEU A CD1 1 
ATOM   408 C  CD2 . LEU A 1 77  ? 3.893   -3.750  5.305   1.00 73.48  ? 57  LEU A CD2 1 
ATOM   409 N  N   . SER A 1 78  ? 5.759   -6.735  1.348   1.00 91.88  ? 58  SER A N   1 
ATOM   410 C  CA  . SER A 1 78  ? 6.836   -7.268  0.532   1.00 82.81  ? 58  SER A CA  1 
ATOM   411 C  C   . SER A 1 78  ? 6.893   -6.589  -0.827  1.00 88.89  ? 58  SER A C   1 
ATOM   412 O  O   . SER A 1 78  ? 7.963   -6.405  -1.392  1.00 93.46  ? 58  SER A O   1 
ATOM   413 C  CB  . SER A 1 78  ? 6.662   -8.770  0.361   1.00 88.02  ? 58  SER A CB  1 
ATOM   414 O  OG  . SER A 1 78  ? 7.665   -9.305  -0.486  1.00 100.26 ? 58  SER A OG  1 
ATOM   415 N  N   . VAL A 1 79  ? 5.733   -6.215  -1.348  1.00 90.85  ? 59  VAL A N   1 
ATOM   416 C  CA  . VAL A 1 79  ? 5.686   -5.592  -2.653  1.00 84.24  ? 59  VAL A CA  1 
ATOM   417 C  C   . VAL A 1 79  ? 6.229   -4.186  -2.527  1.00 93.22  ? 59  VAL A C   1 
ATOM   418 O  O   . VAL A 1 79  ? 7.062   -3.758  -3.333  1.00 106.91 ? 59  VAL A O   1 
ATOM   419 C  CB  . VAL A 1 79  ? 4.255   -5.563  -3.234  1.00 87.55  ? 59  VAL A CB  1 
ATOM   420 C  CG1 . VAL A 1 79  ? 4.120   -4.467  -4.276  1.00 95.17  ? 59  VAL A CG1 1 
ATOM   421 C  CG2 . VAL A 1 79  ? 3.892   -6.907  -3.832  1.00 83.21  ? 59  VAL A CG2 1 
ATOM   422 N  N   . ILE A 1 80  ? 5.756   -3.475  -1.509  1.00 90.09  ? 60  ILE A N   1 
ATOM   423 C  CA  . ILE A 1 80  ? 6.214   -2.121  -1.245  1.00 91.36  ? 60  ILE A CA  1 
ATOM   424 C  C   . ILE A 1 80  ? 7.714   -2.161  -1.080  1.00 102.27 ? 60  ILE A C   1 
ATOM   425 O  O   . ILE A 1 80  ? 8.441   -1.344  -1.645  1.00 110.40 ? 60  ILE A O   1 
ATOM   426 C  CB  . ILE A 1 80  ? 5.574   -1.518  0.026   1.00 84.41  ? 60  ILE A CB  1 
ATOM   427 C  CG1 . ILE A 1 80  ? 4.127   -1.101  -0.232  1.00 78.70  ? 60  ILE A CG1 1 
ATOM   428 C  CG2 . ILE A 1 80  ? 6.361   -0.301  0.481   1.00 91.69  ? 60  ILE A CG2 1 
ATOM   429 C  CD1 . ILE A 1 80  ? 3.265   -1.218  0.989   1.00 70.36  ? 60  ILE A CD1 1 
ATOM   430 N  N   . ASN A 1 81  ? 8.176   -3.145  -0.319  1.00 94.10  ? 61  ASN A N   1 
ATOM   431 C  CA  . ASN A 1 81  ? 9.595   -3.277  -0.075  1.00 92.04  ? 61  ASN A CA  1 
ATOM   432 C  C   . ASN A 1 81  ? 10.414  -3.511  -1.339  1.00 104.97 ? 61  ASN A C   1 
ATOM   433 O  O   . ASN A 1 81  ? 11.399  -2.822  -1.567  1.00 117.44 ? 61  ASN A O   1 
ATOM   434 C  CB  . ASN A 1 81  ? 9.856   -4.407  0.907   1.00 97.67  ? 61  ASN A CB  1 
ATOM   435 C  CG  . ASN A 1 81  ? 11.322  -4.566  1.206   1.00 107.31 ? 61  ASN A CG  1 
ATOM   436 O  OD1 . ASN A 1 81  ? 11.872  -3.849  2.034   1.00 112.21 ? 61  ASN A OD1 1 
ATOM   437 N  ND2 . ASN A 1 81  ? 11.971  -5.496  0.515   1.00 115.67 ? 61  ASN A ND2 1 
ATOM   438 N  N   . GLN A 1 82  ? 10.023  -4.484  -2.155  1.00 101.77 ? 62  GLN A N   1 
ATOM   439 C  CA  . GLN A 1 82  ? 10.773  -4.778  -3.380  1.00 107.62 ? 62  GLN A CA  1 
ATOM   440 C  C   . GLN A 1 82  ? 10.837  -3.583  -4.338  1.00 111.73 ? 62  GLN A C   1 
ATOM   441 O  O   . GLN A 1 82  ? 11.861  -3.354  -4.974  1.00 127.13 ? 62  GLN A O   1 
ATOM   442 C  CB  . GLN A 1 82  ? 10.159  -5.978  -4.116  1.00 112.59 ? 62  GLN A CB  1 
ATOM   443 C  CG  . GLN A 1 82  ? 10.392  -7.344  -3.473  1.00 105.87 ? 62  GLN A CG  1 
ATOM   444 C  CD  . GLN A 1 82  ? 9.620   -8.445  -4.169  0.00 105.00 ? 62  GLN A CD  1 
ATOM   445 O  OE1 . GLN A 1 82  ? 8.740   -8.179  -4.989  0.00 103.47 ? 62  GLN A OE1 1 
ATOM   446 N  NE2 . GLN A 1 82  ? 9.946   -9.691  -3.848  0.00 107.39 ? 62  GLN A NE2 1 
ATOM   447 N  N   . THR A 1 83  ? 9.748   -2.822  -4.439  1.00 109.48 ? 63  THR A N   1 
ATOM   448 C  CA  . THR A 1 83  ? 9.672   -1.749  -5.430  1.00 112.04 ? 63  THR A CA  1 
ATOM   449 C  C   . THR A 1 83  ? 10.044  -0.373  -4.872  1.00 108.90 ? 63  THR A C   1 
ATOM   450 O  O   . THR A 1 83  ? 10.251  0.575   -5.633  1.00 115.31 ? 63  THR A O   1 
ATOM   451 C  CB  . THR A 1 83  ? 8.257   -1.647  -6.049  1.00 113.30 ? 63  THR A CB  1 
ATOM   452 O  OG1 . THR A 1 83  ? 7.318   -1.248  -5.047  1.00 109.69 ? 63  THR A OG1 1 
ATOM   453 C  CG2 . THR A 1 83  ? 7.823   -2.973  -6.650  1.00 103.96 ? 63  THR A CG2 1 
ATOM   454 N  N   . CYS A 1 84  ? 10.112  -0.260  -3.549  1.00 103.56 ? 64  CYS A N   1 
ATOM   455 C  CA  . CYS A 1 84  ? 10.409  1.024   -2.911  1.00 108.29 ? 64  CYS A CA  1 
ATOM   456 C  C   . CYS A 1 84  ? 11.439  0.883   -1.786  1.00 112.79 ? 64  CYS A C   1 
ATOM   457 O  O   . CYS A 1 84  ? 11.879  -0.219  -1.471  1.00 116.44 ? 64  CYS A O   1 
ATOM   458 C  CB  . CYS A 1 84  ? 9.123   1.651   -2.381  1.00 89.59  ? 64  CYS A CB  1 
ATOM   459 S  SG  . CYS A 1 84  ? 7.804   1.691   -3.609  1.00 106.96 ? 64  CYS A SG  1 
ATOM   460 N  N   . GLY A 1 85  ? 11.851  1.996   -1.193  1.00 109.24 ? 65  GLY A N   1 
ATOM   461 C  CA  . GLY A 1 85  ? 12.896  1.930   -0.183  1.00 113.03 ? 65  GLY A CA  1 
ATOM   462 C  C   . GLY A 1 85  ? 14.221  1.504   -0.785  1.00 117.49 ? 65  GLY A C   1 
ATOM   463 O  O   . GLY A 1 85  ? 14.296  1.222   -1.983  1.00 115.97 ? 65  GLY A O   1 
ATOM   464 N  N   . ASN A 1 86  ? 15.266  1.459   0.037   1.00 128.97 ? 66  ASN A N   1 
ATOM   465 C  CA  . ASN A 1 86  ? 16.617  1.132   -0.440  1.00 139.00 ? 66  ASN A CA  1 
ATOM   466 C  C   . ASN A 1 86  ? 17.526  0.815   0.731   1.00 148.84 ? 66  ASN A C   1 
ATOM   467 O  O   . ASN A 1 86  ? 17.234  1.208   1.862   1.00 153.60 ? 66  ASN A O   1 
ATOM   468 C  CB  . ASN A 1 86  ? 17.208  2.287   -1.255  1.00 135.72 ? 66  ASN A CB  1 
ATOM   469 C  CG  . ASN A 1 86  ? 18.212  1.824   -2.299  1.00 160.94 ? 66  ASN A CG  1 
ATOM   470 O  OD1 . ASN A 1 86  ? 19.374  2.272   -2.325  1.00 166.68 ? 66  ASN A OD1 1 
ATOM   471 N  ND2 . ASN A 1 86  ? 17.767  0.930   -3.181  1.00 158.00 ? 66  ASN A ND2 1 
ATOM   472 N  N   . GLY A 1 114 ? 16.312  5.118   -2.240  1.00 114.52 ? 94  GLY A N   1 
ATOM   473 C  CA  . GLY A 1 114 ? 14.882  4.904   -2.127  1.00 110.28 ? 94  GLY A CA  1 
ATOM   474 C  C   . GLY A 1 114 ? 14.453  4.881   -0.667  1.00 117.92 ? 94  GLY A C   1 
ATOM   475 O  O   . GLY A 1 114 ? 15.271  4.639   0.221   1.00 131.75 ? 94  GLY A O   1 
ATOM   476 N  N   . GLY A 1 115 ? 13.171  5.122   -0.417  1.00 113.18 ? 95  GLY A N   1 
ATOM   477 C  CA  . GLY A 1 115 ? 12.654  5.152   0.942   1.00 113.38 ? 95  GLY A CA  1 
ATOM   478 C  C   . GLY A 1 115 ? 11.209  4.710   0.993   1.00 105.95 ? 95  GLY A C   1 
ATOM   479 O  O   . GLY A 1 115 ? 10.502  4.819   -0.003  1.00 106.29 ? 95  GLY A O   1 
ATOM   480 N  N   . ALA A 1 116 ? 10.778  4.205   2.150   1.00 107.60 ? 96  ALA A N   1 
ATOM   481 C  CA  . ALA A 1 116 ? 9.384   3.804   2.351   1.00 99.30  ? 96  ALA A CA  1 
ATOM   482 C  C   . ALA A 1 116 ? 8.984   3.758   3.814   1.00 94.51  ? 96  ALA A C   1 
ATOM   483 O  O   . ALA A 1 116 ? 9.697   3.208   4.655   1.00 97.26  ? 96  ALA A O   1 
ATOM   484 C  CB  . ALA A 1 116 ? 9.125   2.454   1.718   1.00 100.72 ? 96  ALA A CB  1 
ATOM   485 N  N   . THR A 1 117 ? 7.815   4.311   4.104   1.00 86.85  ? 97  THR A N   1 
ATOM   486 C  CA  . THR A 1 117 ? 7.258   4.248   5.445   1.00 82.52  ? 97  THR A CA  1 
ATOM   487 C  C   . THR A 1 117 ? 5.829   3.710   5.402   1.00 81.76  ? 97  THR A C   1 
ATOM   488 O  O   . THR A 1 117 ? 4.996   4.183   4.626   1.00 89.46  ? 97  THR A O   1 
ATOM   489 C  CB  . THR A 1 117 ? 7.305   5.621   6.125   1.00 87.35  ? 97  THR A CB  1 
ATOM   490 O  OG1 . THR A 1 117 ? 8.679   5.963   6.365   1.00 104.79 ? 97  THR A OG1 1 
ATOM   491 C  CG2 . THR A 1 117 ? 6.594   5.567   7.454   1.00 82.13  ? 97  THR A CG2 1 
ATOM   492 N  N   . VAL A 1 118 ? 5.552   2.698   6.221   1.00 72.07  ? 98  VAL A N   1 
ATOM   493 C  CA  . VAL A 1 118 ? 4.296   1.969   6.112   1.00 79.22  ? 98  VAL A CA  1 
ATOM   494 C  C   . VAL A 1 118 ? 3.567   1.787   7.438   1.00 84.32  ? 98  VAL A C   1 
ATOM   495 O  O   . VAL A 1 118 ? 4.158   1.353   8.431   1.00 78.50  ? 98  VAL A O   1 
ATOM   496 C  CB  . VAL A 1 118 ? 4.517   0.572   5.500   1.00 77.20  ? 98  VAL A CB  1 
ATOM   497 C  CG1 . VAL A 1 118 ? 3.173   -0.114  5.276   1.00 67.41  ? 98  VAL A CG1 1 
ATOM   498 C  CG2 . VAL A 1 118 ? 5.295   0.675   4.182   1.00 78.52  ? 98  VAL A CG2 1 
ATOM   499 N  N   . PHE A 1 119 ? 2.276   2.110   7.432   1.00 84.33  ? 99  PHE A N   1 
ATOM   500 C  CA  . PHE A 1 119 ? 1.413   1.865   8.578   1.00 86.13  ? 99  PHE A CA  1 
ATOM   501 C  C   . PHE A 1 119 ? 0.343   0.833   8.274   1.00 72.43  ? 99  PHE A C   1 
ATOM   502 O  O   . PHE A 1 119 ? -0.366  0.926   7.280   1.00 64.90  ? 99  PHE A O   1 
ATOM   503 C  CB  . PHE A 1 119 ? 0.759   3.159   9.048   1.00 87.01  ? 99  PHE A CB  1 
ATOM   504 C  CG  . PHE A 1 119 ? 1.741   4.192   9.459   1.00 97.75  ? 99  PHE A CG  1 
ATOM   505 C  CD1 . PHE A 1 119 ? 2.252   5.083   8.529   1.00 104.83 ? 99  PHE A CD1 1 
ATOM   506 C  CD2 . PHE A 1 119 ? 2.200   4.246   10.759  1.00 102.23 ? 99  PHE A CD2 1 
ATOM   507 C  CE1 . PHE A 1 119 ? 3.181   6.023   8.897   1.00 101.22 ? 99  PHE A CE1 1 
ATOM   508 C  CE2 . PHE A 1 119 ? 3.135   5.185   11.135  1.00 108.97 ? 99  PHE A CE2 1 
ATOM   509 C  CZ  . PHE A 1 119 ? 3.627   6.073   10.203  1.00 108.21 ? 99  PHE A CZ  1 
ATOM   510 N  N   . VAL A 1 120 ? 0.261   -0.156  9.152   1.00 61.39  ? 100 VAL A N   1 
ATOM   511 C  CA  . VAL A 1 120 ? -0.785  -1.135  9.107   1.00 65.44  ? 100 VAL A CA  1 
ATOM   512 C  C   . VAL A 1 120 ? -1.765  -0.782  10.210  1.00 60.38  ? 100 VAL A C   1 
ATOM   513 O  O   . VAL A 1 120 ? -1.436  -0.843  11.382  1.00 62.98  ? 100 VAL A O   1 
ATOM   514 C  CB  . VAL A 1 120 ? -0.245  -2.574  9.308   1.00 69.87  ? 100 VAL A CB  1 
ATOM   515 C  CG1 . VAL A 1 120 ? -1.379  -3.582  9.107   1.00 51.15  ? 100 VAL A CG1 1 
ATOM   516 C  CG2 . VAL A 1 120 ? 0.897   -2.864  8.344   1.00 56.58  ? 100 VAL A CG2 1 
ATOM   517 N  N   . MET A 1 121 ? -2.977  -0.417  9.822   1.00 59.03  ? 101 MET A N   1 
ATOM   518 C  CA  . MET A 1 121 ? -3.969  0.019   10.787  1.00 70.98  ? 101 MET A CA  1 
ATOM   519 C  C   . MET A 1 121 ? -5.216  -0.854  10.812  1.00 75.28  ? 101 MET A C   1 
ATOM   520 O  O   . MET A 1 121 ? -5.668  -1.368  9.782   1.00 75.36  ? 101 MET A O   1 
ATOM   521 C  CB  . MET A 1 121 ? -4.324  1.460   10.500  1.00 67.89  ? 101 MET A CB  1 
ATOM   522 C  CG  . MET A 1 121 ? -3.105  2.367   10.669  1.00 71.16  ? 101 MET A CG  1 
ATOM   523 S  SD  . MET A 1 121 ? -3.548  4.025   10.223  1.00 73.13  ? 101 MET A SD  1 
ATOM   524 C  CE  . MET A 1 121 ? -4.425  4.594   11.679  1.00 54.42  ? 101 MET A CE  1 
ATOM   525 N  N   . PRO A 1 122 ? -5.770  -1.034  12.011  1.00 67.02  ? 102 PRO A N   1 
ATOM   526 C  CA  . PRO A 1 122 ? -6.955  -1.867  12.222  1.00 72.72  ? 102 PRO A CA  1 
ATOM   527 C  C   . PRO A 1 122 ? -8.165  -1.281  11.548  1.00 68.37  ? 102 PRO A C   1 
ATOM   528 O  O   . PRO A 1 122 ? -8.255  -0.069  11.442  1.00 66.59  ? 102 PRO A O   1 
ATOM   529 C  CB  . PRO A 1 122 ? -7.130  -1.868  13.741  1.00 63.39  ? 102 PRO A CB  1 
ATOM   530 C  CG  . PRO A 1 122 ? -6.434  -0.648  14.210  1.00 69.73  ? 102 PRO A CG  1 
ATOM   531 C  CD  . PRO A 1 122 ? -5.272  -0.445  13.260  1.00 68.30  ? 102 PRO A CD  1 
ATOM   532 N  N   . VAL A 1 123 ? -9.074  -2.145  11.098  1.00 65.75  ? 103 VAL A N   1 
ATOM   533 C  CA  . VAL A 1 123 ? -10.342 -1.720  10.504  1.00 53.61  ? 103 VAL A CA  1 
ATOM   534 C  C   . VAL A 1 123 ? -11.447 -2.402  11.254  1.00 60.79  ? 103 VAL A C   1 
ATOM   535 O  O   . VAL A 1 123 ? -11.456 -3.622  11.324  1.00 72.65  ? 103 VAL A O   1 
ATOM   536 C  CB  . VAL A 1 123 ? -10.431 -2.117  9.008   1.00 62.29  ? 103 VAL A CB  1 
ATOM   537 C  CG1 . VAL A 1 123 ? -11.804 -1.802  8.443   1.00 50.60  ? 103 VAL A CG1 1 
ATOM   538 C  CG2 . VAL A 1 123 ? -9.310  -1.468  8.197   1.00 58.34  ? 103 VAL A CG2 1 
ATOM   539 N  N   . ASP A 1 124 ? -12.377 -1.641  11.819  1.00 57.38  ? 104 ASP A N   1 
ATOM   540 C  CA  . ASP A 1 124 ? -13.559 -2.252  12.445  1.00 60.56  ? 104 ASP A CA  1 
ATOM   541 C  C   . ASP A 1 124 ? -14.508 -2.871  11.426  1.00 75.97  ? 104 ASP A C   1 
ATOM   542 O  O   . ASP A 1 124 ? -15.067 -3.946  11.645  1.00 75.67  ? 104 ASP A O   1 
ATOM   543 C  CB  . ASP A 1 124 ? -14.329 -1.234  13.292  1.00 60.45  ? 104 ASP A CB  1 
ATOM   544 C  CG  . ASP A 1 124 ? -13.520 -0.754  14.508  1.00 74.48  ? 104 ASP A CG  1 
ATOM   545 O  OD1 . ASP A 1 124 ? -12.701 -1.520  15.022  1.00 86.54  ? 104 ASP A OD1 1 
ATOM   546 O  OD2 . ASP A 1 124 ? -13.688 0.391   14.953  1.00 84.32  ? 104 ASP A OD2 1 
ATOM   547 N  N   . ALA A 1 125 ? -14.708 -2.188  10.314  1.00 77.87  ? 105 ALA A N   1 
ATOM   548 C  CA  . ALA A 1 125 ? -15.746 -2.605  9.391   1.00 78.90  ? 105 ALA A CA  1 
ATOM   549 C  C   . ALA A 1 125 ? -15.460 -2.067  8.023   1.00 82.93  ? 105 ALA A C   1 
ATOM   550 O  O   . ALA A 1 125 ? -14.808 -1.033  7.850   1.00 88.24  ? 105 ALA A O   1 
ATOM   551 C  CB  . ALA A 1 125 ? -17.145 -2.158  9.858   1.00 67.44  ? 105 ALA A CB  1 
ATOM   552 N  N   . PHE A 1 126 ? -15.983 -2.802  7.058   1.00 74.63  ? 106 PHE A N   1 
ATOM   553 C  CA  . PHE A 1 126 ? -15.726 -2.593  5.659   1.00 80.41  ? 106 PHE A CA  1 
ATOM   554 C  C   . PHE A 1 126 ? -17.047 -2.774  4.927   1.00 89.12  ? 106 PHE A C   1 
ATOM   555 O  O   . PHE A 1 126 ? -17.776 -3.739  5.162   1.00 90.61  ? 106 PHE A O   1 
ATOM   556 C  CB  . PHE A 1 126 ? -14.677 -3.579  5.164   1.00 81.85  ? 106 PHE A CB  1 
ATOM   557 C  CG  . PHE A 1 126 ? -14.499 -3.574  3.682   1.00 98.64  ? 106 PHE A CG  1 
ATOM   558 C  CD1 . PHE A 1 126 ? -13.645 -2.667  3.083   1.00 106.55 ? 106 PHE A CD1 1 
ATOM   559 C  CD2 . PHE A 1 126 ? -15.183 -4.470  2.887   1.00 103.42 ? 106 PHE A CD2 1 
ATOM   560 C  CE1 . PHE A 1 126 ? -13.480 -2.646  1.719   1.00 112.50 ? 106 PHE A CE1 1 
ATOM   561 C  CE2 . PHE A 1 126 ? -15.022 -4.453  1.521   1.00 114.02 ? 106 PHE A CE2 1 
ATOM   562 C  CZ  . PHE A 1 126 ? -14.165 -3.538  0.936   1.00 113.86 ? 106 PHE A CZ  1 
ATOM   563 N  N   . HIS A 1 127 ? -17.382 -1.828  4.068   1.00 86.44  ? 107 HIS A N   1 
ATOM   564 C  CA  . HIS A 1 127 ? -18.575 -1.999  3.265   1.00 95.93  ? 107 HIS A CA  1 
ATOM   565 C  C   . HIS A 1 127 ? -18.296 -1.600  1.836   1.00 92.85  ? 107 HIS A C   1 
ATOM   566 O  O   . HIS A 1 127 ? -17.561 -0.650  1.576   1.00 88.41  ? 107 HIS A O   1 
ATOM   567 C  CB  . HIS A 1 127 ? -19.728 -1.176  3.818   1.00 95.73  ? 107 HIS A CB  1 
ATOM   568 C  CG  . HIS A 1 127 ? -20.014 -1.422  5.266   1.00 99.76  ? 107 HIS A CG  1 
ATOM   569 N  ND1 . HIS A 1 127 ? -21.115 -2.131  5.694   1.00 103.06 ? 107 HIS A ND1 1 
ATOM   570 C  CD2 . HIS A 1 127 ? -19.366 -1.022  6.386   1.00 90.05  ? 107 HIS A CD2 1 
ATOM   571 C  CE1 . HIS A 1 127 ? -21.119 -2.177  7.013   1.00 92.56  ? 107 HIS A CE1 1 
ATOM   572 N  NE2 . HIS A 1 127 ? -20.073 -1.506  7.459   1.00 86.86  ? 107 HIS A NE2 1 
ATOM   573 N  N   . GLN A 1 128 ? -18.878 -2.344  0.910   1.00 94.75  ? 108 GLN A N   1 
ATOM   574 C  CA  . GLN A 1 128 ? -18.867 -1.950  -0.485  1.00 83.83  ? 108 GLN A CA  1 
ATOM   575 C  C   . GLN A 1 128 ? -20.293 -1.737  -0.876  1.00 91.58  ? 108 GLN A C   1 
ATOM   576 O  O   . GLN A 1 128 ? -21.145 -2.578  -0.598  1.00 116.66 ? 108 GLN A O   1 
ATOM   577 C  CB  . GLN A 1 128 ? -18.200 -3.003  -1.366  1.00 90.17  ? 108 GLN A CB  1 
ATOM   578 C  CG  . GLN A 1 128 ? -16.691 -2.849  -1.468  1.00 104.72 ? 108 GLN A CG  1 
ATOM   579 C  CD  . GLN A 1 128 ? -15.989 -4.141  -1.876  1.00 132.92 ? 108 GLN A CD  1 
ATOM   580 O  OE1 . GLN A 1 128 ? -16.593 -5.215  -1.892  1.00 144.01 ? 108 GLN A OE1 1 
ATOM   581 N  NE2 . GLN A 1 128 ? -14.704 -4.039  -2.199  1.00 136.77 ? 108 GLN A NE2 1 
ATOM   582 N  N   . PHE A 1 129 ? -20.572 -0.595  -1.490  1.00 103.86 ? 109 PHE A N   1 
ATOM   583 C  CA  . PHE A 1 129 ? -21.922 -0.309  -1.974  1.00 103.93 ? 109 PHE A CA  1 
ATOM   584 C  C   . PHE A 1 129 ? -21.884 0.009   -3.466  1.00 113.42 ? 109 PHE A C   1 
ATOM   585 O  O   . PHE A 1 129 ? -22.916 0.157   -4.142  1.00 134.70 ? 109 PHE A O   1 
ATOM   586 C  CB  . PHE A 1 129 ? -22.554 0.855   -1.199  1.00 115.40 ? 109 PHE A CB  1 
ATOM   587 C  CG  . PHE A 1 129 ? -22.570 0.665   0.300   1.00 122.49 ? 109 PHE A CG  1 
ATOM   588 C  CD1 . PHE A 1 129 ? -23.307 -0.354  0.874   1.00 126.39 ? 109 PHE A CD1 1 
ATOM   589 C  CD2 . PHE A 1 129 ? -21.873 1.528   1.132   1.00 113.02 ? 109 PHE A CD2 1 
ATOM   590 C  CE1 . PHE A 1 129 ? -23.333 -0.523  2.242   1.00 123.72 ? 109 PHE A CE1 1 
ATOM   591 C  CE2 . PHE A 1 129 ? -21.902 1.364   2.502   1.00 110.33 ? 109 PHE A CE2 1 
ATOM   592 C  CZ  . PHE A 1 129 ? -22.631 0.337   3.055   1.00 114.59 ? 109 PHE A CZ  1 
ATOM   593 O  OXT . PHE A 1 129 ? -20.793 0.139   -4.026  1.00 117.19 ? 109 PHE A OXT 1 
HETATM 594 CL CL  . CL  B 2 .   ? 10.122  7.726   2.979   1.00 129.48 ? 201 CL  A CL  1 
HETATM 595 O  O   . HOH C 3 .   ? -6.315  -5.070  -1.830  1.00 92.05  ? 301 HOH A O   1 
HETATM 596 O  O   . HOH C 3 .   ? -9.008  1.099   -1.735  1.00 100.20 ? 302 HOH A O   1 
HETATM 597 O  O   . HOH C 3 .   ? -6.439  -7.936  -0.293  1.00 76.66  ? 303 HOH A O   1 
HETATM 598 O  O   . HOH C 3 .   ? 15.091  1.524   -5.462  1.00 89.62  ? 304 HOH A O   1 
# 
loop_
_atom_site_anisotrop.id 
_atom_site_anisotrop.type_symbol 
_atom_site_anisotrop.pdbx_label_atom_id 
_atom_site_anisotrop.pdbx_label_alt_id 
_atom_site_anisotrop.pdbx_label_comp_id 
_atom_site_anisotrop.pdbx_label_asym_id 
_atom_site_anisotrop.pdbx_label_seq_id 
_atom_site_anisotrop.pdbx_PDB_ins_code 
_atom_site_anisotrop.U[1][1] 
_atom_site_anisotrop.U[2][2] 
_atom_site_anisotrop.U[3][3] 
_atom_site_anisotrop.U[1][2] 
_atom_site_anisotrop.U[1][3] 
_atom_site_anisotrop.U[2][3] 
_atom_site_anisotrop.pdbx_auth_seq_id 
_atom_site_anisotrop.pdbx_auth_comp_id 
_atom_site_anisotrop.pdbx_auth_asym_id 
_atom_site_anisotrop.pdbx_auth_atom_id 
1   N N   . SER A 19  ? 1.0309 0.7813 1.0961 -0.0600 0.2092  0.0525  -1  SER A N   
2   C CA  . SER A 19  ? 1.1534 0.9169 1.2708 -0.1101 0.2218  0.0206  -1  SER A CA  
3   C C   . SER A 19  ? 1.0926 0.9533 1.2491 -0.1161 0.1924  -0.0177 -1  SER A C   
4   O O   . SER A 19  ? 1.0650 0.9725 1.2728 -0.1514 0.2001  -0.0406 -1  SER A O   
5   C CB  . SER A 19  ? 1.2672 1.0166 1.3908 -0.1427 0.2640  0.0475  -1  SER A CB  
6   O OG  . SER A 19  ? 1.3208 1.1398 1.5113 -0.1864 0.2689  0.0114  -1  SER A OG  
7   N N   . HIS A 20  ? 0.9276 0.8178 1.0623 -0.0813 0.1596  -0.0238 0   HIS A N   
8   C CA  . HIS A 20  ? 0.8281 0.7985 0.9818 -0.0740 0.1321  -0.0445 0   HIS A CA  
9   C C   . HIS A 20  ? 0.8278 0.8032 0.9482 -0.0407 0.1023  -0.0450 0   HIS A C   
10  O O   . HIS A 20  ? 0.8469 0.7813 0.9462 -0.0317 0.0990  -0.0473 0   HIS A O   
11  C CB  . HIS A 20  ? 0.7964 0.8096 0.9527 -0.0706 0.1464  -0.0267 0   HIS A CB  
12  C CG  . HIS A 20  ? 1.1613 1.2544 1.3598 -0.0728 0.1294  -0.0552 0   HIS A CG  
13  N ND1 . HIS A 20  ? 1.1114 1.2389 1.2947 -0.0418 0.1034  -0.0582 0   HIS A ND1 
14  C CD2 . HIS A 20  ? 1.1932 1.3399 1.4540 -0.1003 0.1348  -0.0829 0   HIS A CD2 
15  C CE1 . HIS A 20  ? 1.0193 1.2111 1.2488 -0.0435 0.0920  -0.0848 0   HIS A CE1 
16  N NE2 . HIS A 20  ? 1.0531 1.2672 1.3343 -0.0778 0.1097  -0.1012 0   HIS A NE2 
17  N N   . MET A 21  ? 0.6964 0.7197 0.8134 -0.0238 0.0843  -0.0442 1   MET A N   
18  C CA  . MET A 21  ? 0.7460 0.7776 0.8411 -0.0038 0.0556  -0.0510 1   MET A CA  
19  C C   . MET A 21  ? 0.7258 0.7643 0.7950 0.0186  0.0497  -0.0311 1   MET A C   
20  O O   . MET A 21  ? 0.8617 0.9182 0.9304 0.0235  0.0575  -0.0210 1   MET A O   
21  C CB  . MET A 21  ? 0.8920 0.9663 1.0084 -0.0055 0.0291  -0.0769 1   MET A CB  
22  C CG  . MET A 21  ? 1.1581 1.2422 1.3047 -0.0285 0.0237  -0.1060 1   MET A CG  
23  S SD  . MET A 21  ? 1.4080 1.4740 1.5142 -0.0200 -0.0053 -0.1234 1   MET A SD  
24  C CE  . MET A 21  ? 1.3352 1.4143 1.4101 0.0105  -0.0284 -0.1046 1   MET A CE  
25  N N   . LYS A 22  ? 0.8100 0.8384 0.8573 0.0296  0.0360  -0.0298 2   LYS A N   
26  C CA  . LYS A 22  ? 0.8489 0.8879 0.8803 0.0433  0.0264  -0.0186 2   LYS A CA  
27  C C   . LYS A 22  ? 0.7817 0.8215 0.8014 0.0444  0.0056  -0.0275 2   LYS A C   
28  O O   . LYS A 22  ? 0.9179 0.9468 0.9282 0.0398  0.0002  -0.0366 2   LYS A O   
29  C CB  . LYS A 22  ? 0.8425 0.8696 0.8633 0.0531  0.0360  -0.0028 2   LYS A CB  
30  C CG  . LYS A 22  ? 0.7833 0.7956 0.8040 0.0585  0.0542  0.0136  2   LYS A CG  
31  C CD  . LYS A 22  ? 0.6921 0.7259 0.7064 0.0603  0.0554  0.0214  2   LYS A CD  
32  C CE  . LYS A 22  ? 0.7459 0.7602 0.7412 0.0706  0.0729  0.0480  2   LYS A CE  
33  N NZ  . LYS A 22  ? 0.9680 0.9965 0.9552 0.0622  0.0866  0.0518  2   LYS A NZ  
34  N N   . MET A 23  ? 0.9147 0.9607 0.9283 0.0506  -0.0059 -0.0250 3   MET A N   
35  C CA  . MET A 23  ? 0.8081 0.8362 0.8018 0.0503  -0.0213 -0.0245 3   MET A CA  
36  C C   . MET A 23  ? 0.8274 0.8517 0.8127 0.0438  -0.0135 -0.0132 3   MET A C   
37  O O   . MET A 23  ? 0.9057 0.9464 0.9022 0.0447  -0.0121 -0.0111 3   MET A O   
38  C CB  . MET A 23  ? 0.8923 0.9166 0.8873 0.0597  -0.0381 -0.0316 3   MET A CB  
39  C CG  . MET A 23  ? 1.0364 1.0221 1.0035 0.0584  -0.0514 -0.0241 3   MET A CG  
40  S SD  . MET A 23  ? 1.1601 1.1260 1.0960 0.0626  -0.0642 -0.0196 3   MET A SD  
41  C CE  . MET A 23  ? 1.1575 1.1574 1.1278 0.0825  -0.0825 -0.0408 3   MET A CE  
42  N N   . ILE A 24  ? 0.8664 0.8773 0.8329 0.0368  -0.0080 -0.0084 4   ILE A N   
43  C CA  . ILE A 24  ? 0.7922 0.8116 0.7612 0.0267  0.0037  0.0000  4   ILE A CA  
44  C C   . ILE A 24  ? 0.7918 0.7827 0.7406 0.0137  -0.0045 0.0067  4   ILE A C   
45  O O   . ILE A 24  ? 0.8635 0.8196 0.7776 0.0157  -0.0136 0.0116  4   ILE A O   
46  C CB  . ILE A 24  ? 0.9734 0.9985 0.9344 0.0259  0.0239  0.0004  4   ILE A CB  
47  C CG1 . ILE A 24  ? 0.9296 0.9747 0.9177 0.0402  0.0351  -0.0031 4   ILE A CG1 
48  C CG2 . ILE A 24  ? 0.9211 0.9581 0.8816 0.0104  0.0391  0.0083  4   ILE A CG2 
49  C CD1 . ILE A 24  ? 1.0535 1.0801 1.0395 0.0467  0.0321  -0.0106 4   ILE A CD1 
50  N N   . ILE A 25  ? 0.8802 0.8817 0.8488 0.0008  -0.0041 0.0068  5   ILE A N   
51  C CA  . ILE A 25  ? 0.9699 0.9320 0.9213 -0.0194 -0.0060 0.0145  5   ILE A CA  
52  C C   . ILE A 25  ? 0.9417 0.9339 0.9161 -0.0453 0.0152  0.0187  5   ILE A C   
53  O O   . ILE A 25  ? 0.9166 0.9627 0.9354 -0.0474 0.0154  0.0076  5   ILE A O   
54  C CB  . ILE A 25  ? 1.0027 0.9419 0.9617 -0.0187 -0.0255 0.0027  5   ILE A CB  
55  C CG1 . ILE A 25  ? 0.9882 0.9041 0.9303 0.0087  -0.0430 -0.0028 5   ILE A CG1 
56  C CG2 . ILE A 25  ? 0.8423 0.7278 0.7871 -0.0458 -0.0236 0.0105  5   ILE A CG2 
57  C CD1 . ILE A 25  ? 0.9318 0.8406 0.8861 0.0182  -0.0575 -0.0222 5   ILE A CD1 
58  N N   . ALA A 26  ? 0.9131 0.8764 0.8565 -0.0636 0.0330  0.0352  6   ALA A N   
59  C CA  . ALA A 26  ? 0.9372 0.9408 0.9055 -0.0898 0.0628  0.0391  6   ALA A CA  
60  C C   . ALA A 26  ? 1.1558 1.1116 1.1036 -0.1282 0.0773  0.0559  6   ALA A C   
61  O O   . ALA A 26  ? 1.3663 1.2488 1.2487 -0.1276 0.0764  0.0772  6   ALA A O   
62  C CB  . ALA A 26  ? 0.8991 0.9249 0.8463 -0.0762 0.0857  0.0422  6   ALA A CB  
63  N N   . ILE A 27  ? 1.0204 1.0174 1.0244 -0.1616 0.0891  0.0470  7   ILE A N   
64  C CA  . ILE A 27  ? 1.0318 0.9916 1.0287 -0.2103 0.1143  0.0631  7   ILE A CA  
65  C C   . ILE A 27  ? 1.1751 1.2114 1.2074 -0.2342 0.1574  0.0653  7   ILE A C   
66  O O   . ILE A 27  ? 1.1691 1.3037 1.2778 -0.2305 0.1587  0.0419  7   ILE A O   
67  C CB  . ILE A 27  ? 0.9591 0.9072 1.0023 -0.2428 0.0983  0.0450  7   ILE A CB  
68  C CG1 . ILE A 27  ? 1.1961 1.0450 1.1917 -0.2248 0.0662  0.0459  7   ILE A CG1 
69  C CG2 . ILE A 27  ? 1.1785 1.1107 1.2380 -0.3043 0.1336  0.0574  7   ILE A CG2 
70  C CD1 . ILE A 27  ? 1.1933 1.0755 1.2070 -0.1831 0.0304  0.0185  7   ILE A CD1 
71  N N   . VAL A 28  ? 1.2518 1.2463 1.2264 -0.2546 0.1929  0.0937  8   VAL A N   
72  C CA  . VAL A 28  ? 1.2043 1.2720 1.2071 -0.2795 0.2434  0.0958  8   VAL A CA  
73  C C   . VAL A 28  ? 1.4263 1.4367 1.3863 -0.3340 0.2859  0.1286  8   VAL A C   
74  O O   . VAL A 28  ? 1.4558 1.3519 1.3462 -0.3444 0.2739  0.1557  8   VAL A O   
75  C CB  . VAL A 28  ? 1.2887 1.3836 1.2494 -0.2387 0.2577  0.0946  8   VAL A CB  
76  C CG1 . VAL A 28  ? 1.2799 1.4242 1.2828 -0.1885 0.2237  0.0658  8   VAL A CG1 
77  C CG2 . VAL A 28  ? 1.3944 1.3873 1.2355 -0.2256 0.2531  0.1238  8   VAL A CG2 
78  N N   . GLN A 29  ? 1.4246 1.5148 1.4266 -0.3663 0.3380  0.1272  9   GLN A N   
79  C CA  . GLN A 29  ? 1.4694 1.5183 1.4319 -0.4240 0.3925  0.1610  9   GLN A CA  
80  C C   . GLN A 29  ? 1.4431 1.3949 1.2622 -0.4042 0.4060  0.2016  9   GLN A C   
81  O O   . GLN A 29  ? 1.4344 1.4113 1.2102 -0.3560 0.4007  0.1926  9   GLN A O   
82  C CB  . GLN A 29  ? 1.4977 1.6790 1.5471 -0.4565 0.4491  0.1443  9   GLN A CB  
83  C CG  . GLN A 29  ? 1.4264 1.7335 1.6208 -0.4573 0.4270  0.0981  9   GLN A CG  
84  C CD  . GLN A 29  ? 1.3806 1.7390 1.6685 -0.5352 0.4584  0.0910  9   GLN A CD  
85  O OE1 . GLN A 29  ? 1.4578 1.7192 1.7001 -0.5918 0.4815  0.1217  9   GLN A OE1 
86  N NE2 . GLN A 29  ? 1.2799 1.7907 1.7017 -0.5387 0.4581  0.0502  9   GLN A NE2 
87  N N   . ASP A 30  ? 1.6311 1.4684 1.3736 -0.4412 0.4219  0.2453  10  ASP A N   
88  C CA  . ASP A 30  ? 1.8327 1.5687 1.4262 -0.4195 0.4271  0.2895  10  ASP A CA  
89  C C   . ASP A 30  ? 1.7659 1.5631 1.3081 -0.4196 0.4838  0.2962  10  ASP A C   
90  O O   . ASP A 30  ? 1.9515 1.7063 1.3797 -0.3802 0.4747  0.3119  10  ASP A O   
91  C CB  . ASP A 30  ? 2.0002 1.5936 1.5220 -0.4616 0.4382  0.3411  10  ASP A CB  
92  C CG  . ASP A 30  ? 2.1233 1.6568 1.7041 -0.4670 0.3902  0.3265  10  ASP A CG  
93  O OD1 . ASP A 30  ? 2.1545 1.6410 1.7070 -0.4111 0.3308  0.3181  10  ASP A OD1 
94  O OD2 . ASP A 30  ? 2.1927 1.7312 1.8517 -0.5283 0.4126  0.3188  10  ASP A OD2 
95  N N   . GLN A 31  ? 1.6374 1.5426 1.2659 -0.4612 0.5408  0.2794  11  GLN A N   
96  C CA  . GLN A 31  ? 1.6990 1.6709 1.2925 -0.4495 0.5889  0.2804  11  GLN A CA  
97  C C   . GLN A 31  ? 1.6293 1.6862 1.2378 -0.3978 0.5825  0.2341  11  GLN A C   
98  O O   . GLN A 31  ? 1.6353 1.7473 1.2135 -0.3756 0.6153  0.2233  11  GLN A O   
99  C CB  . GLN A 31  ? 1.6289 1.6931 1.3244 -0.4973 0.6410  0.2778  11  GLN A CB  
100 C CG  . GLN A 31  ? 1.5613 1.7830 1.4105 -0.4941 0.6513  0.2232  11  GLN A CG  
101 C CD  . GLN A 31  ? 1.5452 1.8403 1.5168 -0.5503 0.6798  0.2195  11  GLN A CD  
102 O OE1 . GLN A 31  ? 1.6521 1.8796 1.5903 -0.5963 0.7021  0.2589  11  GLN A OE1 
103 N NE2 . GLN A 31  ? 1.4266 1.8603 1.5416 -0.5446 0.6765  0.1721  11  GLN A NE2 
104 N N   . ASP A 32  ? 1.5099 1.5768 1.1823 -0.3581 0.5177  0.2034  12  ASP A N   
105 C CA  . ASP A 32  ? 1.4487 1.5736 1.1401 -0.2976 0.4930  0.1619  12  ASP A CA  
106 C C   . ASP A 32  ? 1.6131 1.6453 1.2141 -0.2526 0.4328  0.1679  12  ASP A C   
107 O O   . ASP A 32  ? 1.5824 1.6362 1.1701 -0.2067 0.4131  0.1385  12  ASP A O   
108 C CB  . ASP A 32  ? 1.2485 1.4719 1.0880 -0.2853 0.4715  0.1212  12  ASP A CB  
109 C CG  . ASP A 32  ? 1.2045 1.5503 1.1476 -0.3179 0.5281  0.1044  12  ASP A CG  
110 O OD1 . ASP A 32  ? 1.3295 1.6910 1.2290 -0.3471 0.5914  0.1201  12  ASP A OD1 
111 O OD2 . ASP A 32  ? 1.1384 1.5717 1.2064 -0.3131 0.5098  0.0752  12  ASP A OD2 
112 N N   . SER A 33  ? 1.7371 1.6668 1.2819 -0.2668 0.4047  0.2040  13  SER A N   
113 C CA  . SER A 33  ? 1.8215 1.6673 1.2832 -0.2259 0.3478  0.2133  13  SER A CA  
114 C C   . SER A 33  ? 1.9591 1.7983 1.3128 -0.1942 0.3529  0.2102  13  SER A C   
115 O O   . SER A 33  ? 1.9472 1.7941 1.2956 -0.1519 0.3111  0.1815  13  SER A O   
116 C CB  . SER A 33  ? 2.0142 1.7445 1.4134 -0.2464 0.3319  0.2605  13  SER A CB  
117 O OG  . SER A 33  ? 2.1987 1.8512 1.4849 -0.2071 0.2921  0.2801  13  SER A OG  
118 N N   . GLN A 34  ? 2.2192 2.0457 1.4863 -0.2182 0.4059  0.2377  14  GLN A N   
119 C CA  . GLN A 34  ? 2.1796 1.9994 1.3263 -0.1910 0.4145  0.2335  14  GLN A CA  
120 C C   . GLN A 34  ? 2.1147 2.0192 1.3155 -0.1568 0.4123  0.1726  14  GLN A C   
121 O O   . GLN A 34  ? 2.2332 2.1207 1.3840 -0.1186 0.3706  0.1492  14  GLN A O   
122 C CB  . GLN A 34  ? 2.0323 1.8473 1.0931 -0.2270 0.4867  0.2680  14  GLN A CB  
123 C CG  . GLN A 34  ? 2.0514 1.8941 1.0173 -0.1933 0.4945  0.2493  14  GLN A CG  
124 C CD  . GLN A 34  ? 2.1357 2.0085 1.0661 -0.2166 0.5515  0.2771  14  GLN A CD  
125 O OE1 . GLN A 34  ? 2.1894 2.1044 1.0585 -0.1950 0.5711  0.2571  14  GLN A OE1 
126 N NE2 . GLN A 34  ? 2.1698 2.0197 1.1380 -0.2621 0.5791  0.3215  14  GLN A NE2 
127 N N   . GLU A 35  ? 1.9287 1.9233 1.2367 -0.1701 0.4551  0.1455  15  GLU A N   
128 C CA  . GLU A 35  ? 1.7716 1.8372 1.1240 -0.1351 0.4628  0.0906  15  GLU A CA  
129 C C   . GLU A 35  ? 1.8050 1.8764 1.2434 -0.1021 0.4045  0.0589  15  GLU A C   
130 O O   . GLU A 35  ? 1.8005 1.8804 1.2317 -0.0671 0.3895  0.0194  15  GLU A O   
131 C CB  . GLU A 35  ? 1.7793 1.9454 1.2187 -0.1531 0.5298  0.0733  15  GLU A CB  
132 C CG  . GLU A 35  ? 1.8182 2.0211 1.3667 -0.1957 0.5433  0.0944  15  GLU A CG  
133 C CD  . GLU A 35  ? 1.8171 1.9933 1.3076 -0.2522 0.5948  0.1418  15  GLU A CD  
134 O OE1 . GLU A 35  ? 1.8806 1.9530 1.2483 -0.2601 0.5785  0.1829  15  GLU A OE1 
135 O OE2 . GLU A 35  ? 1.7914 2.0509 1.3694 -0.2817 0.6420  0.1395  15  GLU A OE2 
136 N N   . LEU A 36  ? 1.6903 1.7535 1.2064 -0.1154 0.3746  0.0745  16  LEU A N   
137 C CA  . LEU A 36  ? 1.4945 1.5581 1.0787 -0.0870 0.3229  0.0511  16  LEU A CA  
138 C C   . LEU A 36  ? 1.5750 1.5738 1.0777 -0.0627 0.2760  0.0479  16  LEU A C   
139 O O   . LEU A 36  ? 1.4914 1.4982 1.0067 -0.0344 0.2559  0.0130  16  LEU A O   
140 C CB  . LEU A 36  ? 1.3605 1.4224 1.0238 -0.1062 0.2992  0.0682  16  LEU A CB  
141 C CG  . LEU A 36  ? 1.2024 1.2487 0.9091 -0.0789 0.2444  0.0528  16  LEU A CG  
142 C CD1 . LEU A 36  ? 1.2239 1.3176 0.9845 -0.0464 0.2444  0.0163  16  LEU A CD1 
143 C CD2 . LEU A 36  ? 1.0896 1.1369 0.8637 -0.0967 0.2237  0.0645  16  LEU A CD2 
144 N N   . ALA A 37  ? 1.6560 1.5904 1.0782 -0.0742 0.2586  0.0841  17  ALA A N   
145 C CA  . ALA A 37  ? 1.6534 1.5359 0.9981 -0.0496 0.2094  0.0834  17  ALA A CA  
146 C C   . ALA A 37  ? 1.8035 1.7018 1.0844 -0.0285 0.2141  0.0478  17  ALA A C   
147 O O   . ALA A 37  ? 1.7775 1.6716 1.0590 -0.0056 0.1724  0.0178  17  ALA A O   
148 C CB  . ALA A 37  ? 1.6267 1.4369 0.8777 -0.0602 0.1992  0.1331  17  ALA A CB  
149 N N   . ASP A 38  ? 1.8230 1.7424 1.0519 -0.0389 0.2675  0.0473  18  ASP A N   
150 C CA  . ASP A 38  ? 1.9167 1.8498 1.0770 -0.0191 0.2778  0.0074  18  ASP A CA  
151 C C   . ASP A 38  ? 1.7799 1.7485 1.0319 0.0016  0.2700  -0.0465 18  ASP A C   
152 O O   . ASP A 38  ? 1.8330 1.7879 1.0547 0.0206  0.2401  -0.0848 18  ASP A O   
153 C CB  . ASP A 38  ? 2.0212 1.9801 1.1182 -0.0341 0.3475  0.0142  18  ASP A CB  
154 C CG  . ASP A 38  ? 2.1374 2.0422 1.0869 -0.0457 0.3521  0.0603  18  ASP A CG  
155 O OD1 . ASP A 38  ? 2.1617 2.0153 1.0402 -0.0282 0.2940  0.0704  18  ASP A OD1 
156 O OD2 . ASP A 38  ? 2.2703 2.1859 1.1754 -0.0714 0.4141  0.0878  18  ASP A OD2 
157 N N   . GLN A 39  ? 1.6358 1.6470 1.0003 -0.0024 0.2943  -0.0497 19  GLN A N   
158 C CA  . GLN A 39  ? 1.6483 1.6818 1.0863 0.0219  0.2926  -0.0953 19  GLN A CA  
159 C C   . GLN A 39  ? 1.4852 1.4924 0.9801 0.0304  0.2388  -0.1005 19  GLN A C   
160 O O   . GLN A 39  ? 1.4415 1.4445 0.9763 0.0485  0.2311  -0.1361 19  GLN A O   
161 C CB  . GLN A 39  ? 1.6816 1.7779 1.2132 0.0243  0.3380  -0.0998 19  GLN A CB  
162 C CG  . GLN A 39  ? 1.9668 2.0906 1.4788 0.0469  0.3821  -0.1439 19  GLN A CG  
163 C CD  . GLN A 39  ? 2.1282 2.3141 1.7530 0.0676  0.4126  -0.1617 19  GLN A CD  
164 O OE1 . GLN A 39  ? 2.1249 2.2981 1.8138 0.0945  0.3901  -0.1818 19  GLN A OE1 
165 N NE2 . GLN A 39  ? 2.2333 2.4889 1.8843 0.0560  0.4650  -0.1530 19  GLN A NE2 
166 N N   . LEU A 40  ? 1.3384 1.3233 0.8345 0.0172  0.2047  -0.0658 20  LEU A N   
167 C CA  . LEU A 40  ? 1.1943 1.1592 0.7323 0.0244  0.1564  -0.0725 20  LEU A CA  
168 C C   . LEU A 40  ? 1.3933 1.3349 0.8710 0.0341  0.1269  -0.1048 20  LEU A C   
169 O O   . LEU A 40  ? 1.3996 1.3366 0.9176 0.0414  0.1106  -0.1380 20  LEU A O   
170 C CB  . LEU A 40  ? 1.1255 1.0721 0.6703 0.0130  0.1283  -0.0335 20  LEU A CB  
171 C CG  . LEU A 40  ? 1.2445 1.2136 0.8651 0.0003  0.1441  -0.0106 20  LEU A CG  
172 C CD1 . LEU A 40  ? 1.3177 1.2547 0.9338 -0.0096 0.1156  0.0207  20  LEU A CD1 
173 C CD2 . LEU A 40  ? 1.1231 1.1194 0.8313 0.0133  0.1413  -0.0311 20  LEU A CD2 
174 N N   . VAL A 41  ? 1.4035 1.3289 0.7813 0.0322  0.1199  -0.0931 21  VAL A N   
175 C CA  . VAL A 41  ? 1.3426 1.2550 0.6464 0.0414  0.0879  -0.1240 21  VAL A CA  
176 C C   . VAL A 41  ? 1.4374 1.3564 0.7484 0.0482  0.1063  -0.1810 21  VAL A C   
177 O O   . VAL A 41  ? 1.5938 1.5058 0.9165 0.0501  0.0730  -0.2202 21  VAL A O   
178 C CB  . VAL A 41  ? 1.4071 1.3016 0.5826 0.0419  0.0903  -0.0972 21  VAL A CB  
179 C CG1 . VAL A 41  ? 1.4266 1.3202 0.5072 0.0533  0.0731  -0.1411 21  VAL A CG1 
180 C CG2 . VAL A 41  ? 1.3295 1.1975 0.4889 0.0434  0.0510  -0.0497 21  VAL A CG2 
181 N N   . LYS A 42  ? 1.3984 1.3318 0.7108 0.0513  0.1601  -0.1886 22  LYS A N   
182 C CA  . LYS A 42  ? 1.5889 1.5186 0.8979 0.0640  0.1806  -0.2462 22  LYS A CA  
183 C C   . LYS A 42  ? 1.4508 1.3653 0.8641 0.0680  0.1670  -0.2690 22  LYS A C   
184 O O   . LYS A 42  ? 1.6684 1.5571 1.0812 0.0733  0.1625  -0.3201 22  LYS A O   
185 C CB  . LYS A 42  ? 1.5547 1.5120 0.8531 0.0727  0.2452  -0.2508 22  LYS A CB  
186 C CG  . LYS A 42  ? 1.5914 1.5634 0.7872 0.0630  0.2731  -0.2218 22  LYS A CG  
187 C CD  . LYS A 42  ? 1.6017 1.6175 0.8144 0.0692  0.3435  -0.2300 22  LYS A CD  
188 C CE  . LYS A 42  ? 1.6905 1.7223 0.8033 0.0523  0.3828  -0.1959 22  LYS A CE  
189 N NZ  . LYS A 42  ? 1.7092 1.8010 0.8555 0.0554  0.4572  -0.2066 22  LYS A NZ  
190 N N   . ASN A 43  ? 1.3423 1.2666 0.8386 0.0640  0.1611  -0.2314 23  ASN A N   
191 C CA  . ASN A 43  ? 1.2970 1.2025 0.8811 0.0676  0.1513  -0.2432 23  ASN A CA  
192 C C   . ASN A 43  ? 1.2050 1.1011 0.8158 0.0521  0.1046  -0.2347 23  ASN A C   
193 O O   . ASN A 43  ? 1.2489 1.1371 0.9319 0.0504  0.0997  -0.2248 23  ASN A O   
194 C CB  . ASN A 43  ? 1.0393 0.9679 0.6995 0.0794  0.1794  -0.2141 23  ASN A CB  
195 C CG  . ASN A 43  ? 1.3593 1.3024 1.0217 0.1025  0.2268  -0.2377 23  ASN A CG  
196 O OD1 . ASN A 43  ? 1.3660 1.2747 1.0337 0.1192  0.2368  -0.2781 23  ASN A OD1 
197 N ND2 . ASN A 43  ? 1.2252 1.2185 0.8854 0.1025  0.2579  -0.2156 23  ASN A ND2 
198 N N   . ASN A 44  ? 1.3471 1.2480 0.8962 0.0437  0.0712  -0.2397 24  ASN A N   
199 C CA  . ASN A 44  ? 1.3210 1.2279 0.8953 0.0326  0.0244  -0.2413 24  ASN A CA  
200 C C   . ASN A 44  ? 1.2499 1.1703 0.8890 0.0307  0.0165  -0.1978 24  ASN A C   
201 O O   . ASN A 44  ? 1.2885 1.2128 0.9897 0.0223  0.0001  -0.2032 24  ASN A O   
202 C CB  . ASN A 44  ? 1.1657 1.0538 0.7806 0.0207  0.0148  -0.2906 24  ASN A CB  
203 C CG  . ASN A 44  ? 1.4920 1.3604 1.0433 0.0221  0.0218  -0.3434 24  ASN A CG  
204 O OD1 . ASN A 44  ? 1.7139 1.5968 1.2013 0.0185  -0.0106 -0.3692 24  ASN A OD1 
205 N ND2 . ASN A 44  ? 1.7087 1.5444 1.2741 0.0316  0.0622  -0.3627 24  ASN A ND2 
206 N N   . PHE A 45  ? 1.2493 1.1770 0.8720 0.0357  0.0315  -0.1574 25  PHE A N   
207 C CA  . PHE A 45  ? 1.2304 1.1674 0.8985 0.0341  0.0207  -0.1206 25  PHE A CA  
208 C C   . PHE A 45  ? 1.3833 1.3163 0.9971 0.0374  -0.0092 -0.0980 25  PHE A C   
209 O O   . PHE A 45  ? 1.4031 1.3233 0.9406 0.0389  0.0001  -0.0840 25  PHE A O   
210 C CB  . PHE A 45  ? 1.2480 1.1932 0.9478 0.0344  0.0556  -0.0948 25  PHE A CB  
211 C CG  . PHE A 45  ? 1.2061 1.1543 0.9666 0.0409  0.0776  -0.1087 25  PHE A CG  
212 C CD1 . PHE A 45  ? 1.1783 1.1221 0.9952 0.0403  0.0646  -0.1088 25  PHE A CD1 
213 C CD2 . PHE A 45  ? 1.1458 1.1000 0.9047 0.0508  0.1129  -0.1197 25  PHE A CD2 
214 C CE1 . PHE A 45  ? 1.1021 1.0355 0.9627 0.0497  0.0839  -0.1140 25  PHE A CE1 
215 C CE2 . PHE A 45  ? 1.1055 1.0549 0.9182 0.0656  0.1295  -0.1295 25  PHE A CE2 
216 C CZ  . PHE A 45  ? 1.0830 1.0157 0.9415 0.0651  0.1135  -0.1237 25  PHE A CZ  
217 N N   . ARG A 46  ? 1.4351 1.3772 1.0862 0.0408  -0.0426 -0.0933 26  ARG A N   
218 C CA  . ARG A 46  ? 1.4596 1.3939 1.0676 0.0534  -0.0778 -0.0729 26  ARG A CA  
219 C C   . ARG A 46  ? 1.4665 1.3835 1.0977 0.0549  -0.0724 -0.0357 26  ARG A C   
220 O O   . ARG A 46  ? 1.6446 1.5770 1.3434 0.0568  -0.0806 -0.0379 26  ARG A O   
221 C CB  . ARG A 46  ? 1.6385 1.6040 1.2789 0.0615  -0.1216 -0.1002 26  ARG A CB  
222 C CG  . ARG A 46  ? 1.7133 1.6985 1.3593 0.0503  -0.1258 -0.1473 26  ARG A CG  
223 C CD  . ARG A 46  ? 1.8289 1.7980 1.3742 0.0552  -0.1277 -0.1562 26  ARG A CD  
224 N NE  . ARG A 46  ? 1.9247 1.8921 1.4701 0.0411  -0.1083 -0.2003 26  ARG A NE  
225 C CZ  . ARG A 46  ? 2.0247 1.9820 1.4843 0.0439  -0.1055 -0.2221 26  ARG A CZ  
226 N NH1 . ARG A 46  ? 2.0908 2.0402 1.4526 0.0592  -0.1203 -0.1974 26  ARG A NH1 
227 N NH2 . ARG A 46  ? 1.9821 1.9307 1.4467 0.0330  -0.0867 -0.2684 26  ARG A NH2 
228 N N   . ALA A 47  ? 1.2600 1.1434 0.8334 0.0512  -0.0560 -0.0037 27  ALA A N   
229 C CA  . ALA A 47  ? 1.2975 1.1577 0.8952 0.0445  -0.0460 0.0264  27  ALA A CA  
230 C C   . ALA A 47  ? 1.3110 1.1185 0.8462 0.0569  -0.0696 0.0589  27  ALA A C   
231 O O   . ALA A 47  ? 1.3593 1.1457 0.8128 0.0683  -0.0840 0.0689  27  ALA A O   
232 C CB  . ALA A 47  ? 1.1651 1.0294 0.7706 0.0215  0.0006  0.0371  27  ALA A CB  
233 N N   . THR A 48  ? 1.2867 1.0681 0.8555 0.0574  -0.0750 0.0746  28  THR A N   
234 C CA  . THR A 48  ? 1.2456 0.9593 0.7587 0.0714  -0.0951 0.1075  28  THR A CA  
235 C C   . THR A 48  ? 1.3154 0.9783 0.8182 0.0410  -0.0607 0.1371  28  THR A C   
236 O O   . THR A 48  ? 1.3004 0.9857 0.8724 0.0204  -0.0417 0.1252  28  THR A O   
237 C CB  . THR A 48  ? 1.4443 1.1586 1.0036 0.1024  -0.1347 0.0960  28  THR A CB  
238 O OG1 . THR A 48  ? 1.6471 1.4073 1.2076 0.1294  -0.1705 0.0729  28  THR A OG1 
239 C CG2 . THR A 48  ? 1.4805 1.1076 0.9920 0.1189  -0.1507 0.1310  28  THR A CG2 
240 N N   . LYS A 49  ? 1.5215 1.1173 0.9348 0.0367  -0.0535 0.1759  29  LYS A N   
241 C CA  . LYS A 49  ? 1.5147 1.0498 0.9112 0.0017  -0.0196 0.2083  29  LYS A CA  
242 C C   . LYS A 49  ? 1.6208 1.0876 1.0360 0.0147  -0.0453 0.2179  29  LYS A C   
243 O O   . LYS A 49  ? 1.8830 1.2971 1.2500 0.0536  -0.0828 0.2335  29  LYS A O   
244 C CB  . LYS A 49  ? 1.6705 1.1511 0.9524 -0.0087 0.0024  0.2506  29  LYS A CB  
245 C CG  . LYS A 49  ? 1.8176 1.1895 1.0475 -0.0298 0.0180  0.2994  29  LYS A CG  
246 C CD  . LYS A 49  ? 1.8062 1.1912 1.1011 -0.0870 0.0678  0.2972  29  LYS A CD  
247 C CE  . LYS A 49  ? 1.9389 1.2067 1.1951 -0.1150 0.0827  0.3404  29  LYS A CE  
248 N NZ  . LYS A 49  ? 1.8976 1.1951 1.2417 -0.1733 0.1226  0.3254  29  LYS A NZ  
249 N N   . LEU A 50  ? 1.6609 1.1316 1.1474 -0.0142 -0.0275 0.2044  30  LEU A N   
250 C CA  . LEU A 50  ? 1.7265 1.1343 1.2385 -0.0032 -0.0495 0.2017  30  LEU A CA  
251 C C   . LEU A 50  ? 1.8547 1.1539 1.3258 -0.0369 -0.0278 0.2376  30  LEU A C   
252 O O   . LEU A 50  ? 2.1305 1.3277 1.5380 -0.0126 -0.0475 0.2681  30  LEU A O   
253 C CB  . LEU A 50  ? 1.6546 1.1303 1.2657 -0.0114 -0.0500 0.1576  30  LEU A CB  
254 C CG  . LEU A 50  ? 1.6017 1.1604 1.2596 0.0241  -0.0744 0.1229  30  LEU A CG  
255 C CD1 . LEU A 50  ? 1.5487 1.1488 1.2827 0.0172  -0.0740 0.0886  30  LEU A CD1 
256 C CD2 . LEU A 50  ? 1.5999 1.1286 1.2267 0.0744  -0.1144 0.1268  30  LEU A CD2 
257 N N   . ALA A 51  ? 1.8475 1.1682 1.3592 -0.0927 0.0124  0.2336  31  ALA A N   
258 C CA  . ALA A 51  ? 1.9669 1.1896 1.4655 -0.1365 0.0349  0.2571  31  ALA A CA  
259 C C   . ALA A 51  ? 1.9327 1.1923 1.4460 -0.2009 0.0895  0.2689  31  ALA A C   
260 O O   . ALA A 51  ? 1.7103 1.0870 1.2923 -0.2155 0.1050  0.2382  31  ALA A O   
261 C CB  . ALA A 51  ? 1.8624 1.0703 1.4344 -0.1401 0.0158  0.2188  31  ALA A CB  
262 N N   . THR A 52  ? 1.9626 1.1209 1.4139 -0.2387 0.1203  0.3141  32  THR A N   
263 C CA  . THR A 52  ? 2.0617 1.2559 1.5333 -0.3070 0.1795  0.3262  32  THR A CA  
264 C C   . THR A 52  ? 2.2097 1.3214 1.7123 -0.3707 0.2033  0.3338  32  THR A C   
265 O O   . THR A 52  ? 2.2851 1.2921 1.7808 -0.3596 0.1739  0.3319  32  THR A O   
266 C CB  . THR A 52  ? 2.3630 1.5274 1.7249 -0.3110 0.2147  0.3778  32  THR A CB  
267 O OG1 . THR A 52  ? 2.5066 1.6922 1.8892 -0.3844 0.2800  0.3933  32  THR A OG1 
268 C CG2 . THR A 52  ? 2.5039 1.5107 1.7451 -0.2822 0.1932  0.4315  32  THR A CG2 
269 N N   . THR A 53  ? 2.2881 1.4503 1.8288 -0.4388 0.2591  0.3392  33  THR A N   
270 C CA  . THR A 53  ? 2.1579 1.2464 1.7284 -0.5153 0.2931  0.3496  33  THR A CA  
271 C C   . THR A 53  ? 2.1431 1.2196 1.6651 -0.5428 0.3438  0.3999  33  THR A C   
272 O O   . THR A 53  ? 2.3862 1.3551 1.8742 -0.5576 0.3501  0.4349  33  THR A O   
273 C CB  . THR A 53  ? 2.1288 1.3481 1.8449 -0.5646 0.3024  0.2910  33  THR A CB  
274 O OG1 . THR A 53  ? 1.9464 1.2037 1.7203 -0.5204 0.2437  0.2381  33  THR A OG1 
275 C CG2 . THR A 53  ? 2.3652 1.5404 2.1343 -0.6356 0.3294  0.2930  33  THR A CG2 
276 N N   . ASN A 61  ? 1.7907 1.3465 1.5816 -0.4987 0.3194  0.2463  41  ASN A N   
277 C CA  . ASN A 61  ? 1.7241 1.3720 1.5573 -0.4370 0.2753  0.2058  41  ASN A CA  
278 C C   . ASN A 61  ? 1.7532 1.3269 1.4991 -0.3695 0.2310  0.2187  41  ASN A C   
279 O O   . ASN A 61  ? 1.9167 1.3872 1.6295 -0.3560 0.1988  0.2261  41  ASN A O   
280 C CB  . ASN A 61  ? 1.7064 1.4099 1.6459 -0.4472 0.2426  0.1565  41  ASN A CB  
281 C CG  . ASN A 61  ? 1.8982 1.6991 1.9414 -0.5113 0.2773  0.1347  41  ASN A CG  
282 O OD1 . ASN A 61  ? 1.8494 1.7881 1.9649 -0.5014 0.2856  0.1091  41  ASN A OD1 
283 N ND2 . ASN A 61  ? 2.1359 1.8655 2.1909 -0.5780 0.2985  0.1443  41  ASN A ND2 
284 N N   . THR A 62  ? 1.6007 1.2345 1.3185 -0.3266 0.2292  0.2159  42  THR A N   
285 C CA  . THR A 62  ? 1.5570 1.1446 1.2007 -0.2661 0.1897  0.2236  42  THR A CA  
286 C C   . THR A 62  ? 1.4284 1.0796 1.1360 -0.2237 0.1462  0.1807  42  THR A C   
287 O O   . THR A 62  ? 1.4376 1.1913 1.2180 -0.2239 0.1539  0.1510  42  THR A O   
288 C CB  . THR A 62  ? 1.5566 1.1666 1.1239 -0.2484 0.2132  0.2416  42  THR A CB  
289 O OG1 . THR A 62  ? 1.7347 1.2672 1.2158 -0.2822 0.2518  0.2899  42  THR A OG1 
290 C CG2 . THR A 62  ? 1.4906 1.0797 1.0007 -0.1879 0.1669  0.2375  42  THR A CG2 
291 N N   . THR A 63  ? 1.3876 0.9799 1.0687 -0.1856 0.1025  0.1788  43  THR A N   
292 C CA  . THR A 63  ? 1.3226 0.9752 1.0560 -0.1476 0.0684  0.1421  43  THR A CA  
293 C C   . THR A 63  ? 1.3661 1.0253 1.0509 -0.1020 0.0480  0.1440  43  THR A C   
294 O O   . THR A 63  ? 1.4771 1.0676 1.0889 -0.0823 0.0325  0.1683  43  THR A O   
295 C CB  . THR A 63  ? 1.3471 0.9551 1.1076 -0.1377 0.0360  0.1247  43  THR A CB  
296 O OG1 . THR A 63  ? 1.5295 1.0954 1.3123 -0.1852 0.0520  0.1270  43  THR A OG1 
297 C CG2 . THR A 63  ? 1.1673 0.8595 0.9943 -0.1171 0.0177  0.0861  43  THR A CG2 
298 N N   . PHE A 64  ? 1.1541 0.8958 0.8804 -0.0858 0.0471  0.1178  44  PHE A N   
299 C CA  . PHE A 64  ? 1.1696 0.9299 0.8660 -0.0514 0.0305  0.1100  44  PHE A CA  
300 C C   . PHE A 64  ? 1.1979 0.9974 0.9531 -0.0279 0.0046  0.0810  44  PHE A C   
301 O O   . PHE A 64  ? 1.1173 0.9557 0.9323 -0.0380 0.0105  0.0656  44  PHE A O   
302 C CB  . PHE A 64  ? 1.2035 1.0190 0.8950 -0.0570 0.0609  0.1025  44  PHE A CB  
303 C CG  . PHE A 64  ? 1.6639 1.4461 1.2708 -0.0683 0.0850  0.1283  44  PHE A CG  
304 C CD1 . PHE A 64  ? 1.8856 1.6282 1.4100 -0.0435 0.0618  0.1385  44  PHE A CD1 
305 C CD2 . PHE A 64  ? 1.5496 1.3513 1.1591 -0.1028 0.1318  0.1399  44  PHE A CD2 
306 C CE1 . PHE A 64  ? 1.7452 1.4571 1.1750 -0.0514 0.0840  0.1638  44  PHE A CE1 
307 C CE2 . PHE A 64  ? 1.5851 1.3591 1.1080 -0.1141 0.1610  0.1648  44  PHE A CE2 
308 C CZ  . PHE A 64  ? 1.6821 1.4064 1.1072 -0.0875 0.1368  0.1783  44  PHE A CZ  
309 N N   . LEU A 65  ? 1.2081 1.0058 0.9481 0.0024  -0.0228 0.0723  45  LEU A N   
310 C CA  . LEU A 65  ? 1.0757 0.9249 0.8725 0.0169  -0.0331 0.0453  45  LEU A CA  
311 C C   . LEU A 65  ? 1.2047 1.0813 0.9893 0.0305  -0.0383 0.0322  45  LEU A C   
312 O O   . LEU A 65  ? 1.2299 1.0850 0.9609 0.0399  -0.0514 0.0386  45  LEU A O   
313 C CB  . LEU A 65  ? 1.1091 0.9442 0.9292 0.0352  -0.0588 0.0361  45  LEU A CB  
314 C CG  . LEU A 65  ? 1.1550 0.9454 0.9408 0.0615  -0.0888 0.0436  45  LEU A CG  
315 C CD1 . LEU A 65  ? 1.2101 1.0396 0.9971 0.0835  -0.1083 0.0291  45  LEU A CD1 
316 C CD2 . LEU A 65  ? 1.2734 1.0485 1.0918 0.0750  -0.1024 0.0311  45  LEU A CD2 
317 N N   . CYS A 66  ? 1.0438 0.9641 0.8743 0.0308  -0.0291 0.0133  46  CYS A N   
318 C CA  . CYS A 66  ? 0.9290 0.8673 0.7532 0.0366  -0.0301 -0.0040 46  CYS A CA  
319 C C   . CYS A 66  ? 0.8043 0.7726 0.6829 0.0402  -0.0305 -0.0221 46  CYS A C   
320 O O   . CYS A 66  ? 0.9002 0.8832 0.8128 0.0367  -0.0141 -0.0197 46  CYS A O   
321 C CB  . CYS A 66  ? 1.0351 0.9777 0.8371 0.0268  -0.0014 -0.0046 46  CYS A CB  
322 S SG  . CYS A 66  ? 1.0841 1.0343 0.8681 0.0326  -0.0046 -0.0339 46  CYS A SG  
323 N N   . GLY A 67  ? 0.8674 0.8473 0.7529 0.0466  -0.0500 -0.0392 47  GLY A N   
324 C CA  . GLY A 67  ? 0.9036 0.9102 0.8402 0.0433  -0.0458 -0.0555 47  GLY A CA  
325 C C   . GLY A 67  ? 0.9863 0.9870 0.9248 0.0330  -0.0256 -0.0675 47  GLY A C   
326 O O   . GLY A 67  ? 1.1828 1.1757 1.0917 0.0302  -0.0310 -0.0831 47  GLY A O   
327 N N   . VAL A 68  ? 0.9695 0.9694 0.9372 0.0304  -0.0037 -0.0612 48  VAL A N   
328 C CA  . VAL A 68  ? 0.9250 0.9050 0.8955 0.0268  0.0178  -0.0697 48  VAL A CA  
329 C C   . VAL A 68  ? 0.9586 0.9319 0.9663 0.0192  0.0312  -0.0702 48  VAL A C   
330 O O   . VAL A 68  ? 1.1176 1.1074 1.1448 0.0204  0.0322  -0.0562 48  VAL A O   
331 C CB  . VAL A 68  ? 0.9517 0.9274 0.9109 0.0376  0.0355  -0.0542 48  VAL A CB  
332 C CG1 . VAL A 68  ? 1.1792 1.1347 1.1544 0.0456  0.0579  -0.0555 48  VAL A CG1 
333 C CG2 . VAL A 68  ? 1.0473 1.0205 0.9644 0.0369  0.0350  -0.0593 48  VAL A CG2 
334 N N   . ASN A 69  ? 0.8050 0.7490 0.8177 0.0093  0.0431  -0.0882 49  ASN A N   
335 C CA  . ASN A 69  ? 0.8889 0.8062 0.9296 -0.0021 0.0633  -0.0840 49  ASN A CA  
336 C C   . ASN A 69  ? 0.9120 0.8044 0.9457 0.0193  0.0826  -0.0534 49  ASN A C   
337 O O   . ASN A 69  ? 0.9640 0.8525 0.9813 0.0391  0.0849  -0.0505 49  ASN A O   
338 C CB  . ASN A 69  ? 0.8673 0.7464 0.9129 -0.0213 0.0698  -0.1166 49  ASN A CB  
339 C CG  . ASN A 69  ? 1.1360 1.0044 1.2224 -0.0522 0.0820  -0.1234 49  ASN A CG  
340 O OD1 . ASN A 69  ? 1.4483 1.2758 1.5418 -0.0542 0.1083  -0.0993 49  ASN A OD1 
341 N ND2 . ASN A 69  ? 1.2277 1.1351 1.3415 -0.0770 0.0635  -0.1555 49  ASN A ND2 
342 N N   . ASP A 70  ? 1.0110 0.8925 1.0560 0.0171  0.0964  -0.0307 50  ASP A N   
343 C CA  . ASP A 70  ? 0.9906 0.8470 1.0220 0.0427  0.1095  0.0016  50  ASP A CA  
344 C C   . ASP A 70  ? 1.0401 0.8549 1.0637 0.0646  0.1186  -0.0024 50  ASP A C   
345 O O   . ASP A 70  ? 1.1564 0.9911 1.1757 0.0939  0.1145  0.0098  50  ASP A O   
346 C CB  . ASP A 70  ? 0.9741 0.7942 1.0055 0.0320  0.1312  0.0247  50  ASP A CB  
347 C CG  . ASP A 70  ? 1.1664 1.0340 1.2010 0.0211  0.1293  0.0340  50  ASP A CG  
348 O OD1 . ASP A 70  ? 1.2484 1.1702 1.2837 0.0288  0.1078  0.0251  50  ASP A OD1 
349 O OD2 . ASP A 70  ? 1.2611 1.1075 1.2958 0.0043  0.1527  0.0500  50  ASP A OD2 
350 N N   . ASP A 71  ? 1.1000 0.8596 1.1278 0.0494  0.1317  -0.0235 51  ASP A N   
351 C CA  . ASP A 71  ? 1.1404 0.8478 1.1613 0.0676  0.1438  -0.0398 51  ASP A CA  
352 C C   . ASP A 71  ? 1.0254 0.7742 1.0381 0.0911  0.1368  -0.0544 51  ASP A C   
353 O O   . ASP A 71  ? 1.1676 0.8872 1.1782 0.1181  0.1501  -0.0637 51  ASP A O   
354 C CB  . ASP A 71  ? 1.1567 0.8194 1.1829 0.0343  0.1495  -0.0795 51  ASP A CB  
355 C CG  . ASP A 71  ? 1.5084 1.0885 1.5439 0.0182  0.1722  -0.0698 51  ASP A CG  
356 O OD1 . ASP A 71  ? 1.8009 1.3266 1.8250 0.0490  0.1874  -0.0380 51  ASP A OD1 
357 O OD2 . ASP A 71  ? 1.6983 1.2678 1.7537 -0.0255 0.1743  -0.0937 51  ASP A OD2 
358 N N   . ARG A 72  ? 0.9779 0.7900 0.9858 0.0798  0.1194  -0.0586 52  ARG A N   
359 C CA  . ARG A 72  ? 1.0855 0.9268 1.0774 0.0873  0.1188  -0.0781 52  ARG A CA  
360 C C   . ARG A 72  ? 0.9971 0.8997 0.9942 0.0967  0.1110  -0.0569 52  ARG A C   
361 O O   . ARG A 72  ? 0.9815 0.9136 0.9634 0.0946  0.1128  -0.0665 52  ARG A O   
362 C CB  . ARG A 72  ? 1.1224 0.9674 1.0905 0.0604  0.1057  -0.1086 52  ARG A CB  
363 C CG  . ARG A 72  ? 1.0688 0.8595 1.0305 0.0486  0.1131  -0.1449 52  ARG A CG  
364 C CD  . ARG A 72  ? 1.0778 0.8871 1.0060 0.0305  0.0950  -0.1792 52  ARG A CD  
365 N NE  . ARG A 72  ? 1.1361 0.9493 1.0234 0.0480  0.1075  -0.1962 52  ARG A NE  
366 C CZ  . ARG A 72  ? 1.0040 0.8475 0.8428 0.0437  0.0954  -0.2071 52  ARG A CZ  
367 N NH1 . ARG A 72  ? 1.0290 0.8998 0.8557 0.0275  0.0647  -0.2023 52  ARG A NH1 
368 N NH2 . ARG A 72  ? 1.3300 1.1768 1.1297 0.0588  0.1161  -0.2209 52  ARG A NH2 
369 N N   . VAL A 73  ? 0.8783 0.7978 0.8931 0.1041  0.1036  -0.0291 53  VAL A N   
370 C CA  . VAL A 73  ? 0.9636 0.9404 0.9893 0.1091  0.0935  -0.0142 53  VAL A CA  
371 C C   . VAL A 73  ? 0.8922 0.8990 0.9376 0.1336  0.1063  -0.0162 53  VAL A C   
372 O O   . VAL A 73  ? 0.8689 0.9194 0.9191 0.1254  0.1095  -0.0217 53  VAL A O   
373 C CB  . VAL A 73  ? 0.9054 0.8951 0.9395 0.1147  0.0813  0.0096  53  VAL A CB  
374 C CG1 . VAL A 73  ? 0.8191 0.8695 0.8696 0.1190  0.0689  0.0166  53  VAL A CG1 
375 C CG2 . VAL A 73  ? 0.7971 0.7749 0.8196 0.0909  0.0727  0.0078  53  VAL A CG2 
376 N N   . ASP A 74  ? 0.8061 0.7879 0.8648 0.1643  0.1158  -0.0111 54  ASP A N   
377 C CA  . ASP A 74  ? 1.0049 1.0221 1.0932 0.1970  0.1280  -0.0163 54  ASP A CA  
378 C C   . ASP A 74  ? 1.0349 1.0608 1.1123 0.1868  0.1487  -0.0453 54  ASP A C   
379 O O   . ASP A 74  ? 1.0887 1.1765 1.1912 0.1940  0.1608  -0.0517 54  ASP A O   
380 C CB  . ASP A 74  ? 0.9104 0.8773 1.0065 0.2382  0.1353  -0.0078 54  ASP A CB  
381 C CG  . ASP A 74  ? 1.0940 1.0712 1.1968 0.2603  0.1154  0.0270  54  ASP A CG  
382 O OD1 . ASP A 74  ? 1.0706 1.0954 1.1725 0.2405  0.0961  0.0385  54  ASP A OD1 
383 O OD2 . ASP A 74  ? 1.4267 1.3585 1.5295 0.2996  0.1186  0.0426  54  ASP A OD2 
384 N N   . GLU A 75  ? 1.1107 1.0813 1.1498 0.1670  0.1528  -0.0639 55  GLU A N   
385 C CA  . GLU A 75  ? 1.0064 0.9779 1.0165 0.1587  0.1707  -0.0935 55  GLU A CA  
386 C C   . GLU A 75  ? 1.0269 1.0534 1.0232 0.1332  0.1687  -0.0855 55  GLU A C   
387 O O   . GLU A 75  ? 1.1076 1.1752 1.1046 0.1363  0.1920  -0.0944 55  GLU A O   
388 C CB  . GLU A 75  ? 1.1773 1.0836 1.1477 0.1402  0.1659  -0.1176 55  GLU A CB  
389 C CG  . GLU A 75  ? 1.4321 1.3315 1.3594 0.1368  0.1821  -0.1541 55  GLU A CG  
390 C CD  . GLU A 75  ? 1.5988 1.4343 1.4960 0.1213  0.1737  -0.1871 55  GLU A CD  
391 O OE1 . GLU A 75  ? 1.6437 1.4327 1.5652 0.1165  0.1656  -0.1824 55  GLU A OE1 
392 O OE2 . GLU A 75  ? 1.7363 1.5699 1.5837 0.1115  0.1760  -0.2187 55  GLU A OE2 
393 N N   . ILE A 76  ? 0.8808 0.9063 0.8663 0.1084  0.1443  -0.0678 56  ILE A N   
394 C CA  . ILE A 76  ? 1.0029 1.0557 0.9655 0.0834  0.1414  -0.0584 56  ILE A CA  
395 C C   . ILE A 76  ? 1.0438 1.1574 1.0509 0.0817  0.1485  -0.0426 56  ILE A C   
396 O O   . ILE A 76  ? 1.0833 1.2251 1.0809 0.0640  0.1656  -0.0400 56  ILE A O   
397 C CB  . ILE A 76  ? 1.0293 1.0565 0.9683 0.0636  0.1117  -0.0483 56  ILE A CB  
398 C CG1 . ILE A 76  ? 1.0177 1.0472 0.9145 0.0429  0.1096  -0.0390 56  ILE A CG1 
399 C CG2 . ILE A 76  ? 0.9398 0.9776 0.9165 0.0659  0.0936  -0.0309 56  ILE A CG2 
400 C CD1 . ILE A 76  ? 1.0307 1.0330 0.9025 0.0332  0.0783  -0.0326 56  ILE A CD1 
401 N N   . LEU A 77  ? 1.0041 1.1393 1.0580 0.0983  0.1362  -0.0329 57  LEU A N   
402 C CA  . LEU A 77  ? 0.9832 1.1897 1.0913 0.1016  0.1392  -0.0268 57  LEU A CA  
403 C C   . LEU A 77  ? 1.1061 1.3589 1.2372 0.1118  0.1737  -0.0421 57  LEU A C   
404 O O   . LEU A 77  ? 1.1490 1.4577 1.3035 0.0893  0.1900  -0.0415 57  LEU A O   
405 C CB  . LEU A 77  ? 0.9237 1.1455 1.0687 0.1319  0.1193  -0.0174 57  LEU A CB  
406 C CG  . LEU A 77  ? 0.9910 1.1837 1.1160 0.1213  0.0903  -0.0029 57  LEU A CG  
407 C CD1 . LEU A 77  ? 0.8930 1.0993 1.0381 0.1537  0.0736  0.0105  57  LEU A CD1 
408 C CD2 . LEU A 77  ? 0.8163 1.0332 0.9425 0.0872  0.0785  -0.0011 57  LEU A CD2 
409 N N   . SER A 78  ? 1.0467 1.2731 1.1713 0.1436  0.1885  -0.0578 58  SER A N   
410 C CA  . SER A 78  ? 0.9082 1.1800 1.0582 0.1641  0.2241  -0.0784 58  SER A CA  
411 C C   . SER A 78  ? 0.9984 1.2768 1.1023 0.1319  0.2536  -0.0870 58  SER A C   
412 O O   . SER A 78  ? 1.0241 1.3696 1.1574 0.1303  0.2874  -0.0962 58  SER A O   
413 C CB  . SER A 78  ? 0.9947 1.2135 1.1363 0.2061  0.2324  -0.0975 58  SER A CB  
414 O OG  . SER A 78  ? 1.1283 1.3890 1.2920 0.2312  0.2697  -0.1237 58  SER A OG  
415 N N   . VAL A 79  ? 1.0696 1.2824 1.1001 0.1075  0.2411  -0.0828 59  VAL A N   
416 C CA  . VAL A 79  ? 1.0090 1.2161 0.9757 0.0814  0.2647  -0.0853 59  VAL A CA  
417 C C   . VAL A 79  ? 1.1040 1.3513 1.0866 0.0449  0.2706  -0.0595 59  VAL A C   
418 O O   . VAL A 79  ? 1.2659 1.5538 1.2425 0.0273  0.3094  -0.0590 59  VAL A O   
419 C CB  . VAL A 79  ? 1.1039 1.2348 0.9877 0.0707  0.2413  -0.0879 59  VAL A CB  
420 C CG1 . VAL A 79  ? 1.2277 1.3495 1.0389 0.0407  0.2516  -0.0728 59  VAL A CG1 
421 C CG2 . VAL A 79  ? 1.0705 1.1644 0.9269 0.0958  0.2484  -0.1238 59  VAL A CG2 
422 N N   . ILE A 80  ? 1.0627 1.2955 1.0648 0.0312  0.2353  -0.0399 60  ILE A N   
423 C CA  . ILE A 80  ? 1.0643 1.3210 1.0857 -0.0060 0.2362  -0.0193 60  ILE A CA  
424 C C   . ILE A 80  ? 1.1436 1.4955 1.2466 -0.0089 0.2655  -0.0280 60  ILE A C   
425 O O   . ILE A 80  ? 1.2334 1.6185 1.3427 -0.0444 0.2969  -0.0202 60  ILE A O   
426 C CB  . ILE A 80  ? 0.9774 1.2112 1.0186 -0.0117 0.1929  -0.0074 60  ILE A CB  
427 C CG1 . ILE A 80  ? 0.9563 1.1089 0.9251 -0.0164 0.1673  0.0028  60  ILE A CG1 
428 C CG2 . ILE A 80  ? 1.0428 1.3137 1.1273 -0.0477 0.1953  0.0027  60  ILE A CG2 
429 C CD1 . ILE A 80  ? 0.8510 0.9840 0.8382 -0.0022 0.1298  0.0024  60  ILE A CD1 
430 N N   . ASN A 81  ? 1.0038 1.4011 1.1706 0.0296  0.2562  -0.0434 61  ASN A N   
431 C CA  . ASN A 81  ? 0.9116 1.4153 1.1701 0.0367  0.2768  -0.0557 61  ASN A CA  
432 C C   . ASN A 81  ? 1.0594 1.6101 1.3188 0.0337  0.3331  -0.0704 61  ASN A C   
433 O O   . ASN A 81  ? 1.1744 1.8029 1.4849 0.0019  0.3630  -0.0706 61  ASN A O   
434 C CB  . ASN A 81  ? 0.9551 1.4871 1.2688 0.0912  0.2527  -0.0662 61  ASN A CB  
435 C CG  . ASN A 81  ? 1.0013 1.6567 1.4191 0.1075  0.2662  -0.0812 61  ASN A CG  
436 O OD1 . ASN A 81  ? 1.0211 1.7422 1.5002 0.0881  0.2453  -0.0784 61  ASN A OD1 
437 N ND2 . ASN A 81  ? 1.0862 1.7797 1.5288 0.1439  0.3006  -0.1020 61  ASN A ND2 
438 N N   . GLN A 82  ? 1.0515 1.5588 1.2564 0.0643  0.3503  -0.0862 62  GLN A N   
439 C CA  . GLN A 82  ? 1.1142 1.6656 1.3092 0.0666  0.4074  -0.1057 62  GLN A CA  
440 C C   . GLN A 82  ? 1.1875 1.7335 1.3243 0.0095  0.4414  -0.0857 62  GLN A C   
441 O O   . GLN A 82  ? 1.3466 1.9697 1.5139 -0.0078 0.4936  -0.0926 62  GLN A O   
442 C CB  . GLN A 82  ? 1.2214 1.7073 1.3491 0.1060  0.4148  -0.1311 62  GLN A CB  
443 C CG  . GLN A 82  ? 1.1158 1.6062 1.3007 0.1673  0.4018  -0.1546 62  GLN A CG  
444 C CD  . GLN A 82  ? 1.1583 1.5607 1.2704 0.1955  0.4051  -0.1817 62  GLN A CD  
445 O OE1 . GLN A 82  ? 1.1913 1.5309 1.2092 0.1695  0.4046  -0.1826 62  GLN A OE1 
446 N NE2 . GLN A 82  ? 1.1770 1.5719 1.3315 0.2502  0.4060  -0.2054 62  GLN A NE2 
447 N N   . THR A 83  ? 1.2173 1.6719 1.2706 -0.0182 0.4138  -0.0596 63  THR A N   
448 C CA  . THR A 83  ? 1.2865 1.7096 1.2608 -0.0651 0.4432  -0.0340 63  THR A CA  
449 C C   . THR A 83  ? 1.2292 1.6641 1.2444 -0.1171 0.4398  -0.0050 63  THR A C   
450 O O   . THR A 83  ? 1.3339 1.7485 1.2989 -0.1615 0.4736  0.0204  63  THR A O   
451 C CB  . THR A 83  ? 1.3811 1.6935 1.2303 -0.0614 0.4147  -0.0212 63  THR A CB  
452 O OG1 . THR A 83  ? 1.3499 1.6091 1.2085 -0.0614 0.3574  -0.0067 63  THR A OG1 
453 C CG2 . THR A 83  ? 1.2840 1.5771 1.0889 -0.0181 0.4158  -0.0561 63  THR A CG2 
454 N N   . CYS A 84  ? 1.1255 1.5855 1.2240 -0.1127 0.3994  -0.0088 64  CYS A N   
455 C CA  . CYS A 84  ? 1.1700 1.6347 1.3097 -0.1621 0.3894  0.0097  64  CYS A CA  
456 C C   . CYS A 84  ? 1.1457 1.7211 1.4186 -0.1598 0.3780  -0.0125 64  CYS A C   
457 O O   . CYS A 84  ? 1.1503 1.7936 1.4803 -0.1133 0.3749  -0.0368 64  CYS A O   
458 C CB  . CYS A 84  ? 0.9886 1.3473 1.0681 -0.1640 0.3378  0.0289  64  CYS A CB  
459 S SG  . CYS A 84  ? 1.2967 1.5394 1.2279 -0.1532 0.3354  0.0503  64  CYS A SG  
460 N N   . GLY A 85  ? 1.0783 1.6715 1.4009 -0.2085 0.3699  -0.0060 65  GLY A N   
461 C CA  . GLY A 85  ? 1.0437 1.7562 1.4945 -0.2104 0.3562  -0.0314 65  GLY A CA  
462 C C   . GLY A 85  ? 1.0295 1.8710 1.5635 -0.2143 0.4097  -0.0504 65  GLY A C   
463 O O   . GLY A 85  ? 1.0309 1.8620 1.5134 -0.2143 0.4611  -0.0443 65  GLY A O   
464 N N   . ASN A 86  ? 1.0893 2.0594 1.7518 -0.2157 0.3977  -0.0763 66  ASN A N   
465 C CA  . ASN A 86  ? 1.1361 2.2462 1.8991 -0.2183 0.4452  -0.0978 66  ASN A CA  
466 C C   . ASN A 86  ? 1.1813 2.4059 2.0683 -0.1888 0.3990  -0.1239 66  ASN A C   
467 O O   . ASN A 86  ? 1.2331 2.4594 2.1436 -0.1966 0.3460  -0.1305 66  ASN A O   
468 C CB  . ASN A 86  ? 1.1007 2.1981 1.8580 -0.2932 0.4925  -0.0783 66  ASN A CB  
469 C CG  . ASN A 86  ? 1.3894 2.5532 2.1723 -0.2804 0.5482  -0.0811 66  ASN A CG  
470 O OD1 . ASN A 86  ? 1.4031 2.6537 2.2764 -0.3119 0.5669  -0.0873 66  ASN A OD1 
471 N ND2 . ASN A 86  ? 1.3921 2.5163 2.0946 -0.2352 0.5759  -0.0794 66  ASN A ND2 
472 N N   . GLY A 114 ? 0.9617 1.8286 1.5609 -0.4457 0.5341  -0.0066 94  GLY A N   
473 C CA  . GLY A 114 ? 0.9823 1.7348 1.4730 -0.4169 0.5037  0.0069  94  GLY A CA  
474 C C   . GLY A 114 ? 1.0670 1.8139 1.5996 -0.3901 0.4273  -0.0127 94  GLY A C   
475 O O   . GLY A 114 ? 1.1625 2.0296 1.8138 -0.3851 0.4064  -0.0455 94  GLY A O   
476 N N   . GLY A 115 ? 1.0836 1.6982 1.5184 -0.3703 0.3853  0.0062  95  GLY A N   
477 C CA  . GLY A 115 ? 1.0837 1.6833 1.5411 -0.3458 0.3186  -0.0104 95  GLY A CA  
478 C C   . GLY A 115 ? 1.0606 1.5507 1.4142 -0.2942 0.2833  0.0047  95  GLY A C   
479 O O   . GLY A 115 ? 1.1268 1.5282 1.3835 -0.2929 0.3027  0.0314  95  GLY A O   
480 N N   . ALA A 116 ? 1.0709 1.5730 1.4444 -0.2525 0.2319  -0.0123 96  ALA A N   
481 C CA  . ALA A 116 ? 1.0241 1.4340 1.3147 -0.2089 0.1989  -0.0015 96  ALA A CA  
482 C C   . ALA A 116 ? 0.9539 1.3694 1.2677 -0.1859 0.1464  -0.0178 96  ALA A C   
483 O O   . ALA A 116 ? 0.9348 1.4418 1.3189 -0.1669 0.1292  -0.0379 96  ALA A O   
484 C CB  . ALA A 116 ? 1.0491 1.4681 1.3099 -0.1598 0.2128  -0.0006 96  ALA A CB  
485 N N   . THR A 117 ? 0.9103 1.2298 1.1598 -0.1827 0.1209  -0.0087 97  THR A N   
486 C CA  . THR A 117 ? 0.8552 1.1714 1.1087 -0.1580 0.0766  -0.0233 97  THR A CA  
487 C C   . THR A 117 ? 0.8935 1.1372 1.0760 -0.1187 0.0626  -0.0110 97  THR A C   
488 O O   . THR A 117 ? 1.0371 1.2016 1.1602 -0.1249 0.0692  0.0049  97  THR A O   
489 C CB  . THR A 117 ? 0.9231 1.2085 1.1875 -0.1976 0.0576  -0.0368 97  THR A CB  
490 O OG1 . THR A 117 ? 1.0864 1.4607 1.4346 -0.2354 0.0649  -0.0565 97  THR A OG1 
491 C CG2 . THR A 117 ? 0.8647 1.1404 1.1153 -0.1683 0.0156  -0.0534 97  THR A CG2 
492 N N   . VAL A 118 ? 0.7581 1.0317 0.9483 -0.0782 0.0433  -0.0173 98  VAL A N   
493 C CA  . VAL A 118 ? 0.8838 1.1043 1.0216 -0.0458 0.0376  -0.0076 98  VAL A CA  
494 C C   . VAL A 118 ? 0.9532 1.1683 1.0821 -0.0226 0.0086  -0.0141 98  VAL A C   
495 O O   . VAL A 118 ? 0.8513 1.1212 1.0103 -0.0072 -0.0054 -0.0214 98  VAL A O   
496 C CB  . VAL A 118 ? 0.8494 1.0929 0.9909 -0.0178 0.0572  -0.0034 98  VAL A CB  
497 C CG1 . VAL A 118 ? 0.7619 0.9461 0.8534 0.0043  0.0527  0.0025  98  VAL A CG1 
498 C CG2 . VAL A 118 ? 0.8593 1.1186 1.0054 -0.0377 0.0921  -0.0005 98  VAL A CG2 
499 N N   . PHE A 119 ? 0.9885 1.1421 1.0735 -0.0177 0.0003  -0.0111 99  PHE A N   
500 C CA  . PHE A 119 ? 1.0179 1.1660 1.0885 0.0041  -0.0177 -0.0164 99  PHE A CA  
501 C C   . PHE A 119 ? 0.8609 0.9835 0.9075 0.0256  -0.0097 -0.0068 99  PHE A C   
502 O O   . PHE A 119 ? 0.7851 0.8702 0.8104 0.0215  -0.0036 -0.0033 99  PHE A O   
503 C CB  . PHE A 119 ? 1.0475 1.1576 1.1007 -0.0073 -0.0337 -0.0291 99  PHE A CB  
504 C CG  . PHE A 119 ? 1.1698 1.2962 1.2479 -0.0343 -0.0432 -0.0448 99  PHE A CG  
505 C CD1 . PHE A 119 ? 1.2673 1.3642 1.3516 -0.0671 -0.0321 -0.0409 99  PHE A CD1 
506 C CD2 . PHE A 119 ? 1.2061 1.3787 1.2994 -0.0298 -0.0628 -0.0638 99  PHE A CD2 
507 C CE1 . PHE A 119 ? 1.2064 1.3172 1.3221 -0.1009 -0.0380 -0.0580 99  PHE A CE1 
508 C CE2 . PHE A 119 ? 1.2743 1.4686 1.3975 -0.0598 -0.0750 -0.0858 99  PHE A CE2 
509 C CZ  . PHE A 119 ? 1.2695 1.4325 1.4096 -0.0984 -0.0614 -0.0840 99  PHE A CZ  
510 N N   . VAL A 120 ? 0.7137 0.8564 0.7624 0.0473  -0.0109 -0.0024 100 VAL A N   
511 C CA  . VAL A 120 ? 0.7793 0.8960 0.8111 0.0607  -0.0016 0.0047  100 VAL A CA  
512 C C   . VAL A 120 ? 0.7218 0.8346 0.7378 0.0654  -0.0100 0.0001  100 VAL A C   
513 O O   . VAL A 120 ? 0.7488 0.8857 0.7583 0.0757  -0.0171 0.0017  100 VAL A O   
514 C CB  . VAL A 120 ? 0.8297 0.9557 0.8694 0.0814  0.0098  0.0176  100 VAL A CB  
515 C CG1 . VAL A 120 ? 0.6109 0.6966 0.6358 0.0849  0.0236  0.0226  100 VAL A CG1 
516 C CG2 . VAL A 120 ? 0.6477 0.7920 0.7102 0.0825  0.0202  0.0163  100 VAL A CG2 
517 N N   . MET A 121 ? 0.7153 0.8039 0.7237 0.0605  -0.0095 -0.0072 101 MET A N   
518 C CA  . MET A 121 ? 0.8680 0.9611 0.8680 0.0664  -0.0128 -0.0168 101 MET A CA  
519 C C   . MET A 121 ? 0.9217 1.0124 0.9260 0.0684  0.0026  -0.0144 101 MET A C   
520 O O   . MET A 121 ? 0.9238 1.0009 0.9389 0.0619  0.0070  -0.0146 101 MET A O   
521 C CB  . MET A 121 ? 0.8350 0.9106 0.8338 0.0622  -0.0279 -0.0336 101 MET A CB  
522 C CG  . MET A 121 ? 0.8766 0.9518 0.8757 0.0510  -0.0400 -0.0392 101 MET A CG  
523 S SD  . MET A 121 ? 0.9201 0.9466 0.9118 0.0450  -0.0544 -0.0544 101 MET A SD  
524 C CE  . MET A 121 ? 0.6828 0.7189 0.6661 0.0632  -0.0608 -0.0813 101 MET A CE  
525 N N   . PRO A 122 ? 0.8149 0.9222 0.8094 0.0747  0.0123  -0.0140 102 PRO A N   
526 C CA  . PRO A 122 ? 0.8821 0.9943 0.8866 0.0696  0.0341  -0.0111 102 PRO A CA  
527 C C   . PRO A 122 ? 0.8134 0.9370 0.8475 0.0660  0.0286  -0.0329 102 PRO A C   
528 O O   . PRO A 122 ? 0.7900 0.9154 0.8247 0.0756  0.0104  -0.0488 102 PRO A O   
529 C CB  . PRO A 122 ? 0.7664 0.8987 0.7434 0.0780  0.0470  -0.0061 102 PRO A CB  
530 C CG  . PRO A 122 ? 0.8491 0.9916 0.8086 0.0886  0.0241  -0.0218 102 PRO A CG  
531 C CD  . PRO A 122 ? 0.8328 0.9589 0.8032 0.0842  0.0048  -0.0184 102 PRO A CD  
532 N N   . VAL A 123 ? 0.7689 0.8990 0.8301 0.0529  0.0424  -0.0349 103 VAL A N   
533 C CA  . VAL A 123 ? 0.5927 0.7516 0.6926 0.0518  0.0340  -0.0585 103 VAL A CA  
534 C C   . VAL A 123 ? 0.6613 0.8570 0.7915 0.0383  0.0633  -0.0630 103 VAL A C   
535 O O   . VAL A 123 ? 0.8159 0.9957 0.9488 0.0174  0.0860  -0.0491 103 VAL A O   
536 C CB  . VAL A 123 ? 0.7034 0.8478 0.8157 0.0426  0.0182  -0.0647 103 VAL A CB  
537 C CG1 . VAL A 123 ? 0.5264 0.7134 0.6827 0.0441  0.0039  -0.0902 103 VAL A CG1 
538 C CG2 . VAL A 123 ? 0.6770 0.7854 0.7542 0.0519  -0.0028 -0.0566 103 VAL A CG2 
539 N N   . ASP A 124 ? 0.5945 0.8367 0.7490 0.0495  0.0667  -0.0827 104 ASP A N   
540 C CA  . ASP A 124 ? 0.6041 0.8971 0.8000 0.0323  0.1005  -0.0907 104 ASP A CA  
541 C C   . ASP A 124 ? 0.7681 1.0912 1.0272 0.0104  0.0960  -0.1086 104 ASP A C   
542 O O   . ASP A 124 ? 0.7501 1.0865 1.0385 -0.0225 0.1273  -0.1054 104 ASP A O   
543 C CB  . ASP A 124 ? 0.5794 0.9261 0.7916 0.0544  0.1080  -0.1139 104 ASP A CB  
544 C CG  . ASP A 124 ? 0.7863 1.1108 0.9327 0.0705  0.1173  -0.1031 104 ASP A CG  
545 O OD1 . ASP A 124 ? 0.9666 1.2562 1.0651 0.0592  0.1314  -0.0733 104 ASP A OD1 
546 O OD2 . ASP A 124 ? 0.9074 1.2481 1.0481 0.0972  0.1077  -0.1266 104 ASP A OD2 
547 N N   . ALA A 125 ? 0.7831 1.1152 1.0606 0.0270  0.0564  -0.1277 105 ALA A N   
548 C CA  . ALA A 125 ? 0.7591 1.1388 1.0998 0.0117  0.0435  -0.1531 105 ALA A CA  
549 C C   . ALA A 125 ? 0.8241 1.1810 1.1458 0.0309  -0.0040 -0.1599 105 ALA A C   
550 O O   . ALA A 125 ? 0.9183 1.2388 1.1955 0.0607  -0.0264 -0.1498 105 ALA A O   
551 C CB  . ALA A 125 ? 0.5575 1.0317 0.9732 0.0192  0.0516  -0.1826 105 ALA A CB  
552 N N   . PHE A 126 ? 0.7014 1.0790 1.0553 0.0100  -0.0176 -0.1781 106 PHE A N   
553 C CA  . PHE A 126 ? 0.7922 1.1468 1.1161 0.0215  -0.0591 -0.1843 106 PHE A CA  
554 C C   . PHE A 126 ? 0.8531 1.2875 1.2454 0.0160  -0.0862 -0.2221 106 PHE A C   
555 O O   . PHE A 126 ? 0.8360 1.3155 1.2912 -0.0215 -0.0651 -0.2425 106 PHE A O   
556 C CB  . PHE A 126 ? 0.8500 1.1352 1.1245 -0.0018 -0.0471 -0.1701 106 PHE A CB  
557 C CG  . PHE A 126 ? 1.0797 1.3480 1.3199 0.0040  -0.0828 -0.1818 106 PHE A CG  
558 C CD1 . PHE A 126 ? 1.2170 1.4413 1.3901 0.0316  -0.1030 -0.1620 106 PHE A CD1 
559 C CD2 . PHE A 126 ? 1.1208 1.4166 1.3919 -0.0211 -0.0947 -0.2140 106 PHE A CD2 
560 C CE1 . PHE A 126 ? 1.3128 1.5207 1.4407 0.0376  -0.1317 -0.1693 106 PHE A CE1 
561 C CE2 . PHE A 126 ? 1.2744 1.5567 1.5010 -0.0133 -0.1291 -0.2276 106 PHE A CE2 
562 C CZ  . PHE A 126 ? 1.3127 1.5510 1.4626 0.0178  -0.1462 -0.2028 106 PHE A CZ  
563 N N   . HIS A 127 ? 0.8158 1.2698 1.1987 0.0529  -0.1337 -0.2311 107 HIS A N   
564 C CA  . HIS A 127 ? 0.8876 1.4251 1.3323 0.0529  -0.1699 -0.2690 107 HIS A CA  
565 C C   . HIS A 127 ? 0.8807 1.3879 1.2595 0.0779  -0.2214 -0.2676 107 HIS A C   
566 O O   . HIS A 127 ? 0.8708 1.3135 1.1750 0.1116  -0.2351 -0.2373 107 HIS A O   
567 C CB  . HIS A 127 ? 0.8280 1.4576 1.3518 0.0842  -0.1806 -0.2887 107 HIS A CB  
568 C CG  . HIS A 127 ? 0.8502 1.5129 1.4272 0.0642  -0.1256 -0.2889 107 HIS A CG  
569 N ND1 . HIS A 127 ? 0.8253 1.5862 1.5041 0.0306  -0.1020 -0.3200 107 HIS A ND1 
570 C CD2 . HIS A 127 ? 0.7556 1.3709 1.2948 0.0725  -0.0889 -0.2629 107 HIS A CD2 
571 C CE1 . HIS A 127 ? 0.6856 1.4527 1.3787 0.0197  -0.0487 -0.3085 107 HIS A CE1 
572 N NE2 . HIS A 127 ? 0.6709 1.3516 1.2775 0.0471  -0.0430 -0.2754 107 HIS A NE2 
573 N N   . GLN A 128 ? 0.8819 1.4337 1.2846 0.0577  -0.2482 -0.3010 108 GLN A N   
574 C CA  . GLN A 128 ? 0.7675 1.3105 1.1073 0.0856  -0.3035 -0.3055 108 GLN A CA  
575 C C   . GLN A 128 ? 0.7998 1.4594 1.2206 0.1040  -0.3520 -0.3454 108 GLN A C   
576 O O   . GLN A 128 ? 1.0569 1.7997 1.5758 0.0660  -0.3428 -0.3854 108 GLN A O   
577 C CB  . GLN A 128 ? 0.8840 1.3770 1.1651 0.0506  -0.2994 -0.3158 108 GLN A CB  
578 C CG  . GLN A 128 ? 1.1393 1.5221 1.3176 0.0548  -0.2718 -0.2737 108 GLN A CG  
579 C CD  . GLN A 128 ? 1.5225 1.8577 1.6699 0.0149  -0.2455 -0.2877 108 GLN A CD  
580 O OE1 . GLN A 128 ? 1.6325 2.0016 1.8375 -0.0224 -0.2404 -0.3264 108 GLN A OE1 
581 N NE2 . GLN A 128 ? 1.6264 1.8826 1.6876 0.0220  -0.2264 -0.2584 108 GLN A NE2 
582 N N   . PHE A 129 ? 0.9646 1.6321 1.3497 0.1632  -0.4035 -0.3339 109 PHE A N   
583 C CA  . PHE A 129 ? 0.9096 1.6794 1.3598 0.1904  -0.4513 -0.3650 109 PHE A CA  
584 C C   . PHE A 129 ? 1.0751 1.8092 1.4252 0.2190  -0.5029 -0.3541 109 PHE A C   
585 O O   . PHE A 129 ? 1.3163 2.1108 1.6908 0.2376  -0.5396 -0.3716 109 PHE A O   
586 C CB  . PHE A 129 ? 1.0303 1.8265 1.5281 0.2400  -0.4492 -0.3519 109 PHE A CB  
587 C CG  . PHE A 129 ? 1.0813 1.9101 1.6628 0.2176  -0.3940 -0.3593 109 PHE A CG  
588 C CD1 . PHE A 129 ? 1.0676 1.9822 1.7525 0.1650  -0.3596 -0.3945 109 PHE A CD1 
589 C CD2 . PHE A 129 ? 0.9952 1.7574 1.5417 0.2460  -0.3701 -0.3273 109 PHE A CD2 
590 C CE1 . PHE A 129 ? 1.0036 1.9446 1.7525 0.1435  -0.3028 -0.3958 109 PHE A CE1 
591 C CE2 . PHE A 129 ? 0.9372 1.7166 1.5384 0.2240  -0.3121 -0.3298 109 PHE A CE2 
592 C CZ  . PHE A 129 ? 0.9263 1.7997 1.6278 0.1752  -0.2790 -0.3630 109 PHE A CZ  
593 O OXT . PHE A 129 ? 1.1902 1.8345 1.4282 0.2242  -0.5069 -0.3260 109 PHE A OXT 
# 
